data_8V8I
#
_entry.id   8V8I
#
_cell.length_a   83.560
_cell.length_b   124.070
_cell.length_c   166.470
_cell.angle_alpha   90.00
_cell.angle_beta   93.57
_cell.angle_gamma   90.00
#
_symmetry.space_group_name_H-M   'P 1 21 1'
#
loop_
_entity.id
_entity.type
_entity.pdbx_description
1 polymer 'Phosphatidylinositol 4,5-bisphosphate 3-kinase catalytic subunit alpha isoform'
2 polymer 'Phosphatidylinositol 3-kinase regulatory subunit alpha'
3 non-polymer N-{(3S)-3-(2-methylphenyl)-6-[(oxetan-3-yl)amino]-1-oxo-2,3-dihydro-1H-isoindol-4-yl}-1-benzothiophene-3-carboxamide
4 non-polymer "(2S)-N~1~-[(4P)-2-tert-butyl-4'-methyl[4,5'-bi-1,3-thiazol]-2'-yl]pyrrolidine-1,2-dicarboxamide"
5 non-polymer 'CHLORIDE ION'
6 water water
#
loop_
_entity_poly.entity_id
_entity_poly.type
_entity_poly.pdbx_seq_one_letter_code
_entity_poly.pdbx_strand_id
1 'polypeptide(L)'
;AMGSMPPRPSSGELWGIHLMPPRILVECLLPNGMIVTLECLREATLITIKHELFKEARKYPLHQLLQDESSYIFVSVTQE
AEREEFFDETRRLCDLRLFQPFLKVIEPVGNREEKILNREIGFAIGMPVCEFDMVKDPEVQDFRRNILNVCKEAVDLRDL
NSPHSRAMYVYPPNVESSPELPKHIYNKLDKGQIIVVIWVIVSPNNDKQKYTLKINHDCVPEQVIAEAIRKKTRSMLLSS
EQLKLCVLEYQGKYILKVCGCDEYFLEKYPLSQYKYIRSCIMLGRMPNLMLMAKESLYSQLPMDCFTMPSYSRRISTATP
YMNGETSTKSLWVINSALRIKILCATYVNVNIRDIDKIYVRTGIYHGGEPLCDNVNTQRVPCSNPRWNEWLNYDIYIPDL
PRAARLCLSICSVKGRKGAKEEHCPLAWGNINLFDYTDTLVSGKMALNLWPVPHGLEDLLNPIGVTGSNPNKETPCLELE
FDWFSSVVKFPDMSVIEEHANWSVSREAGFSYSHAGLSNRLARDNELRENDKEQLKAISTRDPLSEITEQEKDFLWSHRH
YCVTIPEILPKLLLSVKWNSRDEVAQMYCLVKDWPPIKPEQAMELLDCNYPDPMVRGFAVRCLEKYLTDDKLSQYLIQLV
QVLKYEQYLDNLLVRFLLKKALTNQRIGHFFFWHLKSEMHNKTVSQRFGLLLESYCRACGMYLKHLNRQVEAMEKLINLT
DILKQEKKDETQKVQMKFLVEQMRRPDFMDALQGFLSPLNPAHQLGNLRLEECRIMSSAKRPLWLNWENPDIMSELLFQN
NEIIFKNGDDLRQDMLTLQIIRIMENIWQNQGLDLRMLPYGCLSIGDCVGLIEVVRNSHTIMQIQCKGGLKGALQFNSHT
LHQWLKDKNKGEIYDAAIDLFTRSCAGYCVATFILGIGDRHNSNIMVKDDGQLFHIDFGHFLDHKKKKFGYKRERVPFVL
TQDFLIVISKGAQECTKTREFERFQEMCYKAYLAIRQHANLFINLFSMMLGSGMPELQSFDDIAYIRKTLALDKTEQEAL
EYFMKQMNDARHGGWTTKMDWIFHTIKQHALN
;
A,C
2 'polypeptide(L)'
;MNNNMSLQDAEWYWGDISREEVNEKLRDTADGTFLVRDASTKMHGDYTLTLRKGGNNKLIKIFHRDGKYGFSDPLTFSSV
VELINHYRNESLAQYNPKLDVKLLYPVSKYQQDQVVKEDNIEAVGKKLHEYNTQFQEKSREYDRLYEEYTRTSQEIQMKR
TAIEAFNETIKIFEEQCQTQERYSKEYIEKFKREGNEKEIQRIMHNYDKLKSRISEIIDSRRRLEEDLKKQAAEYREIDK
RMNSIKPDLIQLRKTRDQYLMWLTQKGVRQKKLNEWLGN
;
B,D
#
loop_
_chem_comp.id
_chem_comp.type
_chem_comp.name
_chem_comp.formula
CL non-polymer 'CHLORIDE ION' 'Cl -1'
YNZ non-polymer (2S)-N~1~-[(4P)-2-tert-butyl-4'-methyl[4,5'-bi-1,3-thiazol]-2'-yl]pyrrolidine-1,2-dicarboxamide 'C17 H23 N5 O2 S2'
YOR non-polymer N-{(3S)-3-(2-methylphenyl)-6-[(oxetan-3-yl)amino]-1-oxo-2,3-dihydro-1H-isoindol-4-yl}-1-benzothiophene-3-carboxamide 'C27 H23 N3 O3 S'
#
# COMPACT_ATOMS: atom_id res chain seq x y z
N PRO A 6 -53.20 -27.38 -9.71
CA PRO A 6 -51.81 -27.19 -10.20
C PRO A 6 -51.76 -26.21 -11.35
N PRO A 7 -50.63 -25.47 -11.55
CA PRO A 7 -50.52 -24.58 -12.72
C PRO A 7 -50.85 -25.26 -14.04
N ARG A 8 -51.26 -24.50 -15.04
CA ARG A 8 -51.57 -25.03 -16.38
C ARG A 8 -50.27 -25.17 -17.19
N PRO A 9 -50.11 -26.23 -18.03
CA PRO A 9 -48.80 -26.63 -18.51
C PRO A 9 -48.39 -25.90 -19.79
N SER A 10 -49.36 -25.30 -20.46
CA SER A 10 -49.14 -24.50 -21.69
C SER A 10 -49.90 -23.20 -21.55
N SER A 11 -49.74 -22.29 -22.52
CA SER A 11 -50.44 -20.99 -22.52
C SER A 11 -51.61 -21.01 -23.52
N GLY A 12 -52.16 -22.18 -23.79
CA GLY A 12 -53.24 -22.36 -24.76
C GLY A 12 -54.54 -21.77 -24.29
N GLU A 13 -55.42 -21.47 -25.26
CA GLU A 13 -56.74 -20.86 -24.96
C GLU A 13 -57.72 -21.92 -24.44
N LEU A 14 -57.59 -23.15 -24.90
CA LEU A 14 -58.26 -24.33 -24.30
C LEU A 14 -57.24 -25.42 -24.02
N TRP A 15 -57.57 -26.41 -23.21
CA TRP A 15 -56.72 -27.60 -23.02
C TRP A 15 -56.60 -28.27 -24.38
N GLY A 16 -55.36 -28.52 -24.83
CA GLY A 16 -55.09 -29.15 -26.13
C GLY A 16 -54.85 -28.19 -27.30
N ILE A 17 -55.55 -27.06 -27.27
CA ILE A 17 -55.62 -26.11 -28.40
C ILE A 17 -54.85 -24.85 -28.01
N HIS A 18 -53.96 -24.41 -28.90
CA HIS A 18 -53.20 -23.14 -28.71
C HIS A 18 -54.11 -21.93 -28.95
N LEU A 19 -54.73 -21.90 -30.13
CA LEU A 19 -55.67 -20.83 -30.53
C LEU A 19 -57.07 -21.38 -30.80
N MET A 20 -58.09 -20.74 -30.23
CA MET A 20 -59.47 -20.99 -30.61
C MET A 20 -59.61 -20.48 -32.04
N PRO A 21 -60.40 -21.17 -32.89
CA PRO A 21 -60.76 -20.64 -34.20
C PRO A 21 -61.66 -19.40 -34.06
N PRO A 22 -61.87 -18.61 -35.14
CA PRO A 22 -62.64 -17.36 -35.07
C PRO A 22 -63.97 -17.42 -34.32
N ARG A 23 -64.70 -18.52 -34.55
CA ARG A 23 -66.01 -18.80 -33.94
C ARG A 23 -65.98 -20.14 -33.19
N ILE A 24 -66.43 -20.08 -31.94
CA ILE A 24 -66.55 -21.27 -31.04
C ILE A 24 -68.01 -21.49 -30.66
N LEU A 25 -68.45 -22.75 -30.62
CA LEU A 25 -69.70 -23.13 -29.95
C LEU A 25 -69.39 -23.31 -28.48
N VAL A 26 -69.94 -22.44 -27.64
CA VAL A 26 -69.85 -22.57 -26.17
C VAL A 26 -71.15 -23.16 -25.65
N GLU A 27 -71.05 -24.24 -24.90
CA GLU A 27 -72.28 -24.81 -24.25
C GLU A 27 -72.50 -24.07 -22.93
N CYS A 28 -73.61 -23.36 -22.88
CA CYS A 28 -74.07 -22.52 -21.78
C CYS A 28 -75.02 -23.32 -20.89
N LEU A 29 -74.76 -23.30 -19.58
CA LEU A 29 -75.63 -23.93 -18.57
C LEU A 29 -76.44 -22.85 -17.86
N LEU A 30 -77.72 -22.75 -18.22
CA LEU A 30 -78.64 -21.72 -17.68
C LEU A 30 -79.07 -22.07 -16.25
N PRO A 31 -79.49 -21.07 -15.45
CA PRO A 31 -79.80 -21.29 -14.03
C PRO A 31 -81.16 -21.91 -13.73
N ASN A 32 -82.03 -21.98 -14.75
CA ASN A 32 -83.33 -22.68 -14.70
C ASN A 32 -83.18 -24.18 -14.98
N GLY A 33 -82.02 -24.60 -15.50
CA GLY A 33 -81.70 -26.03 -15.72
C GLY A 33 -81.28 -26.37 -17.14
N MET A 34 -81.62 -25.55 -18.12
CA MET A 34 -81.56 -25.93 -19.55
C MET A 34 -80.11 -25.90 -20.02
N ILE A 35 -79.85 -26.53 -21.16
CA ILE A 35 -78.56 -26.41 -21.88
C ILE A 35 -78.82 -25.75 -23.22
N VAL A 36 -78.07 -24.69 -23.51
CA VAL A 36 -78.15 -23.92 -24.79
C VAL A 36 -76.74 -23.82 -25.35
N THR A 37 -76.60 -24.05 -26.63
CA THR A 37 -75.33 -24.17 -27.36
C THR A 37 -75.22 -22.98 -28.27
N LEU A 38 -74.43 -22.00 -27.84
CA LEU A 38 -74.38 -20.63 -28.43
C LEU A 38 -73.07 -20.44 -29.19
N GLU A 39 -73.17 -19.91 -30.41
CA GLU A 39 -72.00 -19.61 -31.26
C GLU A 39 -71.44 -18.24 -30.88
N CYS A 40 -70.21 -18.21 -30.40
CA CYS A 40 -69.54 -16.99 -29.92
C CYS A 40 -68.26 -16.74 -30.72
N LEU A 41 -67.92 -15.46 -30.88
CA LEU A 41 -66.61 -15.02 -31.40
C LEU A 41 -65.54 -15.12 -30.31
N ARG A 42 -64.36 -15.63 -30.64
CA ARG A 42 -63.34 -15.92 -29.62
C ARG A 42 -63.01 -14.64 -28.83
N GLU A 43 -62.99 -13.50 -29.51
CA GLU A 43 -62.57 -12.21 -28.92
C GLU A 43 -63.64 -11.58 -28.02
N ALA A 44 -64.91 -11.92 -28.27
CA ALA A 44 -66.11 -11.50 -27.52
C ALA A 44 -65.87 -11.46 -26.01
N THR A 45 -66.44 -10.39 -25.44
CA THR A 45 -66.55 -10.15 -23.98
C THR A 45 -67.67 -11.03 -23.42
N LEU A 46 -67.57 -11.29 -22.13
CA LEU A 46 -68.62 -12.00 -21.36
C LEU A 46 -69.91 -11.21 -21.26
N ILE A 47 -69.83 -9.87 -21.26
CA ILE A 47 -71.01 -8.97 -21.33
C ILE A 47 -71.84 -9.28 -22.59
N THR A 48 -71.18 -9.31 -23.75
CA THR A 48 -71.85 -9.57 -25.04
C THR A 48 -72.31 -11.04 -25.15
N ILE A 49 -71.56 -11.96 -24.55
CA ILE A 49 -71.95 -13.40 -24.52
C ILE A 49 -73.19 -13.59 -23.64
N LYS A 50 -73.20 -12.95 -22.47
CA LYS A 50 -74.34 -13.01 -21.54
C LYS A 50 -75.59 -12.37 -22.14
N HIS A 51 -75.41 -11.29 -22.88
CA HIS A 51 -76.53 -10.57 -23.55
C HIS A 51 -77.15 -11.42 -24.66
N GLU A 52 -76.31 -12.01 -25.51
CA GLU A 52 -76.74 -12.91 -26.60
C GLU A 52 -77.29 -14.23 -26.07
N LEU A 53 -76.84 -14.64 -24.89
CA LEU A 53 -77.33 -15.87 -24.22
C LEU A 53 -78.76 -15.71 -23.72
N PHE A 54 -79.01 -14.65 -22.93
CA PHE A 54 -80.36 -14.36 -22.39
C PHE A 54 -81.39 -14.03 -23.48
N LYS A 55 -80.90 -13.53 -24.62
CA LYS A 55 -81.78 -13.30 -25.80
C LYS A 55 -82.26 -14.63 -26.37
N GLU A 56 -81.31 -15.52 -26.63
CA GLU A 56 -81.55 -16.85 -27.22
C GLU A 56 -82.10 -17.85 -26.18
N ALA A 57 -82.00 -17.53 -24.90
CA ALA A 57 -82.49 -18.40 -23.80
C ALA A 57 -84.01 -18.40 -23.69
N ARG A 58 -84.67 -17.39 -24.28
CA ARG A 58 -86.14 -17.25 -24.24
C ARG A 58 -86.79 -18.06 -25.35
N LYS A 59 -85.99 -18.69 -26.22
CA LYS A 59 -86.48 -19.67 -27.21
C LYS A 59 -86.53 -21.08 -26.63
N TYR A 60 -86.15 -21.21 -25.34
CA TYR A 60 -86.09 -22.51 -24.63
C TYR A 60 -87.06 -22.56 -23.45
N PRO A 61 -87.50 -23.77 -23.03
CA PRO A 61 -88.33 -23.91 -21.83
C PRO A 61 -87.83 -23.20 -20.57
N LEU A 62 -88.75 -22.91 -19.66
CA LEU A 62 -88.50 -22.39 -18.30
C LEU A 62 -87.90 -20.98 -18.38
N HIS A 63 -88.26 -20.25 -19.43
CA HIS A 63 -87.74 -18.88 -19.68
C HIS A 63 -88.30 -17.89 -18.67
N GLN A 64 -89.49 -18.18 -18.13
CA GLN A 64 -90.18 -17.32 -17.15
C GLN A 64 -89.44 -17.28 -15.82
N LEU A 65 -88.55 -18.23 -15.61
CA LEU A 65 -87.78 -18.37 -14.34
C LEU A 65 -86.55 -17.45 -14.35
N LEU A 66 -86.07 -17.08 -15.54
CA LEU A 66 -84.78 -16.37 -15.70
C LEU A 66 -84.95 -14.89 -15.37
N GLN A 67 -84.17 -14.43 -14.41
CA GLN A 67 -84.18 -13.02 -13.93
C GLN A 67 -83.37 -12.16 -14.92
N ASP A 68 -83.20 -10.88 -14.58
CA ASP A 68 -82.34 -9.97 -15.36
C ASP A 68 -80.90 -10.48 -15.38
N GLU A 69 -80.28 -10.42 -16.55
CA GLU A 69 -78.89 -10.92 -16.77
C GLU A 69 -77.88 -10.17 -15.89
N SER A 70 -78.25 -8.97 -15.45
CA SER A 70 -77.45 -8.16 -14.49
C SER A 70 -77.29 -8.86 -13.13
N SER A 71 -78.27 -9.69 -12.80
CA SER A 71 -78.32 -10.45 -11.52
C SER A 71 -77.43 -11.70 -11.52
N TYR A 72 -76.83 -12.07 -12.65
CA TYR A 72 -76.11 -13.35 -12.80
C TYR A 72 -74.63 -13.13 -13.16
N ILE A 73 -73.85 -14.20 -13.01
CA ILE A 73 -72.41 -14.22 -13.36
C ILE A 73 -72.05 -15.59 -13.92
N PHE A 74 -71.02 -15.62 -14.76
CA PHE A 74 -70.52 -16.88 -15.41
C PHE A 74 -69.52 -17.61 -14.53
N VAL A 75 -69.61 -18.95 -14.50
CA VAL A 75 -68.66 -19.82 -13.76
C VAL A 75 -68.22 -20.98 -14.66
N SER A 76 -66.91 -21.21 -14.71
CA SER A 76 -66.35 -22.31 -15.54
C SER A 76 -65.11 -22.92 -14.90
N VAL A 77 -64.65 -24.01 -15.49
CA VAL A 77 -63.40 -24.69 -15.06
C VAL A 77 -62.24 -24.20 -15.93
N THR A 78 -61.13 -23.87 -15.28
CA THR A 78 -59.90 -23.41 -15.94
C THR A 78 -58.96 -24.60 -16.19
N GLN A 79 -57.86 -24.32 -16.88
CA GLN A 79 -56.78 -25.32 -17.13
C GLN A 79 -56.00 -25.64 -15.85
N GLU A 80 -56.15 -24.83 -14.82
CA GLU A 80 -55.60 -25.12 -13.47
C GLU A 80 -56.55 -25.98 -12.62
N ALA A 81 -57.63 -26.50 -13.22
CA ALA A 81 -58.53 -27.51 -12.63
C ALA A 81 -59.26 -26.93 -11.42
N GLU A 82 -59.61 -25.63 -11.54
CA GLU A 82 -60.31 -24.87 -10.48
C GLU A 82 -61.52 -24.12 -11.01
N ARG A 83 -62.50 -23.91 -10.14
CA ARG A 83 -63.74 -23.20 -10.48
C ARG A 83 -63.51 -21.69 -10.35
N GLU A 84 -63.37 -21.01 -11.50
CA GLU A 84 -63.18 -19.54 -11.56
C GLU A 84 -64.55 -18.88 -11.75
N GLU A 85 -64.85 -17.92 -10.86
CA GLU A 85 -66.02 -17.01 -11.00
C GLU A 85 -65.59 -15.72 -11.69
N PHE A 86 -66.05 -15.56 -12.93
CA PHE A 86 -65.77 -14.41 -13.80
C PHE A 86 -66.66 -13.23 -13.43
N PHE A 87 -66.20 -12.48 -12.43
CA PHE A 87 -66.80 -11.21 -11.97
C PHE A 87 -66.47 -10.09 -12.96
N ASP A 88 -65.25 -10.10 -13.50
CA ASP A 88 -64.87 -9.02 -14.44
C ASP A 88 -65.34 -9.42 -15.84
N GLU A 89 -66.52 -8.94 -16.25
CA GLU A 89 -67.16 -9.41 -17.51
C GLU A 89 -66.63 -8.67 -18.73
N THR A 90 -65.70 -7.75 -18.54
CA THR A 90 -64.93 -7.11 -19.64
C THR A 90 -64.03 -8.14 -20.31
N ARG A 91 -63.61 -9.17 -19.58
CA ARG A 91 -62.62 -10.15 -20.08
C ARG A 91 -63.15 -10.84 -21.33
N ARG A 92 -62.23 -11.18 -22.22
CA ARG A 92 -62.59 -11.85 -23.50
C ARG A 92 -62.60 -13.35 -23.28
N LEU A 93 -63.18 -14.07 -24.24
CA LEU A 93 -63.35 -15.55 -24.16
C LEU A 93 -61.97 -16.25 -24.20
N CYS A 94 -61.15 -15.78 -25.12
CA CYS A 94 -59.80 -16.31 -25.43
C CYS A 94 -58.87 -16.15 -24.23
N ASP A 95 -59.17 -15.13 -23.40
CA ASP A 95 -58.31 -14.74 -22.25
C ASP A 95 -58.70 -15.46 -20.95
N LEU A 96 -59.81 -16.20 -20.95
CA LEU A 96 -60.35 -16.80 -19.69
C LEU A 96 -59.48 -17.98 -19.23
N ARG A 97 -58.86 -18.68 -20.17
CA ARG A 97 -58.02 -19.87 -19.91
C ARG A 97 -58.89 -21.02 -19.44
N LEU A 98 -59.89 -21.36 -20.24
CA LEU A 98 -60.87 -22.41 -19.91
C LEU A 98 -60.28 -23.79 -20.17
N PHE A 99 -60.84 -24.80 -19.52
CA PHE A 99 -60.49 -26.21 -19.75
C PHE A 99 -61.19 -26.68 -21.02
N GLN A 100 -62.51 -26.57 -21.00
CA GLN A 100 -63.40 -26.93 -22.14
C GLN A 100 -64.34 -25.76 -22.40
N PRO A 101 -64.77 -25.55 -23.66
CA PRO A 101 -65.62 -24.41 -23.99
C PRO A 101 -67.04 -24.53 -23.47
N PHE A 102 -67.22 -24.15 -22.20
CA PHE A 102 -68.54 -24.09 -21.54
C PHE A 102 -68.54 -23.03 -20.44
N LEU A 103 -69.76 -22.59 -20.12
CA LEU A 103 -70.01 -21.59 -19.04
C LEU A 103 -71.26 -21.98 -18.25
N LYS A 104 -71.22 -21.73 -16.94
CA LYS A 104 -72.36 -21.99 -16.04
C LYS A 104 -72.89 -20.66 -15.49
N VAL A 105 -74.16 -20.37 -15.77
CA VAL A 105 -74.81 -19.16 -15.24
C VAL A 105 -75.21 -19.48 -13.81
N ILE A 106 -74.84 -18.59 -12.89
CA ILE A 106 -75.26 -18.66 -11.45
C ILE A 106 -75.51 -17.26 -10.92
N GLU A 107 -76.14 -17.21 -9.73
CA GLU A 107 -76.13 -16.01 -8.84
C GLU A 107 -74.90 -15.98 -7.92
N PRO A 108 -74.09 -14.89 -7.93
CA PRO A 108 -72.92 -14.84 -7.05
C PRO A 108 -73.22 -14.96 -5.55
N VAL A 109 -72.19 -15.33 -4.79
CA VAL A 109 -72.32 -15.73 -3.36
C VAL A 109 -71.10 -15.25 -2.57
N GLY A 110 -71.33 -15.02 -1.27
CA GLY A 110 -70.28 -14.67 -0.29
C GLY A 110 -69.70 -13.29 -0.48
N ASN A 111 -68.48 -13.09 0.02
CA ASN A 111 -67.82 -11.76 0.02
C ASN A 111 -67.15 -11.46 -1.33
N ARG A 112 -67.47 -10.32 -1.93
CA ARG A 112 -67.16 -10.08 -3.36
C ARG A 112 -65.68 -9.76 -3.50
N GLU A 113 -65.20 -8.77 -2.76
CA GLU A 113 -63.84 -8.17 -2.98
C GLU A 113 -62.74 -9.20 -2.64
N GLU A 114 -63.03 -10.01 -1.65
CA GLU A 114 -62.18 -11.13 -1.16
C GLU A 114 -61.91 -12.14 -2.28
N LYS A 115 -62.97 -12.52 -2.98
CA LYS A 115 -62.92 -13.52 -4.08
C LYS A 115 -62.15 -12.99 -5.30
N ILE A 116 -62.34 -11.71 -5.59
CA ILE A 116 -61.70 -11.07 -6.76
C ILE A 116 -60.21 -10.91 -6.48
N LEU A 117 -59.88 -10.35 -5.32
CA LEU A 117 -58.48 -10.18 -4.86
C LEU A 117 -57.77 -11.53 -4.95
N ASN A 118 -58.47 -12.59 -4.52
CA ASN A 118 -57.87 -13.95 -4.42
C ASN A 118 -57.46 -14.50 -5.79
N ARG A 119 -58.29 -14.22 -6.80
CA ARG A 119 -58.01 -14.61 -8.21
C ARG A 119 -56.79 -13.84 -8.68
N GLU A 120 -56.80 -12.53 -8.48
CA GLU A 120 -55.71 -11.58 -8.77
C GLU A 120 -54.35 -11.98 -8.22
N ILE A 121 -54.32 -12.39 -6.96
CA ILE A 121 -53.13 -12.96 -6.29
C ILE A 121 -52.72 -14.25 -7.02
N GLY A 122 -53.69 -15.09 -7.33
CA GLY A 122 -53.46 -16.35 -8.05
C GLY A 122 -52.89 -16.20 -9.44
N PHE A 123 -53.33 -15.22 -10.20
CA PHE A 123 -52.99 -15.10 -11.63
C PHE A 123 -51.50 -14.75 -11.76
N ALA A 124 -51.10 -13.75 -11.00
CA ALA A 124 -49.70 -13.25 -10.93
C ALA A 124 -48.73 -14.35 -10.55
N ILE A 125 -49.09 -15.09 -9.50
CA ILE A 125 -48.28 -16.20 -8.96
C ILE A 125 -48.25 -17.32 -10.00
N GLY A 126 -49.42 -17.66 -10.53
CA GLY A 126 -49.63 -18.75 -11.49
C GLY A 126 -50.10 -20.02 -10.78
N MET A 127 -50.64 -19.90 -9.58
CA MET A 127 -51.18 -21.00 -8.79
C MET A 127 -52.38 -20.45 -8.06
N PRO A 128 -53.51 -21.20 -7.98
CA PRO A 128 -54.66 -20.78 -7.17
C PRO A 128 -54.39 -20.75 -5.66
N VAL A 129 -55.00 -19.77 -4.99
CA VAL A 129 -54.78 -19.49 -3.55
C VAL A 129 -55.40 -20.60 -2.70
N CYS A 130 -56.56 -21.07 -3.13
CA CYS A 130 -57.34 -22.14 -2.45
C CYS A 130 -56.58 -23.45 -2.34
N GLU A 131 -55.53 -23.64 -3.14
CA GLU A 131 -54.65 -24.83 -3.05
C GLU A 131 -53.76 -24.79 -1.81
N PHE A 132 -53.35 -23.61 -1.39
CA PHE A 132 -52.57 -23.41 -0.14
C PHE A 132 -53.46 -23.67 1.07
N ASP A 133 -54.73 -23.31 0.96
CA ASP A 133 -55.74 -23.42 2.04
C ASP A 133 -56.00 -24.87 2.40
N MET A 134 -55.72 -25.79 1.46
CA MET A 134 -56.02 -27.24 1.60
C MET A 134 -54.76 -28.02 1.91
N VAL A 135 -53.61 -27.35 2.10
CA VAL A 135 -52.34 -28.04 2.46
C VAL A 135 -52.34 -28.45 3.94
N LYS A 136 -52.08 -29.73 4.22
CA LYS A 136 -52.22 -30.28 5.58
C LYS A 136 -50.91 -30.23 6.38
N ASP A 137 -50.21 -29.10 6.34
CA ASP A 137 -48.85 -28.98 6.95
C ASP A 137 -48.79 -27.83 7.97
N PRO A 138 -48.42 -28.09 9.24
CA PRO A 138 -48.30 -27.04 10.24
C PRO A 138 -47.30 -25.93 9.90
N GLU A 139 -46.13 -26.27 9.35
CA GLU A 139 -45.10 -25.25 9.04
C GLU A 139 -45.61 -24.30 7.95
N VAL A 140 -46.26 -24.89 6.97
CA VAL A 140 -46.88 -24.16 5.82
C VAL A 140 -47.98 -23.24 6.32
N GLN A 141 -48.91 -23.76 7.12
CA GLN A 141 -50.04 -22.98 7.65
C GLN A 141 -49.58 -21.94 8.67
N ASP A 142 -48.54 -22.23 9.43
CA ASP A 142 -47.92 -21.23 10.35
C ASP A 142 -47.25 -20.12 9.54
N PHE A 143 -46.45 -20.50 8.52
CA PHE A 143 -45.76 -19.52 7.66
C PHE A 143 -46.80 -18.53 7.17
N ARG A 144 -47.95 -19.07 6.72
CA ARG A 144 -48.99 -18.23 6.08
C ARG A 144 -49.59 -17.21 7.05
N ARG A 145 -49.90 -17.68 8.25
CA ARG A 145 -50.46 -16.87 9.36
C ARG A 145 -49.44 -15.86 9.86
N ASN A 146 -48.20 -16.32 10.07
CA ASN A 146 -47.12 -15.55 10.71
C ASN A 146 -46.51 -14.49 9.80
N ILE A 147 -46.24 -14.81 8.54
CA ILE A 147 -45.51 -13.90 7.60
C ILE A 147 -46.25 -12.58 7.41
N LEU A 148 -47.56 -12.58 7.63
CA LEU A 148 -48.45 -11.39 7.50
C LEU A 148 -48.03 -10.31 8.48
N ASN A 149 -47.25 -10.65 9.50
CA ASN A 149 -46.64 -9.70 10.46
C ASN A 149 -45.63 -8.79 9.77
N VAL A 150 -44.70 -9.35 9.01
CA VAL A 150 -43.79 -8.56 8.15
C VAL A 150 -44.63 -7.64 7.26
N CYS A 151 -45.72 -8.18 6.71
CA CYS A 151 -46.57 -7.41 5.77
C CYS A 151 -47.22 -6.24 6.50
N LYS A 152 -47.68 -6.49 7.73
CA LYS A 152 -48.31 -5.48 8.60
C LYS A 152 -47.31 -4.37 8.93
N GLU A 153 -46.07 -4.73 9.26
CA GLU A 153 -45.00 -3.75 9.47
C GLU A 153 -44.92 -2.84 8.24
N ALA A 154 -44.58 -3.44 7.10
CA ALA A 154 -44.24 -2.73 5.84
C ALA A 154 -45.37 -1.80 5.39
N VAL A 155 -46.62 -2.22 5.58
CA VAL A 155 -47.80 -1.39 5.19
C VAL A 155 -47.89 -0.23 6.19
N ASP A 156 -47.55 -0.49 7.45
CA ASP A 156 -47.53 0.55 8.50
C ASP A 156 -46.37 1.51 8.29
N LEU A 157 -45.32 1.08 7.60
CA LEU A 157 -44.12 1.91 7.35
C LEU A 157 -44.32 2.82 6.13
N ARG A 158 -44.99 2.29 5.10
CA ARG A 158 -45.29 3.00 3.83
C ARG A 158 -46.19 4.21 4.05
N ASP A 159 -47.06 4.16 5.05
CA ASP A 159 -48.19 5.07 5.26
C ASP A 159 -47.88 6.03 6.43
N LEU A 160 -46.62 6.09 6.86
CA LEU A 160 -46.19 7.13 7.82
C LEU A 160 -45.79 8.32 6.98
N ASN A 161 -46.36 9.49 7.24
CA ASN A 161 -46.16 10.69 6.41
C ASN A 161 -46.57 10.28 5.00
N SER A 162 -47.85 9.91 4.85
CA SER A 162 -48.44 9.09 3.77
C SER A 162 -48.27 9.66 2.37
N PRO A 163 -48.59 10.96 2.13
CA PRO A 163 -48.36 11.54 0.79
C PRO A 163 -46.97 11.28 0.18
N HIS A 164 -45.92 11.60 0.92
CA HIS A 164 -44.52 11.46 0.44
C HIS A 164 -44.06 9.99 0.46
N SER A 165 -44.40 9.28 1.52
CA SER A 165 -43.82 7.92 1.78
C SER A 165 -44.46 6.90 0.84
N ARG A 166 -45.75 7.08 0.50
CA ARG A 166 -46.34 6.25 -0.59
C ARG A 166 -45.57 6.47 -1.89
N ALA A 167 -45.42 7.71 -2.32
CA ALA A 167 -44.72 8.07 -3.57
C ALA A 167 -43.31 7.48 -3.60
N MET A 168 -42.68 7.50 -2.43
CA MET A 168 -41.28 6.96 -2.31
C MET A 168 -41.24 5.45 -2.57
N TYR A 169 -42.26 4.74 -2.09
CA TYR A 169 -42.44 3.29 -2.29
C TYR A 169 -42.42 2.94 -3.78
N VAL A 170 -43.22 3.72 -4.52
CA VAL A 170 -43.63 3.50 -5.93
C VAL A 170 -42.58 4.07 -6.87
N TYR A 171 -41.98 5.21 -6.49
CA TYR A 171 -40.98 5.86 -7.37
C TYR A 171 -39.68 6.06 -6.60
N PRO A 172 -39.05 5.00 -6.06
CA PRO A 172 -37.87 5.19 -5.23
C PRO A 172 -36.73 5.86 -6.00
N PRO A 173 -35.91 6.71 -5.32
CA PRO A 173 -34.86 7.44 -6.03
C PRO A 173 -33.90 6.38 -6.54
N ASN A 174 -33.56 6.46 -7.83
CA ASN A 174 -32.55 5.57 -8.44
C ASN A 174 -31.19 6.23 -8.28
N VAL A 175 -30.53 5.96 -7.15
CA VAL A 175 -29.31 6.70 -6.70
C VAL A 175 -28.16 5.74 -6.40
N GLU A 176 -26.93 6.25 -6.58
CA GLU A 176 -25.70 5.53 -6.21
C GLU A 176 -25.69 5.32 -4.70
N SER A 177 -24.67 4.61 -4.21
CA SER A 177 -24.52 4.19 -2.82
C SER A 177 -23.78 5.27 -2.06
N SER A 178 -22.78 5.88 -2.69
CA SER A 178 -21.90 6.90 -2.09
C SER A 178 -22.11 8.25 -2.79
N PRO A 179 -22.25 9.35 -2.01
CA PRO A 179 -22.34 10.68 -2.59
C PRO A 179 -21.02 11.07 -3.26
N GLU A 180 -19.91 10.81 -2.58
CA GLU A 180 -18.55 11.13 -3.04
C GLU A 180 -18.39 10.45 -4.40
N LEU A 181 -17.97 11.23 -5.38
CA LEU A 181 -17.87 10.80 -6.78
C LEU A 181 -16.38 10.84 -7.14
N PRO A 182 -15.92 9.88 -7.97
CA PRO A 182 -14.49 9.73 -8.31
C PRO A 182 -13.86 10.96 -8.98
N LYS A 183 -12.56 11.15 -8.77
CA LYS A 183 -11.87 12.39 -9.22
C LYS A 183 -11.94 12.53 -10.74
N HIS A 184 -11.99 11.40 -11.45
CA HIS A 184 -12.06 11.36 -12.92
C HIS A 184 -13.45 11.79 -13.39
N ILE A 185 -14.41 11.94 -12.47
CA ILE A 185 -15.79 12.42 -12.75
C ILE A 185 -15.94 13.91 -12.43
N TYR A 186 -15.24 14.42 -11.41
CA TYR A 186 -15.13 15.87 -11.14
C TYR A 186 -14.72 16.61 -12.42
N ASN A 187 -13.76 16.04 -13.14
CA ASN A 187 -13.11 16.68 -14.32
C ASN A 187 -14.03 16.66 -15.52
N LYS A 188 -15.13 15.90 -15.45
CA LYS A 188 -16.23 15.99 -16.46
C LYS A 188 -17.03 17.28 -16.24
N LEU A 189 -17.12 17.68 -14.97
CA LEU A 189 -17.86 18.88 -14.56
C LEU A 189 -17.09 20.15 -14.93
N ASP A 190 -17.85 21.22 -15.15
CA ASP A 190 -17.31 22.57 -15.45
C ASP A 190 -17.20 23.39 -14.16
N LYS A 191 -16.03 23.27 -13.51
CA LYS A 191 -15.65 24.02 -12.29
C LYS A 191 -16.68 23.75 -11.18
N GLY A 192 -16.93 22.46 -10.94
CA GLY A 192 -17.75 21.96 -9.83
C GLY A 192 -19.23 21.97 -10.14
N GLN A 193 -19.61 22.19 -11.42
CA GLN A 193 -21.00 22.54 -11.79
C GLN A 193 -21.46 21.83 -13.07
N ILE A 194 -22.73 21.51 -13.11
CA ILE A 194 -23.40 20.82 -14.26
C ILE A 194 -24.45 21.74 -14.88
N ILE A 195 -24.52 21.74 -16.21
CA ILE A 195 -25.56 22.47 -16.98
C ILE A 195 -26.75 21.54 -17.12
N VAL A 196 -27.91 21.94 -16.67
CA VAL A 196 -29.17 21.16 -16.65
C VAL A 196 -30.26 21.96 -17.38
N VAL A 197 -31.20 21.22 -17.93
CA VAL A 197 -32.45 21.80 -18.52
C VAL A 197 -33.64 21.22 -17.77
N ILE A 198 -34.41 22.07 -17.13
CA ILE A 198 -35.78 21.76 -16.62
C ILE A 198 -36.79 22.22 -17.66
N TRP A 199 -37.79 21.36 -17.90
CA TRP A 199 -38.96 21.67 -18.77
C TRP A 199 -40.25 21.75 -17.96
N VAL A 200 -41.21 22.50 -18.51
CA VAL A 200 -42.56 22.74 -17.93
C VAL A 200 -43.64 22.69 -19.01
N ILE A 201 -44.71 21.97 -18.73
CA ILE A 201 -46.00 22.02 -19.48
C ILE A 201 -46.93 23.05 -18.85
N VAL A 202 -47.56 23.93 -19.64
CA VAL A 202 -48.23 25.14 -19.07
C VAL A 202 -49.64 25.35 -19.61
N SER A 203 -50.17 24.38 -20.35
CA SER A 203 -51.50 24.50 -21.00
C SER A 203 -52.03 23.15 -21.46
N PRO A 204 -53.34 23.01 -21.78
CA PRO A 204 -53.91 21.74 -22.22
C PRO A 204 -53.08 21.06 -23.32
N ASN A 205 -52.57 21.88 -24.23
CA ASN A 205 -51.64 21.47 -25.28
C ASN A 205 -50.26 21.42 -24.64
N ASN A 206 -49.39 20.61 -25.19
CA ASN A 206 -47.98 20.50 -24.74
C ASN A 206 -47.24 21.77 -25.15
N ASP A 207 -47.64 22.91 -24.59
CA ASP A 207 -46.86 24.16 -24.74
C ASP A 207 -45.65 24.03 -23.83
N LYS A 208 -44.47 23.84 -24.42
CA LYS A 208 -43.25 23.52 -23.64
C LYS A 208 -42.37 24.75 -23.49
N GLN A 209 -41.70 24.88 -22.35
CA GLN A 209 -40.77 25.96 -21.98
C GLN A 209 -39.53 25.37 -21.34
N LYS A 210 -38.36 25.71 -21.86
CA LYS A 210 -37.05 25.33 -21.28
C LYS A 210 -36.65 26.26 -20.14
N TYR A 211 -35.79 25.75 -19.26
CA TYR A 211 -35.01 26.51 -18.26
C TYR A 211 -33.64 25.83 -18.14
N THR A 212 -32.69 26.33 -18.92
CA THR A 212 -31.26 25.93 -18.82
C THR A 212 -30.56 26.62 -17.63
N LEU A 213 -30.25 25.83 -16.60
CA LEU A 213 -29.57 26.28 -15.37
C LEU A 213 -28.15 25.72 -15.42
N LYS A 214 -27.24 26.34 -14.67
CA LYS A 214 -25.87 25.84 -14.43
C LYS A 214 -25.62 25.84 -12.92
N ILE A 215 -25.63 24.68 -12.30
CA ILE A 215 -25.80 24.54 -10.82
C ILE A 215 -24.70 23.62 -10.28
N ASN A 216 -24.48 23.73 -8.98
CA ASN A 216 -23.53 22.85 -8.23
C ASN A 216 -23.98 21.39 -8.36
N HIS A 217 -23.04 20.49 -8.70
CA HIS A 217 -23.34 19.05 -8.85
C HIS A 217 -23.94 18.48 -7.57
N ASP A 218 -23.64 19.10 -6.42
CA ASP A 218 -23.97 18.53 -5.09
C ASP A 218 -25.28 19.09 -4.53
N CYS A 219 -25.97 19.95 -5.29
CA CYS A 219 -27.33 20.44 -5.00
C CYS A 219 -28.34 19.30 -4.89
N VAL A 220 -29.34 19.50 -4.03
CA VAL A 220 -30.48 18.55 -3.91
C VAL A 220 -31.53 18.95 -4.95
N PRO A 221 -32.52 18.06 -5.24
CA PRO A 221 -33.56 18.37 -6.23
C PRO A 221 -34.35 19.65 -5.93
N GLU A 222 -34.61 19.88 -4.65
CA GLU A 222 -35.32 21.09 -4.15
C GLU A 222 -34.55 22.37 -4.52
N GLN A 223 -33.23 22.33 -4.39
CA GLN A 223 -32.32 23.46 -4.74
C GLN A 223 -32.30 23.68 -6.24
N VAL A 224 -32.33 22.56 -7.00
CA VAL A 224 -32.40 22.62 -8.48
C VAL A 224 -33.72 23.25 -8.88
N ILE A 225 -34.80 22.87 -8.20
CA ILE A 225 -36.13 23.53 -8.39
C ILE A 225 -36.01 25.01 -8.03
N ALA A 226 -35.37 25.32 -6.90
CA ALA A 226 -35.27 26.72 -6.41
C ALA A 226 -34.67 27.61 -7.49
N GLU A 227 -33.61 27.14 -8.14
CA GLU A 227 -32.94 27.89 -9.22
C GLU A 227 -33.86 28.13 -10.42
N ALA A 228 -34.71 27.16 -10.73
CA ALA A 228 -35.81 27.33 -11.72
C ALA A 228 -36.75 28.48 -11.34
N ILE A 229 -37.25 28.45 -10.10
CA ILE A 229 -38.18 29.49 -9.59
C ILE A 229 -37.50 30.84 -9.70
N ARG A 230 -36.21 30.92 -9.34
CA ARG A 230 -35.48 32.20 -9.36
C ARG A 230 -35.45 32.76 -10.79
N LYS A 231 -35.19 31.88 -11.77
CA LYS A 231 -35.06 32.27 -13.19
C LYS A 231 -36.39 32.83 -13.73
N LYS A 232 -37.50 32.21 -13.32
CA LYS A 232 -38.85 32.69 -13.69
C LYS A 232 -39.06 34.04 -13.03
N THR A 233 -38.67 34.17 -11.77
CA THR A 233 -38.86 35.42 -10.98
C THR A 233 -37.96 36.60 -11.41
N ARG A 234 -37.00 36.37 -12.31
CA ARG A 234 -35.99 37.40 -12.66
C ARG A 234 -36.69 38.56 -13.32
N SER A 235 -37.66 38.28 -14.19
CA SER A 235 -38.39 39.32 -14.94
C SER A 235 -39.21 40.19 -13.97
N MET A 236 -39.74 39.54 -12.94
CA MET A 236 -40.50 40.23 -11.88
C MET A 236 -39.56 41.11 -11.07
N LEU A 237 -40.11 42.17 -10.51
CA LEU A 237 -39.38 43.14 -9.67
C LEU A 237 -39.81 43.01 -8.21
N LEU A 238 -39.02 42.26 -7.46
CA LEU A 238 -39.21 42.07 -5.99
C LEU A 238 -37.88 42.30 -5.30
N SER A 239 -37.88 42.48 -3.98
CA SER A 239 -36.63 42.57 -3.19
C SER A 239 -35.87 41.25 -3.31
N SER A 240 -34.60 41.26 -2.92
CA SER A 240 -33.79 40.03 -2.73
C SER A 240 -34.41 39.12 -1.67
N GLU A 241 -35.00 39.74 -0.66
CA GLU A 241 -35.58 39.07 0.51
C GLU A 241 -37.06 38.86 0.27
N GLN A 242 -37.51 39.10 -0.95
CA GLN A 242 -38.88 38.82 -1.44
C GLN A 242 -38.85 37.68 -2.48
N LEU A 243 -37.83 37.67 -3.32
CA LEU A 243 -37.41 36.41 -4.02
C LEU A 243 -37.43 35.24 -3.03
N LYS A 244 -36.62 35.40 -1.98
CA LYS A 244 -36.34 34.39 -0.93
C LYS A 244 -37.65 33.78 -0.43
N LEU A 245 -38.52 34.64 0.07
CA LEU A 245 -39.85 34.32 0.64
C LEU A 245 -40.61 33.41 -0.31
N CYS A 246 -40.63 33.78 -1.61
CA CYS A 246 -41.41 33.04 -2.63
C CYS A 246 -40.74 31.70 -2.89
N VAL A 247 -39.46 31.76 -3.30
CA VAL A 247 -38.60 30.58 -3.58
C VAL A 247 -38.82 29.59 -2.44
N LEU A 248 -38.61 30.05 -1.21
CA LEU A 248 -38.59 29.15 -0.01
C LEU A 248 -39.88 28.34 0.13
N GLU A 249 -41.02 29.03 0.07
CA GLU A 249 -42.34 28.35 0.26
C GLU A 249 -42.64 27.39 -0.89
N TYR A 250 -42.34 27.81 -2.13
CA TYR A 250 -42.66 27.08 -3.37
C TYR A 250 -41.50 26.21 -3.87
N GLN A 251 -40.45 26.02 -3.09
CA GLN A 251 -39.42 25.00 -3.31
C GLN A 251 -40.13 23.65 -3.23
N GLY A 252 -41.01 23.49 -2.24
CA GLY A 252 -41.57 22.19 -1.86
C GLY A 252 -43.02 22.07 -2.30
N LYS A 253 -43.33 22.58 -3.48
CA LYS A 253 -44.62 22.25 -4.16
C LYS A 253 -44.39 21.55 -5.49
N TYR A 254 -43.14 21.21 -5.77
CA TYR A 254 -42.69 20.65 -7.09
C TYR A 254 -41.76 19.46 -6.89
N ILE A 255 -41.72 18.65 -7.92
CA ILE A 255 -40.94 17.39 -8.06
C ILE A 255 -40.30 17.41 -9.45
N LEU A 256 -39.02 17.05 -9.49
CA LEU A 256 -38.29 16.83 -10.75
C LEU A 256 -38.49 15.40 -11.21
N LYS A 257 -38.53 15.19 -12.52
CA LYS A 257 -38.75 13.84 -13.10
C LYS A 257 -37.93 13.73 -14.36
N VAL A 258 -37.42 12.55 -14.66
CA VAL A 258 -36.50 12.36 -15.83
C VAL A 258 -37.35 12.37 -17.09
N CYS A 259 -36.98 13.21 -18.07
CA CYS A 259 -37.83 13.29 -19.30
C CYS A 259 -37.71 11.99 -20.07
N GLY A 260 -38.83 11.26 -20.29
CA GLY A 260 -38.82 10.03 -21.10
C GLY A 260 -39.10 8.73 -20.39
N CYS A 261 -39.21 8.75 -19.06
CA CYS A 261 -39.41 7.54 -18.22
C CYS A 261 -39.89 7.97 -16.84
N ASP A 262 -40.33 7.00 -16.05
CA ASP A 262 -40.84 7.24 -14.67
C ASP A 262 -39.72 7.09 -13.66
N GLU A 263 -38.89 8.13 -13.52
CA GLU A 263 -37.85 8.23 -12.49
C GLU A 263 -37.94 9.60 -11.79
N TYR A 264 -38.22 9.57 -10.51
CA TYR A 264 -38.49 10.82 -9.75
C TYR A 264 -37.35 11.10 -8.78
N PHE A 265 -37.13 12.40 -8.52
CA PHE A 265 -36.10 12.89 -7.58
C PHE A 265 -36.77 13.25 -6.25
N LEU A 266 -37.29 12.27 -5.54
CA LEU A 266 -38.26 12.47 -4.44
C LEU A 266 -37.49 12.70 -3.15
N GLU A 267 -36.19 12.44 -3.14
CA GLU A 267 -35.41 12.44 -1.87
C GLU A 267 -34.29 13.49 -1.90
N LYS A 268 -33.90 13.95 -0.71
CA LYS A 268 -32.85 14.96 -0.49
C LYS A 268 -31.46 14.31 -0.60
N TYR A 269 -31.13 13.83 -1.79
CA TYR A 269 -29.77 13.38 -2.20
C TYR A 269 -29.16 14.42 -3.14
N PRO A 270 -27.81 14.52 -3.19
CA PRO A 270 -27.17 15.34 -4.21
C PRO A 270 -27.54 14.90 -5.63
N LEU A 271 -27.51 15.86 -6.57
CA LEU A 271 -28.01 15.59 -7.94
C LEU A 271 -27.09 14.57 -8.63
N SER A 272 -25.79 14.69 -8.36
CA SER A 272 -24.75 13.80 -8.92
C SER A 272 -24.94 12.35 -8.50
N GLN A 273 -25.45 12.12 -7.31
CA GLN A 273 -25.65 10.74 -6.78
C GLN A 273 -26.78 9.99 -7.49
N TYR A 274 -27.72 10.70 -8.12
CA TYR A 274 -28.74 10.06 -8.98
C TYR A 274 -28.09 9.50 -10.25
N LYS A 275 -28.29 8.19 -10.46
CA LYS A 275 -27.56 7.43 -11.51
C LYS A 275 -27.70 8.11 -12.88
N TYR A 276 -28.89 8.62 -13.17
CA TYR A 276 -29.25 9.23 -14.46
C TYR A 276 -28.36 10.42 -14.78
N ILE A 277 -28.17 11.29 -13.81
CA ILE A 277 -27.25 12.45 -13.86
C ILE A 277 -25.80 11.97 -13.97
N ARG A 278 -25.39 11.06 -13.07
CA ARG A 278 -24.00 10.55 -13.09
C ARG A 278 -23.64 9.90 -14.41
N SER A 279 -24.63 9.30 -15.05
CA SER A 279 -24.51 8.77 -16.43
C SER A 279 -24.31 9.91 -17.41
N CYS A 280 -25.14 10.96 -17.32
CA CYS A 280 -24.99 12.18 -18.17
C CYS A 280 -23.60 12.79 -17.97
N ILE A 281 -23.07 12.78 -16.76
CA ILE A 281 -21.76 13.44 -16.50
C ILE A 281 -20.66 12.69 -17.28
N MET A 282 -20.43 11.42 -16.91
CA MET A 282 -19.65 10.44 -17.71
C MET A 282 -19.89 10.61 -19.21
N LEU A 283 -21.06 10.27 -19.72
CA LEU A 283 -21.24 10.34 -21.19
C LEU A 283 -21.05 11.77 -21.73
N GLY A 284 -21.15 12.77 -20.85
CA GLY A 284 -20.97 14.18 -21.19
C GLY A 284 -22.17 14.71 -21.95
N ARG A 285 -23.35 14.29 -21.49
CA ARG A 285 -24.66 14.60 -22.09
C ARG A 285 -25.37 15.64 -21.23
N MET A 286 -26.42 16.21 -21.79
CA MET A 286 -27.24 17.25 -21.12
C MET A 286 -28.40 16.59 -20.40
N PRO A 287 -28.54 16.74 -19.05
CA PRO A 287 -29.74 16.27 -18.37
C PRO A 287 -30.98 17.08 -18.75
N ASN A 288 -32.03 16.39 -19.20
CA ASN A 288 -33.39 17.00 -19.33
C ASN A 288 -34.33 16.40 -18.29
N LEU A 289 -34.67 17.24 -17.28
CA LEU A 289 -35.68 16.90 -16.25
C LEU A 289 -36.95 17.69 -16.57
N MET A 290 -38.11 17.15 -16.18
CA MET A 290 -39.39 17.89 -16.24
C MET A 290 -39.78 18.31 -14.84
N LEU A 291 -40.21 19.57 -14.68
CA LEU A 291 -40.89 20.05 -13.45
C LEU A 291 -42.35 19.63 -13.48
N MET A 292 -42.90 19.36 -12.30
CA MET A 292 -44.22 18.71 -12.20
C MET A 292 -44.75 18.89 -10.78
N ALA A 293 -46.04 19.19 -10.67
CA ALA A 293 -46.68 19.57 -9.39
C ALA A 293 -46.72 18.38 -8.42
N LYS A 294 -46.54 18.67 -7.12
CA LYS A 294 -46.52 17.60 -6.10
C LYS A 294 -47.87 16.89 -6.02
N GLU A 295 -48.95 17.67 -5.97
CA GLU A 295 -50.33 17.15 -5.85
C GLU A 295 -50.75 16.38 -7.11
N SER A 296 -50.16 16.75 -8.26
CA SER A 296 -50.42 16.12 -9.56
C SER A 296 -49.77 14.75 -9.66
N LEU A 297 -48.73 14.46 -8.89
CA LEU A 297 -48.26 13.06 -8.65
C LEU A 297 -49.02 12.37 -7.52
N TYR A 298 -49.03 13.00 -6.35
CA TYR A 298 -49.67 12.51 -5.11
C TYR A 298 -51.10 12.06 -5.31
N SER A 299 -51.83 12.68 -6.27
CA SER A 299 -53.23 12.29 -6.58
C SER A 299 -53.29 10.98 -7.39
N GLN A 300 -52.39 10.83 -8.35
CA GLN A 300 -52.26 9.58 -9.14
C GLN A 300 -51.99 8.39 -8.22
N LEU A 301 -51.54 8.63 -6.99
CA LEU A 301 -51.16 7.53 -6.09
C LEU A 301 -52.42 6.85 -5.55
N PRO A 302 -52.62 5.55 -5.86
CA PRO A 302 -53.77 4.83 -5.31
C PRO A 302 -53.74 4.89 -3.78
N MET A 303 -54.70 5.61 -3.20
CA MET A 303 -54.91 5.71 -1.72
C MET A 303 -55.16 4.31 -1.15
N ASP A 304 -54.11 3.52 -0.98
CA ASP A 304 -54.24 2.06 -0.77
C ASP A 304 -54.33 1.79 0.73
N CYS A 305 -54.79 0.60 1.05
CA CYS A 305 -54.94 0.08 2.43
C CYS A 305 -55.03 -1.45 2.43
N PHE A 306 -54.07 -2.06 3.14
CA PHE A 306 -53.90 -3.52 3.26
C PHE A 306 -54.70 -4.03 4.45
N THR A 307 -55.81 -4.67 4.16
CA THR A 307 -56.66 -5.38 5.15
C THR A 307 -56.26 -6.85 5.16
N MET A 308 -56.41 -7.48 6.33
CA MET A 308 -55.98 -8.87 6.57
C MET A 308 -56.89 -9.84 5.79
N PRO A 309 -56.33 -10.94 5.23
CA PRO A 309 -57.15 -11.97 4.59
C PRO A 309 -57.87 -12.87 5.60
N SER A 310 -58.61 -13.85 5.08
CA SER A 310 -59.38 -14.84 5.88
C SER A 310 -58.49 -15.59 6.86
N TYR A 311 -57.38 -16.11 6.33
CA TYR A 311 -56.47 -17.03 7.09
C TYR A 311 -55.56 -16.27 8.08
N SER A 312 -55.78 -16.51 9.36
CA SER A 312 -54.96 -15.97 10.47
C SER A 312 -55.19 -16.79 11.75
N THR A 326 -47.71 -30.66 27.19
CA THR A 326 -46.82 -31.66 26.53
C THR A 326 -45.41 -31.55 27.11
N SER A 327 -45.01 -32.57 27.87
CA SER A 327 -43.67 -32.62 28.50
C SER A 327 -42.55 -32.60 27.45
N THR A 328 -41.48 -31.87 27.80
CA THR A 328 -40.23 -31.77 27.01
C THR A 328 -39.00 -31.83 27.90
N LYS A 329 -37.91 -32.34 27.35
CA LYS A 329 -36.53 -32.26 27.91
C LYS A 329 -35.57 -31.72 26.86
N SER A 330 -34.59 -30.91 27.27
CA SER A 330 -33.55 -30.41 26.36
C SER A 330 -32.80 -31.57 25.72
N LEU A 331 -32.11 -31.30 24.61
CA LEU A 331 -31.38 -32.32 23.82
C LEU A 331 -30.23 -32.95 24.60
N TRP A 332 -29.64 -32.17 25.52
CA TRP A 332 -28.37 -32.49 26.20
C TRP A 332 -28.57 -33.27 27.49
N VAL A 333 -29.81 -33.62 27.82
CA VAL A 333 -30.17 -34.46 29.00
C VAL A 333 -30.27 -35.93 28.56
N ILE A 334 -30.34 -36.18 27.25
CA ILE A 334 -30.48 -37.55 26.70
C ILE A 334 -29.11 -38.18 26.49
N ASN A 335 -28.89 -39.35 27.09
CA ASN A 335 -27.55 -39.99 27.20
C ASN A 335 -27.40 -41.21 26.28
N SER A 336 -27.25 -40.94 24.99
CA SER A 336 -27.28 -41.98 23.95
C SER A 336 -26.64 -41.49 22.65
N ALA A 337 -26.36 -42.45 21.77
CA ALA A 337 -26.01 -42.18 20.35
C ALA A 337 -27.26 -42.13 19.46
N LEU A 338 -27.27 -41.23 18.49
CA LEU A 338 -28.33 -41.15 17.47
C LEU A 338 -28.45 -42.49 16.75
N ARG A 339 -29.69 -42.93 16.56
CA ARG A 339 -30.03 -44.17 15.82
C ARG A 339 -31.29 -43.91 15.00
N ILE A 340 -31.29 -44.44 13.78
CA ILE A 340 -32.46 -44.43 12.85
C ILE A 340 -32.71 -45.85 12.38
N LYS A 341 -33.98 -46.24 12.28
CA LYS A 341 -34.38 -47.50 11.63
C LYS A 341 -34.86 -47.22 10.21
N ILE A 342 -34.24 -47.90 9.23
CA ILE A 342 -34.76 -48.07 7.86
C ILE A 342 -35.54 -49.38 7.86
N LEU A 343 -36.86 -49.20 7.73
CA LEU A 343 -37.81 -50.35 7.56
C LEU A 343 -37.82 -50.92 6.13
N CYS A 344 -38.39 -50.19 5.17
CA CYS A 344 -38.71 -50.77 3.85
C CYS A 344 -39.11 -49.68 2.85
N ALA A 345 -38.99 -50.01 1.58
CA ALA A 345 -39.41 -49.12 0.48
C ALA A 345 -40.60 -49.72 -0.24
N THR A 346 -41.41 -48.86 -0.84
CA THR A 346 -42.63 -49.26 -1.56
C THR A 346 -42.30 -49.58 -3.00
N TYR A 347 -41.62 -48.64 -3.64
CA TYR A 347 -41.37 -48.59 -5.08
C TYR A 347 -39.87 -48.76 -5.33
N VAL A 348 -39.55 -49.63 -6.28
CA VAL A 348 -38.20 -49.65 -6.95
C VAL A 348 -38.38 -49.85 -8.45
N ASN A 349 -37.84 -48.94 -9.28
CA ASN A 349 -37.91 -49.05 -10.75
C ASN A 349 -36.59 -49.62 -11.26
N VAL A 350 -36.55 -50.90 -11.61
CA VAL A 350 -35.26 -51.61 -11.83
C VAL A 350 -35.45 -52.75 -12.83
N ASN A 351 -34.37 -53.12 -13.50
CA ASN A 351 -34.38 -54.17 -14.54
C ASN A 351 -34.63 -55.58 -13.97
N ILE A 352 -34.21 -55.80 -12.73
CA ILE A 352 -34.38 -57.05 -11.96
C ILE A 352 -33.61 -58.18 -12.63
N ARG A 353 -32.95 -57.90 -13.76
CA ARG A 353 -32.02 -58.84 -14.42
C ARG A 353 -30.59 -58.33 -14.27
N ASP A 354 -30.35 -57.10 -14.72
CA ASP A 354 -29.01 -56.48 -14.79
C ASP A 354 -28.56 -56.01 -13.39
N ILE A 355 -29.49 -55.47 -12.60
CA ILE A 355 -29.25 -55.02 -11.19
C ILE A 355 -29.79 -56.08 -10.23
N ASP A 356 -28.93 -56.69 -9.41
CA ASP A 356 -29.30 -57.84 -8.54
C ASP A 356 -30.03 -57.35 -7.28
N LYS A 357 -29.33 -56.57 -6.46
CA LYS A 357 -29.71 -56.18 -5.09
C LYS A 357 -29.66 -54.67 -4.91
N ILE A 358 -30.29 -54.21 -3.84
CA ILE A 358 -30.38 -52.76 -3.49
C ILE A 358 -30.18 -52.53 -1.99
N TYR A 359 -29.67 -51.34 -1.64
CA TYR A 359 -29.43 -51.01 -0.21
C TYR A 359 -29.65 -49.51 0.01
N VAL A 360 -30.01 -49.14 1.23
CA VAL A 360 -30.19 -47.71 1.60
C VAL A 360 -28.89 -47.24 2.27
N ARG A 361 -28.16 -46.41 1.52
CA ARG A 361 -27.05 -45.60 2.06
C ARG A 361 -27.64 -44.46 2.88
N THR A 362 -27.08 -44.22 4.07
CA THR A 362 -27.48 -43.06 4.91
C THR A 362 -26.27 -42.23 5.36
N GLY A 363 -26.58 -41.05 5.88
CA GLY A 363 -25.58 -40.22 6.58
C GLY A 363 -26.19 -38.95 7.14
N ILE A 364 -25.69 -38.54 8.29
CA ILE A 364 -26.01 -37.25 8.98
C ILE A 364 -25.02 -36.19 8.51
N TYR A 365 -25.55 -35.08 8.03
CA TYR A 365 -24.80 -33.95 7.45
C TYR A 365 -25.10 -32.64 8.18
N HIS A 366 -24.11 -31.75 8.16
CA HIS A 366 -24.26 -30.32 8.50
C HIS A 366 -23.97 -29.51 7.22
N GLY A 367 -25.03 -29.11 6.52
CA GLY A 367 -24.85 -28.67 5.12
C GLY A 367 -24.19 -29.75 4.30
N GLY A 368 -23.02 -29.46 3.71
CA GLY A 368 -22.39 -30.33 2.71
C GLY A 368 -21.36 -31.22 3.35
N GLU A 369 -20.83 -30.82 4.50
CA GLU A 369 -19.83 -31.64 5.24
C GLU A 369 -20.55 -32.65 6.15
N PRO A 370 -20.12 -33.93 6.19
CA PRO A 370 -20.79 -34.91 7.05
C PRO A 370 -20.23 -34.98 8.47
N LEU A 371 -21.13 -35.16 9.45
CA LEU A 371 -20.81 -35.00 10.88
C LEU A 371 -20.20 -36.26 11.46
N CYS A 372 -20.20 -37.33 10.67
CA CYS A 372 -19.79 -38.68 11.11
C CYS A 372 -19.79 -39.66 9.94
N ASP A 373 -19.06 -40.77 10.07
CA ASP A 373 -19.03 -41.82 9.02
C ASP A 373 -20.46 -42.08 8.51
N ASN A 374 -20.57 -42.40 7.22
CA ASN A 374 -21.83 -42.89 6.61
C ASN A 374 -22.05 -44.32 7.04
N VAL A 375 -23.31 -44.71 7.19
CA VAL A 375 -23.67 -46.12 7.53
C VAL A 375 -24.76 -46.65 6.60
N ASN A 376 -24.57 -47.88 6.11
CA ASN A 376 -25.43 -48.53 5.11
C ASN A 376 -26.28 -49.62 5.77
N THR A 377 -27.26 -50.11 5.00
CA THR A 377 -28.09 -51.27 5.35
C THR A 377 -27.45 -52.53 4.78
N GLN A 378 -28.10 -53.67 4.97
CA GLN A 378 -27.74 -54.93 4.31
C GLN A 378 -28.34 -54.86 2.91
N ARG A 379 -27.82 -55.68 2.01
CA ARG A 379 -28.35 -55.86 0.65
C ARG A 379 -29.61 -56.72 0.76
N VAL A 380 -30.57 -56.41 -0.10
CA VAL A 380 -31.82 -57.20 -0.26
C VAL A 380 -32.11 -57.35 -1.74
N PRO A 381 -32.88 -58.38 -2.16
CA PRO A 381 -33.39 -58.44 -3.53
C PRO A 381 -34.38 -57.33 -3.86
N CYS A 382 -34.24 -56.75 -5.05
CA CYS A 382 -35.06 -55.59 -5.48
C CYS A 382 -36.56 -55.81 -5.28
N SER A 383 -37.01 -57.02 -5.61
CA SER A 383 -38.42 -57.46 -5.57
C SER A 383 -39.05 -57.26 -4.21
N ASN A 384 -38.31 -57.58 -3.14
CA ASN A 384 -38.81 -57.39 -1.75
C ASN A 384 -37.94 -56.38 -0.99
N PRO A 385 -38.12 -55.06 -1.18
CA PRO A 385 -37.30 -54.09 -0.47
C PRO A 385 -37.78 -53.82 0.96
N ARG A 386 -37.23 -54.59 1.89
CA ARG A 386 -37.56 -54.51 3.33
C ARG A 386 -36.31 -54.88 4.13
N TRP A 387 -35.82 -53.90 4.90
CA TRP A 387 -34.58 -54.00 5.68
C TRP A 387 -34.93 -54.16 7.15
N ASN A 388 -35.67 -53.21 7.73
CA ASN A 388 -36.14 -53.31 9.14
C ASN A 388 -34.96 -53.42 10.10
N GLU A 389 -34.08 -52.44 10.05
CA GLU A 389 -32.72 -52.52 10.67
C GLU A 389 -32.37 -51.20 11.34
N TRP A 390 -32.02 -51.23 12.62
CA TRP A 390 -31.45 -50.08 13.35
C TRP A 390 -30.05 -49.85 12.79
N LEU A 391 -29.76 -48.59 12.46
CA LEU A 391 -28.45 -48.16 11.92
C LEU A 391 -27.77 -47.30 12.98
N ASN A 392 -26.47 -47.55 13.18
CA ASN A 392 -25.70 -46.90 14.27
C ASN A 392 -24.79 -45.82 13.69
N TYR A 393 -25.03 -44.57 14.09
CA TYR A 393 -24.25 -43.40 13.66
C TYR A 393 -23.19 -43.13 14.73
N ASP A 394 -21.99 -42.75 14.27
CA ASP A 394 -20.82 -42.50 15.14
C ASP A 394 -20.92 -41.09 15.69
N ILE A 395 -22.01 -40.75 16.36
CA ILE A 395 -22.19 -39.42 16.98
C ILE A 395 -23.15 -39.49 18.17
N TYR A 396 -22.81 -38.75 19.22
CA TYR A 396 -23.62 -38.55 20.43
C TYR A 396 -24.77 -37.60 20.11
N ILE A 397 -25.94 -37.85 20.70
CA ILE A 397 -27.18 -37.08 20.42
C ILE A 397 -27.02 -35.61 20.82
N PRO A 398 -26.52 -35.29 22.03
CA PRO A 398 -26.21 -33.90 22.38
C PRO A 398 -25.24 -33.19 21.43
N ASP A 399 -24.28 -33.93 20.88
CA ASP A 399 -23.22 -33.33 20.02
C ASP A 399 -23.81 -32.92 18.67
N LEU A 400 -25.08 -33.24 18.41
CA LEU A 400 -25.78 -32.78 17.18
C LEU A 400 -25.90 -31.25 17.19
N PRO A 401 -25.48 -30.58 16.09
CA PRO A 401 -25.81 -29.17 15.88
C PRO A 401 -27.26 -28.94 15.44
N ARG A 402 -27.67 -27.68 15.48
CA ARG A 402 -29.05 -27.26 15.12
C ARG A 402 -29.39 -27.57 13.66
N ALA A 403 -28.45 -27.33 12.75
CA ALA A 403 -28.66 -27.48 11.29
C ALA A 403 -28.34 -28.90 10.83
N ALA A 404 -28.20 -29.83 11.76
CA ALA A 404 -28.02 -31.27 11.50
C ALA A 404 -29.25 -31.81 10.78
N ARG A 405 -29.00 -32.75 9.86
CA ARG A 405 -30.09 -33.45 9.14
C ARG A 405 -29.60 -34.78 8.58
N LEU A 406 -30.51 -35.73 8.45
CA LEU A 406 -30.34 -37.01 7.76
C LEU A 406 -30.38 -36.78 6.24
N CYS A 407 -29.40 -37.34 5.55
CA CYS A 407 -29.43 -37.61 4.09
C CYS A 407 -29.45 -39.12 3.87
N LEU A 408 -30.22 -39.57 2.88
CA LEU A 408 -30.22 -41.01 2.50
C LEU A 408 -30.54 -41.15 1.02
N SER A 409 -30.36 -42.37 0.52
CA SER A 409 -30.76 -42.76 -0.84
C SER A 409 -30.80 -44.28 -0.95
N ILE A 410 -31.71 -44.78 -1.76
CA ILE A 410 -31.74 -46.19 -2.22
C ILE A 410 -30.69 -46.29 -3.33
N CYS A 411 -29.87 -47.33 -3.24
CA CYS A 411 -28.79 -47.60 -4.21
C CYS A 411 -28.88 -49.01 -4.79
N SER A 412 -28.42 -49.12 -6.03
CA SER A 412 -28.31 -50.38 -6.82
C SER A 412 -26.91 -50.97 -6.72
N VAL A 413 -26.76 -52.22 -7.13
CA VAL A 413 -25.43 -52.84 -7.39
C VAL A 413 -25.47 -53.52 -8.75
N LYS A 414 -24.31 -53.95 -9.26
CA LYS A 414 -24.23 -54.68 -10.55
C LYS A 414 -25.38 -55.69 -10.68
N LYS A 420 -21.71 -54.00 -5.48
CA LYS A 420 -20.36 -54.61 -5.50
C LYS A 420 -19.49 -53.85 -6.50
N GLU A 421 -19.47 -54.32 -7.74
CA GLU A 421 -18.62 -53.76 -8.81
C GLU A 421 -19.10 -52.36 -9.17
N GLU A 422 -20.41 -52.21 -9.36
CA GLU A 422 -21.01 -50.92 -9.82
C GLU A 422 -22.15 -50.48 -8.91
N HIS A 423 -21.92 -49.38 -8.18
CA HIS A 423 -22.93 -48.71 -7.33
C HIS A 423 -23.47 -47.48 -8.05
N CYS A 424 -24.79 -47.34 -8.06
CA CYS A 424 -25.52 -46.22 -8.71
C CYS A 424 -26.81 -45.88 -7.97
N PRO A 425 -27.09 -44.58 -7.74
CA PRO A 425 -28.23 -44.16 -6.93
C PRO A 425 -29.55 -44.09 -7.69
N LEU A 426 -30.63 -44.53 -7.05
CA LEU A 426 -31.93 -44.71 -7.74
C LEU A 426 -32.85 -43.55 -7.37
N ALA A 427 -32.99 -43.30 -6.09
CA ALA A 427 -33.84 -42.23 -5.53
C ALA A 427 -33.21 -41.68 -4.26
N TRP A 428 -33.25 -40.36 -4.07
CA TRP A 428 -32.57 -39.71 -2.92
C TRP A 428 -33.59 -38.91 -2.12
N GLY A 429 -33.24 -38.61 -0.87
CA GLY A 429 -34.08 -37.81 0.03
C GLY A 429 -33.32 -37.42 1.27
N ASN A 430 -33.55 -36.17 1.71
CA ASN A 430 -32.99 -35.61 2.97
C ASN A 430 -34.12 -35.21 3.90
N ILE A 431 -33.93 -35.41 5.20
CA ILE A 431 -34.92 -35.09 6.25
C ILE A 431 -34.23 -34.23 7.32
N ASN A 432 -34.89 -33.17 7.73
CA ASN A 432 -34.48 -32.36 8.91
C ASN A 432 -34.64 -33.23 10.16
N LEU A 433 -33.59 -33.24 10.98
CA LEU A 433 -33.56 -33.96 12.28
C LEU A 433 -34.18 -33.13 13.40
N PHE A 434 -34.47 -31.86 13.15
CA PHE A 434 -35.23 -30.99 14.08
C PHE A 434 -36.35 -30.24 13.36
N ASP A 435 -37.49 -30.08 14.01
CA ASP A 435 -38.64 -29.35 13.42
C ASP A 435 -38.35 -27.85 13.44
N TYR A 436 -39.17 -27.08 12.73
CA TYR A 436 -39.19 -25.61 12.83
C TYR A 436 -39.44 -25.12 14.26
N THR A 437 -40.13 -25.93 15.06
CA THR A 437 -40.29 -25.75 16.53
C THR A 437 -39.19 -26.48 17.33
N ASP A 438 -38.03 -26.75 16.72
CA ASP A 438 -36.80 -27.19 17.46
C ASP A 438 -37.04 -28.47 18.26
N THR A 439 -37.94 -29.32 17.75
CA THR A 439 -38.29 -30.63 18.28
C THR A 439 -37.58 -31.70 17.46
N LEU A 440 -36.80 -32.55 18.11
CA LEU A 440 -36.15 -33.71 17.45
C LEU A 440 -37.21 -34.70 17.00
N VAL A 441 -37.11 -35.14 15.75
CA VAL A 441 -38.08 -36.08 15.11
C VAL A 441 -38.10 -37.44 15.82
N SER A 442 -39.28 -38.04 15.87
CA SER A 442 -39.57 -39.24 16.67
C SER A 442 -40.84 -39.92 16.15
N GLY A 443 -40.88 -41.25 16.25
CA GLY A 443 -41.98 -42.05 15.69
C GLY A 443 -41.71 -42.46 14.26
N LYS A 444 -42.72 -43.10 13.69
CA LYS A 444 -42.72 -43.52 12.25
C LYS A 444 -42.86 -42.31 11.32
N MET A 445 -42.20 -42.42 10.18
CA MET A 445 -42.20 -41.41 9.11
C MET A 445 -41.93 -42.04 7.74
N ALA A 446 -42.83 -41.80 6.79
CA ALA A 446 -42.63 -42.13 5.36
C ALA A 446 -42.06 -40.92 4.63
N LEU A 447 -41.24 -41.21 3.62
CA LEU A 447 -40.53 -40.21 2.79
C LEU A 447 -40.57 -40.60 1.32
N ASN A 448 -41.35 -39.85 0.54
CA ASN A 448 -41.37 -39.97 -0.93
C ASN A 448 -40.09 -39.37 -1.50
N LEU A 449 -39.29 -40.21 -2.14
CA LEU A 449 -37.95 -39.88 -2.62
C LEU A 449 -38.02 -39.10 -3.94
N TRP A 450 -36.86 -38.67 -4.39
CA TRP A 450 -36.69 -37.79 -5.57
C TRP A 450 -35.86 -38.49 -6.64
N PRO A 451 -36.12 -38.18 -7.94
CA PRO A 451 -35.20 -38.64 -8.99
C PRO A 451 -33.83 -37.98 -8.92
N VAL A 452 -32.77 -38.71 -9.28
CA VAL A 452 -31.39 -38.16 -9.16
C VAL A 452 -31.19 -37.11 -10.24
N PRO A 453 -30.71 -35.87 -9.92
CA PRO A 453 -30.34 -34.91 -10.98
C PRO A 453 -29.52 -35.48 -12.15
N HIS A 454 -29.38 -34.66 -13.19
CA HIS A 454 -28.92 -35.09 -14.54
C HIS A 454 -27.54 -35.74 -14.49
N GLY A 455 -26.51 -34.97 -14.14
CA GLY A 455 -25.12 -35.43 -14.15
C GLY A 455 -24.47 -35.65 -12.80
N LEU A 456 -25.27 -35.96 -11.78
CA LEU A 456 -24.84 -36.39 -10.44
C LEU A 456 -24.81 -37.93 -10.37
N GLU A 457 -23.64 -38.44 -10.02
CA GLU A 457 -23.40 -39.89 -9.74
C GLU A 457 -22.94 -40.09 -8.30
N ASP A 458 -23.19 -39.13 -7.41
CA ASP A 458 -22.95 -39.29 -5.96
C ASP A 458 -24.07 -40.11 -5.30
N LEU A 459 -23.68 -41.02 -4.41
CA LEU A 459 -24.61 -41.96 -3.77
C LEU A 459 -25.66 -41.21 -2.98
N LEU A 460 -25.29 -40.12 -2.33
CA LEU A 460 -26.22 -39.21 -1.66
C LEU A 460 -26.19 -37.87 -2.38
N ASN A 461 -27.17 -37.04 -2.12
CA ASN A 461 -27.25 -35.67 -2.69
C ASN A 461 -27.51 -34.73 -1.52
N PRO A 462 -26.53 -34.48 -0.63
CA PRO A 462 -26.75 -33.62 0.53
C PRO A 462 -27.16 -32.19 0.14
N ILE A 463 -26.96 -31.83 -1.13
CA ILE A 463 -27.12 -30.42 -1.59
C ILE A 463 -28.63 -30.16 -1.65
N GLY A 464 -29.35 -31.10 -2.28
CA GLY A 464 -30.77 -30.96 -2.66
C GLY A 464 -31.71 -30.62 -1.52
N VAL A 465 -32.89 -30.12 -1.86
CA VAL A 465 -33.96 -29.78 -0.87
C VAL A 465 -34.19 -30.90 0.16
N THR A 466 -34.61 -30.44 1.33
CA THR A 466 -35.02 -31.25 2.49
C THR A 466 -36.54 -31.37 2.52
N GLY A 467 -36.98 -32.64 2.48
CA GLY A 467 -38.40 -33.03 2.67
C GLY A 467 -38.91 -34.05 1.67
N SER A 468 -40.15 -34.44 1.90
CA SER A 468 -40.86 -35.47 1.10
C SER A 468 -41.26 -34.91 -0.26
N ASN A 469 -41.41 -35.82 -1.23
CA ASN A 469 -41.79 -35.43 -2.62
C ASN A 469 -43.29 -35.13 -2.65
N PRO A 470 -43.71 -33.95 -3.15
CA PRO A 470 -45.12 -33.65 -3.32
C PRO A 470 -45.82 -34.65 -4.23
N ASN A 471 -45.10 -35.07 -5.28
CA ASN A 471 -45.51 -36.19 -6.16
C ASN A 471 -45.46 -37.50 -5.37
N LYS A 472 -46.64 -37.95 -4.94
CA LYS A 472 -46.77 -39.18 -4.11
C LYS A 472 -46.66 -40.46 -4.95
N GLU A 473 -46.54 -40.30 -6.27
CA GLU A 473 -46.34 -41.43 -7.21
C GLU A 473 -44.86 -41.56 -7.51
N THR A 474 -44.11 -41.89 -6.45
CA THR A 474 -42.64 -42.08 -6.45
C THR A 474 -42.23 -43.09 -5.38
N PRO A 475 -41.01 -43.69 -5.47
CA PRO A 475 -40.47 -44.53 -4.41
C PRO A 475 -40.68 -43.88 -3.04
N CYS A 476 -41.37 -44.57 -2.16
CA CYS A 476 -41.62 -44.11 -0.77
C CYS A 476 -40.88 -45.00 0.21
N LEU A 477 -39.93 -44.42 0.94
CA LEU A 477 -39.13 -45.11 1.96
C LEU A 477 -39.76 -44.87 3.34
N GLU A 478 -40.23 -45.95 3.96
CA GLU A 478 -40.64 -45.95 5.38
C GLU A 478 -39.41 -46.03 6.28
N LEU A 479 -39.51 -45.37 7.43
CA LEU A 479 -38.45 -45.39 8.46
C LEU A 479 -38.99 -44.97 9.83
N GLU A 480 -38.17 -45.09 10.85
CA GLU A 480 -38.57 -44.88 12.25
C GLU A 480 -37.41 -44.30 13.04
N PHE A 481 -37.71 -43.36 13.92
CA PHE A 481 -36.76 -42.79 14.92
C PHE A 481 -37.18 -43.08 16.37
N ASP A 482 -36.20 -43.23 17.24
CA ASP A 482 -36.33 -43.71 18.62
C ASP A 482 -37.34 -42.79 19.28
N TRP A 483 -38.17 -43.35 20.13
CA TRP A 483 -39.05 -42.58 21.06
C TRP A 483 -38.37 -42.55 22.42
N PHE A 484 -38.30 -41.36 23.03
CA PHE A 484 -37.73 -41.18 24.39
C PHE A 484 -38.85 -40.79 25.33
N SER A 485 -38.62 -40.79 26.64
CA SER A 485 -39.67 -40.45 27.63
C SER A 485 -40.51 -39.32 27.08
N SER A 486 -39.89 -38.15 26.95
CA SER A 486 -40.56 -36.87 26.63
C SER A 486 -40.39 -36.51 25.15
N VAL A 487 -40.90 -35.34 24.79
CA VAL A 487 -40.63 -34.73 23.45
C VAL A 487 -39.29 -33.99 23.53
N VAL A 488 -38.26 -34.54 22.86
CA VAL A 488 -36.91 -33.93 22.96
C VAL A 488 -36.87 -32.66 22.09
N LYS A 489 -36.55 -31.54 22.75
CA LYS A 489 -36.31 -30.24 22.10
C LYS A 489 -34.86 -29.77 22.26
N PHE A 490 -34.44 -28.94 21.28
CA PHE A 490 -33.13 -28.27 21.26
C PHE A 490 -33.21 -27.13 22.27
N PRO A 491 -32.23 -26.99 23.18
CA PRO A 491 -32.33 -25.94 24.20
C PRO A 491 -32.28 -24.50 23.70
N ASP A 492 -32.92 -23.62 24.47
CA ASP A 492 -32.87 -22.16 24.23
C ASP A 492 -31.43 -21.65 24.34
N MET A 493 -31.18 -20.40 23.93
CA MET A 493 -29.81 -19.90 23.74
C MET A 493 -29.12 -19.64 25.09
N SER A 494 -29.89 -19.24 26.10
CA SER A 494 -29.31 -18.76 27.39
C SER A 494 -28.55 -19.87 28.10
N VAL A 495 -29.13 -21.07 28.11
CA VAL A 495 -28.52 -22.33 28.63
C VAL A 495 -27.18 -22.64 27.97
N ILE A 496 -27.10 -22.45 26.65
CA ILE A 496 -25.89 -22.72 25.84
C ILE A 496 -24.80 -21.72 26.18
N GLU A 497 -25.17 -20.43 26.29
CA GLU A 497 -24.27 -19.32 26.66
C GLU A 497 -23.53 -19.58 27.98
N GLU A 498 -24.25 -20.15 28.95
CA GLU A 498 -23.68 -20.60 30.25
C GLU A 498 -22.57 -21.60 29.98
N HIS A 499 -22.93 -22.80 29.53
CA HIS A 499 -21.98 -23.94 29.38
C HIS A 499 -20.60 -23.47 28.88
N ALA A 500 -20.60 -22.78 27.74
CA ALA A 500 -19.39 -22.48 26.94
C ALA A 500 -18.31 -21.84 27.83
N ASN A 501 -18.66 -20.70 28.43
CA ASN A 501 -17.67 -19.81 29.10
C ASN A 501 -16.73 -20.58 30.04
N ARG A 528 2.14 -17.31 21.41
CA ARG A 528 0.92 -16.57 21.01
C ARG A 528 1.30 -15.18 20.51
N GLU A 529 2.38 -15.12 19.73
CA GLU A 529 3.04 -13.84 19.34
C GLU A 529 3.85 -14.01 18.04
N ASN A 530 3.73 -13.00 17.18
CA ASN A 530 4.39 -12.92 15.85
C ASN A 530 3.79 -13.96 14.92
N ASP A 531 2.56 -14.38 15.17
CA ASP A 531 1.79 -15.25 14.27
C ASP A 531 0.52 -14.52 13.83
N LYS A 532 0.48 -13.21 14.07
CA LYS A 532 -0.54 -12.30 13.48
C LYS A 532 -0.31 -12.07 11.98
N GLU A 533 0.95 -12.09 11.58
CA GLU A 533 1.36 -12.15 10.15
C GLU A 533 0.68 -13.34 9.48
N GLN A 534 0.49 -14.42 10.24
CA GLN A 534 -0.11 -15.67 9.73
C GLN A 534 -1.63 -15.53 9.65
N LEU A 535 -2.24 -14.92 10.66
CA LEU A 535 -3.71 -14.75 10.75
C LEU A 535 -4.26 -13.82 9.67
N LYS A 536 -3.72 -12.61 9.60
CA LYS A 536 -4.16 -11.66 8.54
C LYS A 536 -3.96 -12.26 7.14
N ALA A 537 -2.96 -13.14 7.00
CA ALA A 537 -2.48 -13.60 5.69
C ALA A 537 -3.40 -14.71 5.19
N ILE A 538 -4.12 -15.35 6.12
CA ILE A 538 -5.24 -16.29 5.73
C ILE A 538 -6.57 -15.56 5.50
N SER A 539 -6.80 -14.47 6.22
CA SER A 539 -8.05 -13.71 6.25
C SER A 539 -8.18 -12.90 4.98
N THR A 540 -7.14 -12.84 4.15
CA THR A 540 -7.13 -12.15 2.84
C THR A 540 -7.32 -13.13 1.67
N ARG A 541 -6.76 -14.33 1.82
CA ARG A 541 -6.87 -15.45 0.86
C ARG A 541 -8.33 -15.83 0.61
N ASP A 542 -8.61 -16.32 -0.60
CA ASP A 542 -9.97 -16.54 -1.11
C ASP A 542 -10.73 -17.61 -0.32
N PRO A 543 -12.09 -17.59 -0.34
CA PRO A 543 -12.92 -18.54 0.40
C PRO A 543 -12.80 -19.99 -0.02
N LEU A 544 -12.25 -20.26 -1.21
CA LEU A 544 -12.13 -21.62 -1.77
C LEU A 544 -10.72 -22.18 -1.57
N SER A 545 -9.80 -21.36 -1.04
CA SER A 545 -8.43 -21.79 -0.72
C SER A 545 -8.45 -22.85 0.38
N GLU A 546 -7.52 -23.79 0.29
CA GLU A 546 -7.36 -24.90 1.25
C GLU A 546 -6.75 -24.36 2.53
N ILE A 547 -7.35 -24.75 3.64
CA ILE A 547 -6.91 -24.41 5.02
C ILE A 547 -6.67 -25.73 5.75
N THR A 548 -5.39 -26.06 5.85
CA THR A 548 -4.86 -27.31 6.44
C THR A 548 -5.35 -27.46 7.87
N GLU A 549 -5.30 -28.69 8.37
CA GLU A 549 -5.70 -29.04 9.77
C GLU A 549 -4.81 -28.36 10.80
N GLN A 550 -3.55 -28.10 10.41
CA GLN A 550 -2.61 -27.24 11.17
C GLN A 550 -3.16 -25.84 11.31
N GLU A 551 -3.54 -25.23 10.21
CA GLU A 551 -4.08 -23.85 10.13
C GLU A 551 -5.48 -23.74 10.77
N LYS A 552 -6.23 -24.82 10.76
CA LYS A 552 -7.52 -24.95 11.49
C LYS A 552 -7.29 -24.89 12.99
N ASP A 553 -6.48 -25.82 13.50
CA ASP A 553 -6.09 -25.89 14.93
C ASP A 553 -5.44 -24.59 15.39
N PHE A 554 -4.79 -23.91 14.48
CA PHE A 554 -4.09 -22.62 14.72
C PHE A 554 -5.10 -21.48 14.96
N LEU A 555 -6.14 -21.47 14.11
CA LEU A 555 -7.22 -20.45 14.17
C LEU A 555 -8.08 -20.70 15.41
N TRP A 556 -8.51 -21.94 15.58
CA TRP A 556 -9.39 -22.29 16.73
C TRP A 556 -8.74 -21.85 18.05
N SER A 557 -7.42 -22.02 18.14
CA SER A 557 -6.61 -21.68 19.34
C SER A 557 -6.67 -20.20 19.66
N HIS A 558 -6.70 -19.34 18.63
CA HIS A 558 -6.66 -17.87 18.78
C HIS A 558 -8.04 -17.26 18.60
N ARG A 559 -9.09 -18.09 18.57
CA ARG A 559 -10.47 -17.65 18.28
C ARG A 559 -10.80 -16.31 18.95
N HIS A 560 -10.51 -16.23 20.24
CA HIS A 560 -10.79 -15.04 21.06
C HIS A 560 -10.04 -13.82 20.52
N TYR A 561 -8.82 -14.02 20.01
CA TYR A 561 -8.06 -12.93 19.36
C TYR A 561 -8.82 -12.44 18.13
N CYS A 562 -9.11 -13.37 17.23
CA CYS A 562 -9.80 -13.11 15.92
C CYS A 562 -10.86 -11.99 15.92
N VAL A 563 -11.49 -11.78 17.08
CA VAL A 563 -12.56 -10.76 17.27
C VAL A 563 -12.06 -9.40 16.80
N THR A 564 -10.75 -9.21 16.78
CA THR A 564 -10.03 -8.01 16.25
C THR A 564 -10.10 -7.87 14.73
N ILE A 565 -9.98 -8.99 14.02
CA ILE A 565 -9.98 -9.08 12.54
C ILE A 565 -11.30 -9.70 12.07
N PRO A 566 -12.41 -8.91 12.00
CA PRO A 566 -13.74 -9.49 11.78
C PRO A 566 -13.84 -10.42 10.55
N GLU A 567 -13.22 -9.99 9.46
CA GLU A 567 -13.29 -10.67 8.13
C GLU A 567 -12.78 -12.11 8.17
N ILE A 568 -12.28 -12.57 9.32
CA ILE A 568 -11.71 -13.94 9.43
C ILE A 568 -12.81 -14.96 9.78
N LEU A 569 -13.95 -14.48 10.28
CA LEU A 569 -15.07 -15.34 10.75
C LEU A 569 -15.35 -16.48 9.77
N PRO A 570 -15.45 -16.24 8.45
CA PRO A 570 -15.65 -17.34 7.50
C PRO A 570 -14.61 -18.47 7.59
N LYS A 571 -13.34 -18.07 7.63
CA LYS A 571 -12.21 -19.05 7.76
C LYS A 571 -12.28 -19.79 9.10
N LEU A 572 -12.53 -19.00 10.17
CA LEU A 572 -12.61 -19.49 11.56
C LEU A 572 -13.70 -20.56 11.67
N LEU A 573 -14.83 -20.36 10.95
CA LEU A 573 -16.00 -21.25 11.13
C LEU A 573 -15.74 -22.64 10.53
N LEU A 574 -15.09 -22.68 9.38
CA LEU A 574 -14.70 -23.91 8.68
C LEU A 574 -13.53 -24.56 9.43
N SER A 575 -13.26 -24.11 10.66
CA SER A 575 -12.26 -24.79 11.54
C SER A 575 -12.93 -25.49 12.73
N VAL A 576 -14.10 -24.99 13.12
CA VAL A 576 -14.97 -25.58 14.16
C VAL A 576 -15.33 -27.03 13.81
N LYS A 577 -15.22 -27.89 14.82
CA LYS A 577 -15.83 -29.23 14.87
C LYS A 577 -17.28 -29.09 15.28
N TRP A 578 -18.17 -29.19 14.32
CA TRP A 578 -19.64 -29.03 14.53
C TRP A 578 -20.26 -30.23 15.25
N ASN A 579 -19.55 -31.36 15.29
CA ASN A 579 -19.97 -32.58 16.01
C ASN A 579 -19.38 -32.56 17.41
N SER A 580 -19.31 -31.38 18.03
CA SER A 580 -18.92 -31.18 19.44
C SER A 580 -19.82 -30.15 20.11
N ARG A 581 -20.75 -30.61 20.96
CA ARG A 581 -21.67 -29.74 21.72
C ARG A 581 -20.87 -28.61 22.38
N ASP A 582 -19.62 -28.93 22.70
CA ASP A 582 -18.70 -28.05 23.48
C ASP A 582 -18.08 -26.94 22.63
N GLU A 583 -17.34 -27.32 21.58
CA GLU A 583 -16.81 -26.36 20.58
C GLU A 583 -17.93 -25.46 20.04
N VAL A 584 -19.00 -26.06 19.54
CA VAL A 584 -20.17 -25.30 19.01
C VAL A 584 -20.57 -24.11 19.91
N ALA A 585 -20.94 -24.45 21.16
CA ALA A 585 -21.46 -23.49 22.15
C ALA A 585 -20.51 -22.32 22.37
N GLN A 586 -19.20 -22.54 22.18
CA GLN A 586 -18.21 -21.46 22.35
C GLN A 586 -18.30 -20.47 21.18
N MET A 587 -18.23 -21.01 19.98
CA MET A 587 -18.47 -20.28 18.71
C MET A 587 -19.73 -19.41 18.80
N TYR A 588 -20.83 -20.00 19.27
CA TYR A 588 -22.13 -19.30 19.42
C TYR A 588 -21.99 -18.04 20.25
N CYS A 589 -21.20 -18.12 21.34
CA CYS A 589 -20.87 -16.96 22.21
C CYS A 589 -20.03 -15.94 21.44
N LEU A 590 -19.06 -16.42 20.67
CA LEU A 590 -18.24 -15.56 19.78
C LEU A 590 -19.11 -14.79 18.77
N VAL A 591 -19.90 -15.52 18.03
CA VAL A 591 -20.75 -14.96 16.94
C VAL A 591 -21.74 -13.94 17.50
N LYS A 592 -22.26 -14.18 18.68
CA LYS A 592 -23.25 -13.29 19.33
C LYS A 592 -22.62 -11.94 19.63
N ASP A 593 -21.35 -11.91 20.05
CA ASP A 593 -20.62 -10.67 20.37
C ASP A 593 -19.58 -10.34 19.29
N TRP A 594 -19.88 -10.63 18.04
CA TRP A 594 -18.97 -10.37 16.89
C TRP A 594 -19.21 -8.95 16.37
N PRO A 595 -18.15 -8.20 15.98
CA PRO A 595 -18.31 -6.91 15.33
C PRO A 595 -18.99 -7.16 13.98
N PRO A 596 -19.64 -6.14 13.38
CA PRO A 596 -20.22 -6.25 12.05
C PRO A 596 -19.12 -6.31 10.97
N ILE A 597 -19.55 -6.69 9.79
CA ILE A 597 -18.67 -6.84 8.59
C ILE A 597 -19.40 -6.29 7.37
N LYS A 598 -18.65 -6.01 6.30
CA LYS A 598 -19.23 -5.62 5.00
C LYS A 598 -20.35 -6.58 4.63
N PRO A 599 -21.48 -6.09 4.05
CA PRO A 599 -22.44 -7.01 3.42
C PRO A 599 -21.80 -8.00 2.41
N GLU A 600 -20.95 -7.46 1.55
CA GLU A 600 -20.30 -8.20 0.45
C GLU A 600 -19.70 -9.47 1.04
N GLN A 601 -19.23 -9.38 2.27
CA GLN A 601 -18.54 -10.45 3.00
C GLN A 601 -19.52 -11.26 3.84
N ALA A 602 -20.57 -10.59 4.35
CA ALA A 602 -21.67 -11.29 5.08
C ALA A 602 -22.37 -12.31 4.15
N MET A 603 -22.40 -12.00 2.85
CA MET A 603 -23.13 -12.83 1.86
C MET A 603 -22.51 -14.22 1.76
N GLU A 604 -21.20 -14.33 2.00
CA GLU A 604 -20.50 -15.63 2.07
C GLU A 604 -21.20 -16.56 3.06
N LEU A 605 -21.56 -16.01 4.22
CA LEU A 605 -22.12 -16.76 5.36
C LEU A 605 -23.57 -17.20 5.11
N LEU A 606 -24.16 -16.80 3.98
CA LEU A 606 -25.52 -17.26 3.61
C LEU A 606 -25.51 -18.38 2.56
N ASP A 607 -24.34 -18.76 2.04
CA ASP A 607 -24.24 -19.86 1.03
C ASP A 607 -24.31 -21.23 1.71
N CYS A 608 -24.12 -22.31 0.95
CA CYS A 608 -24.36 -23.70 1.40
C CYS A 608 -23.47 -24.02 2.61
N ASN A 609 -22.22 -23.58 2.58
CA ASN A 609 -21.15 -23.98 3.52
C ASN A 609 -21.42 -23.50 4.94
N TYR A 610 -22.39 -22.61 5.11
CA TYR A 610 -22.73 -22.03 6.44
C TYR A 610 -24.22 -22.22 6.71
N PRO A 611 -24.65 -23.47 7.02
CA PRO A 611 -26.06 -23.76 7.32
C PRO A 611 -26.53 -23.48 8.76
N ASP A 612 -25.61 -23.11 9.65
CA ASP A 612 -25.92 -22.83 11.07
C ASP A 612 -26.78 -21.58 11.17
N PRO A 613 -27.91 -21.62 11.92
CA PRO A 613 -28.81 -20.47 11.98
C PRO A 613 -28.27 -19.23 12.72
N MET A 614 -27.34 -19.45 13.66
CA MET A 614 -26.65 -18.34 14.36
C MET A 614 -25.67 -17.65 13.43
N VAL A 615 -25.02 -18.42 12.57
CA VAL A 615 -24.09 -17.87 11.54
C VAL A 615 -24.87 -17.04 10.54
N ARG A 616 -25.97 -17.59 10.03
CA ARG A 616 -26.86 -16.89 9.07
C ARG A 616 -27.55 -15.68 9.70
N GLY A 617 -28.00 -15.82 10.94
CA GLY A 617 -28.67 -14.73 11.67
C GLY A 617 -27.76 -13.52 11.85
N PHE A 618 -26.48 -13.80 12.10
CA PHE A 618 -25.43 -12.75 12.14
C PHE A 618 -25.38 -12.07 10.78
N ALA A 619 -25.21 -12.87 9.72
CA ALA A 619 -25.12 -12.38 8.34
C ALA A 619 -26.31 -11.50 8.06
N VAL A 620 -27.52 -12.01 8.22
CA VAL A 620 -28.78 -11.28 7.92
C VAL A 620 -28.80 -9.95 8.68
N ARG A 621 -28.36 -9.97 9.93
CA ARG A 621 -28.28 -8.73 10.76
C ARG A 621 -27.29 -7.72 10.19
N CYS A 622 -26.24 -8.20 9.52
CA CYS A 622 -25.20 -7.35 8.93
C CYS A 622 -25.78 -6.67 7.70
N LEU A 623 -26.71 -7.34 7.04
CA LEU A 623 -27.46 -6.81 5.87
C LEU A 623 -28.57 -5.87 6.32
N GLU A 624 -29.36 -6.29 7.32
CA GLU A 624 -30.43 -5.45 7.91
C GLU A 624 -29.96 -4.02 8.20
N LYS A 625 -28.71 -3.89 8.62
CA LYS A 625 -28.14 -2.62 9.11
C LYS A 625 -27.42 -1.86 8.00
N TYR A 626 -26.57 -2.55 7.24
CA TYR A 626 -25.44 -1.96 6.46
C TYR A 626 -25.67 -1.99 4.95
N LEU A 627 -26.32 -3.04 4.45
CA LEU A 627 -26.64 -3.14 2.99
C LEU A 627 -27.60 -2.06 2.53
N THR A 628 -27.20 -1.30 1.51
CA THR A 628 -28.04 -0.21 0.96
C THR A 628 -28.99 -0.76 -0.09
N ASP A 629 -30.13 -0.07 -0.31
CA ASP A 629 -31.09 -0.50 -1.34
C ASP A 629 -30.38 -0.70 -2.67
N ASP A 630 -29.65 0.34 -3.11
CA ASP A 630 -28.77 0.20 -4.30
C ASP A 630 -28.17 -1.19 -4.31
N LYS A 631 -27.28 -1.45 -3.34
CA LYS A 631 -26.46 -2.67 -3.29
C LYS A 631 -27.33 -3.93 -3.29
N LEU A 632 -28.34 -3.93 -2.42
CA LEU A 632 -29.38 -4.99 -2.38
C LEU A 632 -29.85 -5.39 -3.78
N SER A 633 -30.41 -4.42 -4.50
CA SER A 633 -30.93 -4.59 -5.88
C SER A 633 -29.96 -5.33 -6.80
N GLN A 634 -28.65 -5.11 -6.64
CA GLN A 634 -27.62 -5.58 -7.58
C GLN A 634 -27.18 -6.98 -7.20
N TYR A 635 -27.52 -7.46 -6.01
CA TYR A 635 -27.19 -8.83 -5.55
C TYR A 635 -28.48 -9.59 -5.23
N LEU A 636 -29.58 -9.13 -5.83
CA LEU A 636 -30.93 -9.72 -5.54
C LEU A 636 -31.04 -11.13 -6.08
N ILE A 637 -30.33 -11.40 -7.17
CA ILE A 637 -30.28 -12.73 -7.82
C ILE A 637 -29.76 -13.77 -6.84
N GLN A 638 -28.68 -13.44 -6.15
CA GLN A 638 -28.00 -14.34 -5.17
C GLN A 638 -28.83 -14.52 -3.90
N LEU A 639 -29.36 -13.40 -3.39
CA LEU A 639 -30.11 -13.40 -2.11
C LEU A 639 -31.37 -14.24 -2.20
N VAL A 640 -32.04 -14.24 -3.34
CA VAL A 640 -33.26 -15.06 -3.57
C VAL A 640 -32.87 -16.55 -3.59
N GLN A 641 -31.82 -16.84 -4.35
CA GLN A 641 -31.31 -18.23 -4.58
C GLN A 641 -30.85 -18.87 -3.27
N VAL A 642 -30.38 -18.04 -2.33
CA VAL A 642 -29.88 -18.55 -1.03
C VAL A 642 -31.04 -18.84 -0.08
N LEU A 643 -32.27 -18.52 -0.50
CA LEU A 643 -33.47 -18.84 0.33
C LEU A 643 -33.68 -20.36 0.39
N LYS A 644 -33.27 -21.02 -0.68
CA LYS A 644 -33.31 -22.49 -0.87
C LYS A 644 -32.52 -23.21 0.24
N TYR A 645 -31.36 -22.67 0.61
CA TYR A 645 -30.42 -23.34 1.54
C TYR A 645 -30.92 -23.27 2.98
N GLU A 646 -31.83 -22.33 3.22
CA GLU A 646 -32.53 -22.21 4.53
C GLU A 646 -33.42 -23.44 4.77
N GLN A 647 -33.42 -23.87 6.03
CA GLN A 647 -34.01 -25.16 6.49
C GLN A 647 -35.52 -25.04 6.60
N TYR A 648 -35.99 -23.86 6.97
CA TYR A 648 -37.42 -23.65 7.30
C TYR A 648 -38.01 -22.55 6.45
N LEU A 649 -39.34 -22.52 6.37
CA LEU A 649 -40.07 -21.55 5.53
C LEU A 649 -39.95 -20.17 6.14
N ASP A 650 -40.26 -20.10 7.42
CA ASP A 650 -40.19 -18.86 8.23
C ASP A 650 -38.80 -18.71 8.81
N ASN A 651 -38.14 -17.59 8.48
CA ASN A 651 -36.74 -17.32 8.88
C ASN A 651 -36.41 -15.83 8.74
N LEU A 652 -35.23 -15.45 9.21
CA LEU A 652 -34.84 -14.02 9.27
C LEU A 652 -34.55 -13.43 7.88
N LEU A 653 -34.08 -14.25 6.95
CA LEU A 653 -33.68 -13.78 5.61
C LEU A 653 -34.89 -13.42 4.76
N VAL A 654 -35.92 -14.27 4.71
CA VAL A 654 -37.17 -13.99 3.96
C VAL A 654 -37.88 -12.76 4.54
N ARG A 655 -37.93 -12.70 5.87
CA ARG A 655 -38.57 -11.60 6.61
C ARG A 655 -37.85 -10.29 6.26
N PHE A 656 -36.53 -10.39 6.10
CA PHE A 656 -35.70 -9.22 5.69
C PHE A 656 -36.07 -8.87 4.28
N LEU A 657 -36.08 -9.86 3.35
CA LEU A 657 -36.29 -9.62 1.91
C LEU A 657 -37.70 -9.09 1.60
N LEU A 658 -38.71 -9.73 2.19
CA LEU A 658 -40.12 -9.37 1.98
C LEU A 658 -40.41 -7.96 2.49
N LYS A 659 -39.75 -7.61 3.61
CA LYS A 659 -39.86 -6.23 4.15
C LYS A 659 -39.36 -5.24 3.09
N LYS A 660 -38.10 -5.43 2.69
CA LYS A 660 -37.45 -4.57 1.67
C LYS A 660 -38.21 -4.59 0.35
N ALA A 661 -38.78 -5.71 -0.01
CA ALA A 661 -39.57 -5.86 -1.26
C ALA A 661 -40.87 -5.07 -1.18
N LEU A 662 -41.49 -5.05 0.01
CA LEU A 662 -42.78 -4.33 0.19
C LEU A 662 -42.54 -2.89 0.67
N THR A 663 -41.29 -2.57 1.07
CA THR A 663 -40.86 -1.20 1.41
C THR A 663 -40.47 -0.42 0.14
N ASN A 664 -39.99 -1.11 -0.88
CA ASN A 664 -39.42 -0.49 -2.11
C ASN A 664 -39.89 -1.28 -3.35
N GLN A 665 -40.64 -0.62 -4.23
CA GLN A 665 -41.34 -1.30 -5.34
C GLN A 665 -40.37 -1.75 -6.41
N ARG A 666 -39.24 -1.03 -6.59
CA ARG A 666 -38.26 -1.43 -7.62
C ARG A 666 -37.65 -2.78 -7.27
N ILE A 667 -37.31 -2.99 -6.00
CA ILE A 667 -36.85 -4.30 -5.50
C ILE A 667 -38.01 -5.28 -5.58
N GLY A 668 -39.19 -4.89 -5.11
CA GLY A 668 -40.39 -5.73 -5.18
C GLY A 668 -40.64 -6.37 -6.56
N HIS A 669 -40.53 -5.56 -7.59
CA HIS A 669 -40.81 -5.96 -8.99
C HIS A 669 -39.92 -7.11 -9.38
N PHE A 670 -38.62 -6.92 -9.25
CA PHE A 670 -37.62 -7.97 -9.61
C PHE A 670 -37.70 -9.13 -8.62
N PHE A 671 -37.94 -8.84 -7.34
CA PHE A 671 -38.20 -9.86 -6.31
C PHE A 671 -39.27 -10.83 -6.82
N PHE A 672 -40.36 -10.26 -7.29
CA PHE A 672 -41.51 -11.03 -7.83
C PHE A 672 -40.99 -11.91 -8.95
N TRP A 673 -40.50 -11.30 -10.02
CA TRP A 673 -40.08 -12.03 -11.24
C TRP A 673 -39.08 -13.15 -10.88
N HIS A 674 -37.96 -12.77 -10.26
CA HIS A 674 -36.88 -13.72 -9.94
C HIS A 674 -37.54 -14.97 -9.36
N LEU A 675 -38.46 -14.79 -8.42
CA LEU A 675 -39.13 -15.90 -7.72
C LEU A 675 -40.04 -16.68 -8.65
N LYS A 676 -40.98 -15.98 -9.26
CA LYS A 676 -41.95 -16.51 -10.25
C LYS A 676 -41.28 -17.34 -11.35
N SER A 677 -40.14 -16.88 -11.86
CA SER A 677 -39.40 -17.56 -12.94
C SER A 677 -39.07 -19.02 -12.54
N GLU A 678 -38.70 -19.21 -11.29
CA GLU A 678 -38.30 -20.53 -10.74
C GLU A 678 -39.52 -21.31 -10.21
N MET A 679 -40.73 -20.95 -10.62
CA MET A 679 -41.97 -21.55 -10.05
C MET A 679 -42.24 -22.91 -10.67
N HIS A 680 -41.81 -23.08 -11.92
CA HIS A 680 -41.98 -24.34 -12.68
C HIS A 680 -41.23 -25.46 -11.97
N ASN A 681 -40.11 -25.07 -11.34
CA ASN A 681 -39.22 -26.00 -10.59
C ASN A 681 -39.96 -26.51 -9.34
N LYS A 682 -40.16 -27.83 -9.33
CA LYS A 682 -41.11 -28.52 -8.41
C LYS A 682 -40.57 -28.53 -6.97
N THR A 683 -39.25 -28.56 -6.84
CA THR A 683 -38.53 -28.58 -5.54
C THR A 683 -38.79 -27.29 -4.75
N VAL A 684 -38.95 -26.17 -5.47
CA VAL A 684 -39.06 -24.84 -4.79
C VAL A 684 -40.44 -24.24 -4.92
N SER A 685 -41.31 -24.76 -5.79
CA SER A 685 -42.59 -24.11 -6.14
C SER A 685 -43.46 -23.79 -4.90
N GLN A 686 -43.44 -24.68 -3.91
CA GLN A 686 -44.33 -24.53 -2.73
C GLN A 686 -43.87 -23.31 -1.95
N ARG A 687 -42.58 -23.24 -1.65
CA ARG A 687 -41.99 -22.15 -0.84
C ARG A 687 -42.15 -20.80 -1.55
N PHE A 688 -41.56 -20.72 -2.73
CA PHE A 688 -41.63 -19.50 -3.59
C PHE A 688 -43.08 -19.10 -3.84
N GLY A 689 -43.95 -20.11 -3.97
CA GLY A 689 -45.42 -19.89 -4.09
C GLY A 689 -45.98 -19.18 -2.86
N LEU A 690 -45.66 -19.74 -1.69
CA LEU A 690 -46.19 -19.25 -0.40
C LEU A 690 -45.64 -17.84 -0.14
N LEU A 691 -44.44 -17.60 -0.65
CA LEU A 691 -43.73 -16.31 -0.56
C LEU A 691 -44.36 -15.28 -1.49
N LEU A 692 -44.44 -15.60 -2.78
CA LEU A 692 -45.08 -14.74 -3.80
C LEU A 692 -46.52 -14.43 -3.37
N GLU A 693 -47.16 -15.36 -2.67
CA GLU A 693 -48.51 -15.15 -2.10
C GLU A 693 -48.47 -14.01 -1.09
N SER A 694 -47.50 -14.09 -0.18
CA SER A 694 -47.39 -13.12 0.94
C SER A 694 -47.10 -11.72 0.42
N TYR A 695 -46.28 -11.66 -0.63
CA TYR A 695 -45.92 -10.40 -1.32
C TYR A 695 -47.16 -9.83 -1.99
N CYS A 696 -47.76 -10.61 -2.89
CA CYS A 696 -48.90 -10.15 -3.72
C CYS A 696 -50.03 -9.61 -2.83
N ARG A 697 -50.19 -10.20 -1.66
CA ARG A 697 -51.23 -9.78 -0.70
C ARG A 697 -51.06 -8.31 -0.34
N ALA A 698 -49.85 -7.92 0.07
CA ALA A 698 -49.48 -6.62 0.65
C ALA A 698 -48.98 -5.59 -0.37
N CYS A 699 -48.49 -5.98 -1.53
CA CYS A 699 -47.77 -5.06 -2.45
C CYS A 699 -48.65 -3.92 -2.95
N GLY A 700 -49.96 -4.02 -2.81
CA GLY A 700 -50.89 -2.92 -3.14
C GLY A 700 -51.39 -2.99 -4.55
N MET A 701 -51.28 -1.87 -5.28
CA MET A 701 -51.88 -1.70 -6.62
C MET A 701 -50.93 -2.20 -7.70
N TYR A 702 -49.68 -2.48 -7.34
CA TYR A 702 -48.69 -3.01 -8.31
C TYR A 702 -49.06 -4.43 -8.75
N LEU A 703 -49.89 -5.12 -7.96
CA LEU A 703 -50.45 -6.44 -8.35
C LEU A 703 -51.16 -6.34 -9.69
N LYS A 704 -51.95 -5.28 -9.87
CA LYS A 704 -52.70 -5.04 -11.12
C LYS A 704 -51.73 -4.77 -12.28
N HIS A 705 -50.68 -4.01 -12.02
CA HIS A 705 -49.60 -3.77 -13.01
C HIS A 705 -48.87 -5.07 -13.37
N LEU A 706 -48.63 -5.90 -12.37
CA LEU A 706 -47.96 -7.24 -12.55
C LEU A 706 -48.81 -8.26 -13.31
N ASN A 707 -50.09 -8.37 -13.00
CA ASN A 707 -51.09 -9.15 -13.76
C ASN A 707 -51.04 -8.79 -15.25
N ARG A 708 -51.02 -7.49 -15.56
CA ARG A 708 -51.02 -7.05 -16.98
C ARG A 708 -49.73 -7.48 -17.66
N GLN A 709 -48.62 -7.44 -16.91
CA GLN A 709 -47.32 -7.95 -17.41
C GLN A 709 -47.37 -9.46 -17.68
N VAL A 710 -47.80 -10.20 -16.64
CA VAL A 710 -47.91 -11.67 -16.65
C VAL A 710 -48.77 -12.07 -17.84
N GLU A 711 -49.87 -11.34 -18.03
CA GLU A 711 -50.85 -11.64 -19.12
C GLU A 711 -50.19 -11.41 -20.48
N ALA A 712 -49.48 -10.30 -20.61
CA ALA A 712 -48.78 -9.88 -21.83
C ALA A 712 -47.73 -10.93 -22.21
N MET A 713 -47.07 -11.50 -21.19
CA MET A 713 -46.01 -12.52 -21.43
C MET A 713 -46.67 -13.82 -21.90
N GLU A 714 -47.82 -14.17 -21.29
CA GLU A 714 -48.52 -15.43 -21.65
C GLU A 714 -48.87 -15.45 -23.15
N LYS A 715 -49.41 -14.34 -23.61
CA LYS A 715 -49.79 -14.23 -25.05
C LYS A 715 -48.55 -14.51 -25.89
N LEU A 716 -47.43 -13.90 -25.53
CA LEU A 716 -46.14 -14.02 -26.26
C LEU A 716 -45.60 -15.45 -26.20
N ILE A 717 -45.68 -16.07 -25.03
CA ILE A 717 -45.36 -17.52 -24.87
C ILE A 717 -46.21 -18.35 -25.83
N ASN A 718 -47.51 -18.15 -25.79
CA ASN A 718 -48.47 -18.88 -26.65
C ASN A 718 -48.18 -18.63 -28.13
N LEU A 719 -47.87 -17.39 -28.48
CA LEU A 719 -47.66 -16.97 -29.89
C LEU A 719 -46.43 -17.67 -30.47
N THR A 720 -45.38 -17.69 -29.67
CA THR A 720 -44.10 -18.36 -29.97
C THR A 720 -44.31 -19.86 -30.05
N ASP A 721 -45.03 -20.42 -29.07
CA ASP A 721 -45.33 -21.88 -28.99
C ASP A 721 -45.93 -22.39 -30.30
N ILE A 722 -46.86 -21.62 -30.86
CA ILE A 722 -47.55 -21.98 -32.14
C ILE A 722 -46.54 -21.96 -33.29
N LEU A 723 -45.67 -20.96 -33.32
CA LEU A 723 -44.66 -20.85 -34.40
C LEU A 723 -43.62 -21.96 -34.23
N LYS A 724 -43.28 -22.29 -32.99
CA LYS A 724 -42.28 -23.33 -32.67
C LYS A 724 -42.85 -24.69 -33.01
N GLN A 725 -44.17 -24.90 -32.78
CA GLN A 725 -44.70 -26.28 -32.99
C GLN A 725 -45.39 -26.48 -34.37
N GLU A 726 -46.63 -25.98 -34.48
CA GLU A 726 -47.49 -26.35 -35.63
C GLU A 726 -47.08 -25.60 -36.88
N LYS A 727 -46.64 -24.33 -36.75
CA LYS A 727 -46.21 -23.49 -37.86
C LYS A 727 -44.70 -23.55 -38.04
N LYS A 728 -44.02 -24.56 -37.51
CA LYS A 728 -42.56 -24.69 -37.57
C LYS A 728 -42.05 -24.72 -39.01
N ASP A 729 -42.70 -25.52 -39.86
CA ASP A 729 -42.14 -25.73 -41.24
C ASP A 729 -42.24 -24.47 -42.11
N GLU A 730 -43.31 -23.70 -41.90
CA GLU A 730 -43.75 -22.63 -42.85
C GLU A 730 -42.65 -21.60 -43.07
N THR A 731 -42.63 -21.01 -44.28
CA THR A 731 -41.57 -20.06 -44.68
C THR A 731 -41.64 -18.85 -43.77
N GLN A 732 -40.69 -17.91 -43.93
CA GLN A 732 -40.69 -16.64 -43.17
C GLN A 732 -41.89 -15.79 -43.56
N LYS A 733 -42.24 -15.76 -44.84
CA LYS A 733 -43.36 -14.94 -45.32
C LYS A 733 -44.67 -15.41 -44.68
N VAL A 734 -44.87 -16.73 -44.67
CA VAL A 734 -46.14 -17.34 -44.20
C VAL A 734 -46.28 -17.01 -42.70
N GLN A 735 -45.26 -17.35 -41.93
CA GLN A 735 -45.25 -17.05 -40.48
C GLN A 735 -45.51 -15.57 -40.23
N MET A 736 -44.73 -14.68 -40.84
CA MET A 736 -44.87 -13.22 -40.68
C MET A 736 -46.29 -12.73 -41.00
N LYS A 737 -46.89 -13.38 -41.99
CA LYS A 737 -48.30 -13.18 -42.38
C LYS A 737 -49.20 -13.63 -41.25
N PHE A 738 -48.91 -14.80 -40.66
CA PHE A 738 -49.70 -15.32 -39.52
C PHE A 738 -49.62 -14.42 -38.28
N LEU A 739 -48.42 -13.91 -38.03
CA LEU A 739 -48.02 -13.12 -36.85
C LEU A 739 -48.78 -11.80 -36.85
N VAL A 740 -48.66 -11.03 -37.91
CA VAL A 740 -49.34 -9.70 -38.04
C VAL A 740 -50.86 -9.81 -37.96
N GLU A 741 -51.43 -10.89 -38.49
CA GLU A 741 -52.88 -11.16 -38.41
C GLU A 741 -53.31 -11.31 -36.95
N GLN A 742 -52.60 -12.16 -36.24
CA GLN A 742 -52.87 -12.43 -34.80
C GLN A 742 -52.53 -11.23 -33.92
N MET A 743 -51.48 -10.52 -34.23
CA MET A 743 -51.02 -9.35 -33.45
C MET A 743 -51.97 -8.17 -33.58
N ARG A 744 -52.72 -8.10 -34.68
CA ARG A 744 -53.72 -7.00 -34.91
C ARG A 744 -55.03 -7.24 -34.15
N ARG A 745 -55.33 -8.48 -33.76
CA ARG A 745 -56.60 -8.82 -33.10
C ARG A 745 -56.77 -8.05 -31.78
N PRO A 746 -58.03 -7.72 -31.44
CA PRO A 746 -58.33 -6.90 -30.26
C PRO A 746 -57.92 -7.49 -28.89
N ASP A 747 -57.93 -8.80 -28.77
CA ASP A 747 -57.46 -9.52 -27.55
C ASP A 747 -55.95 -9.33 -27.35
N PHE A 748 -55.20 -9.35 -28.45
CA PHE A 748 -53.73 -9.20 -28.44
C PHE A 748 -53.37 -7.74 -28.18
N MET A 749 -54.01 -6.86 -28.93
CA MET A 749 -53.67 -5.40 -28.93
C MET A 749 -53.90 -4.82 -27.54
N ASP A 750 -55.06 -5.13 -26.94
CA ASP A 750 -55.41 -4.66 -25.59
C ASP A 750 -54.45 -5.18 -24.53
N ALA A 751 -54.13 -6.47 -24.53
CA ALA A 751 -53.28 -7.11 -23.52
C ALA A 751 -51.82 -6.65 -23.60
N LEU A 752 -51.34 -6.35 -24.83
CA LEU A 752 -49.92 -5.99 -25.07
C LEU A 752 -49.73 -4.53 -25.47
N GLN A 753 -50.61 -3.64 -24.99
CA GLN A 753 -50.43 -2.19 -25.11
C GLN A 753 -50.81 -1.53 -23.80
N GLY A 754 -49.95 -0.61 -23.32
CA GLY A 754 -50.21 0.12 -22.08
C GLY A 754 -49.99 -0.73 -20.85
N PHE A 755 -48.74 -1.20 -20.73
CA PHE A 755 -48.20 -1.91 -19.55
C PHE A 755 -46.72 -1.56 -19.37
N LEU A 756 -46.19 -1.85 -18.20
CA LEU A 756 -44.78 -1.49 -17.86
C LEU A 756 -43.81 -2.64 -18.16
N SER A 757 -42.70 -2.34 -18.83
CA SER A 757 -41.68 -3.30 -19.24
C SER A 757 -41.26 -4.15 -18.05
N PRO A 758 -41.21 -5.49 -18.19
CA PRO A 758 -40.62 -6.32 -17.13
C PRO A 758 -39.12 -6.07 -16.89
N LEU A 759 -38.40 -5.73 -17.96
CA LEU A 759 -36.97 -5.36 -17.86
C LEU A 759 -36.74 -4.15 -16.96
N ASN A 760 -37.63 -3.16 -17.07
CA ASN A 760 -37.57 -1.90 -16.33
C ASN A 760 -38.96 -1.31 -16.19
N PRO A 761 -39.50 -1.25 -14.96
CA PRO A 761 -40.84 -0.67 -14.72
C PRO A 761 -40.97 0.84 -14.86
N ALA A 762 -39.86 1.54 -15.06
CA ALA A 762 -39.80 2.98 -15.34
C ALA A 762 -40.20 3.23 -16.80
N HIS A 763 -39.86 2.28 -17.65
CA HIS A 763 -40.18 2.34 -19.10
C HIS A 763 -41.62 1.89 -19.28
N GLN A 764 -42.47 2.77 -19.80
CA GLN A 764 -43.85 2.41 -20.21
C GLN A 764 -43.84 1.89 -21.64
N LEU A 765 -44.75 0.95 -21.93
CA LEU A 765 -44.90 0.39 -23.27
C LEU A 765 -46.31 0.75 -23.70
N GLY A 766 -46.44 1.61 -24.69
CA GLY A 766 -47.73 2.21 -25.11
C GLY A 766 -48.35 1.46 -26.26
N ASN A 767 -48.48 2.11 -27.41
CA ASN A 767 -49.04 1.42 -28.62
C ASN A 767 -47.96 0.70 -29.42
N LEU A 768 -48.30 -0.50 -29.93
CA LEU A 768 -47.37 -1.27 -30.79
C LEU A 768 -47.18 -0.51 -32.10
N ARG A 769 -45.92 -0.31 -32.51
CA ARG A 769 -45.50 -0.07 -33.90
C ARG A 769 -45.47 -1.42 -34.62
N LEU A 770 -46.59 -1.84 -35.17
CA LEU A 770 -46.71 -3.21 -35.75
C LEU A 770 -45.78 -3.40 -36.94
N GLU A 771 -45.67 -2.38 -37.79
CA GLU A 771 -44.89 -2.41 -39.03
C GLU A 771 -43.42 -2.66 -38.77
N GLU A 772 -42.98 -2.51 -37.51
CA GLU A 772 -41.57 -2.69 -37.12
C GLU A 772 -41.38 -3.90 -36.20
N CYS A 773 -42.45 -4.70 -36.02
CA CYS A 773 -42.37 -5.95 -35.22
C CYS A 773 -42.10 -7.06 -36.24
N ARG A 774 -41.45 -8.11 -35.80
CA ARG A 774 -41.00 -9.16 -36.75
C ARG A 774 -40.53 -10.39 -36.00
N ILE A 775 -40.48 -11.54 -36.68
CA ILE A 775 -39.78 -12.74 -36.15
C ILE A 775 -38.32 -12.72 -36.62
N MET A 776 -37.43 -13.01 -35.67
CA MET A 776 -35.97 -13.05 -35.88
C MET A 776 -35.59 -14.34 -36.60
N SER A 777 -34.33 -14.40 -37.06
CA SER A 777 -33.80 -15.47 -37.93
C SER A 777 -33.64 -16.83 -37.22
N SER A 778 -33.40 -16.80 -35.91
CA SER A 778 -33.07 -18.03 -35.13
C SER A 778 -34.17 -19.11 -35.27
N ALA A 779 -33.78 -20.35 -35.00
CA ALA A 779 -34.60 -21.55 -35.20
C ALA A 779 -35.54 -21.73 -34.01
N LYS A 780 -35.30 -20.96 -32.95
CA LYS A 780 -36.18 -20.87 -31.76
C LYS A 780 -37.30 -19.84 -31.96
N ARG A 781 -37.16 -19.00 -32.98
CA ARG A 781 -38.14 -17.95 -33.36
C ARG A 781 -38.35 -16.91 -32.24
N PRO A 782 -37.32 -16.11 -31.92
CA PRO A 782 -37.47 -14.95 -31.05
C PRO A 782 -38.20 -13.78 -31.72
N LEU A 783 -38.89 -12.98 -30.91
CA LEU A 783 -39.73 -11.86 -31.41
C LEU A 783 -39.10 -10.50 -31.10
N TRP A 784 -38.69 -9.77 -32.13
CA TRP A 784 -38.35 -8.34 -32.04
C TRP A 784 -39.67 -7.60 -31.93
N LEU A 785 -39.87 -6.90 -30.80
CA LEU A 785 -41.06 -6.05 -30.57
C LEU A 785 -40.63 -4.60 -30.44
N ASN A 786 -41.56 -3.70 -30.78
CA ASN A 786 -41.40 -2.24 -30.76
C ASN A 786 -42.62 -1.65 -30.05
N TRP A 787 -42.41 -0.61 -29.29
CA TRP A 787 -43.52 0.16 -28.63
C TRP A 787 -43.32 1.66 -28.82
N GLU A 788 -44.39 2.41 -29.12
CA GLU A 788 -44.39 3.86 -28.84
C GLU A 788 -44.18 4.00 -27.34
N ASN A 789 -43.55 5.09 -26.96
CA ASN A 789 -43.35 5.49 -25.54
C ASN A 789 -44.34 6.60 -25.22
N PRO A 790 -45.37 6.35 -24.37
CA PRO A 790 -46.45 7.32 -24.16
C PRO A 790 -46.08 8.48 -23.22
N ASP A 791 -44.90 8.41 -22.61
CA ASP A 791 -44.39 9.54 -21.79
C ASP A 791 -44.46 10.84 -22.59
N ILE A 792 -44.76 11.95 -21.91
CA ILE A 792 -45.20 13.21 -22.60
C ILE A 792 -44.04 13.69 -23.47
N MET A 793 -42.82 13.53 -22.98
CA MET A 793 -41.61 14.03 -23.68
C MET A 793 -40.69 12.86 -23.95
N SER A 794 -41.17 11.96 -24.80
CA SER A 794 -40.42 10.76 -25.26
C SER A 794 -39.26 11.18 -26.18
N GLU A 795 -39.43 12.31 -26.86
CA GLU A 795 -38.47 12.79 -27.90
C GLU A 795 -37.05 12.88 -27.35
N LEU A 796 -36.91 13.31 -26.10
CA LEU A 796 -35.60 13.62 -25.50
C LEU A 796 -34.81 12.36 -25.17
N LEU A 797 -35.48 11.30 -24.70
CA LEU A 797 -34.81 10.11 -24.13
C LEU A 797 -35.19 8.84 -24.90
N PHE A 798 -36.42 8.35 -24.77
CA PHE A 798 -36.82 7.06 -25.37
C PHE A 798 -38.05 7.16 -26.28
N GLN A 799 -37.83 7.40 -27.56
CA GLN A 799 -38.95 7.53 -28.50
C GLN A 799 -39.54 6.13 -28.68
N ASN A 800 -38.67 5.13 -28.69
CA ASN A 800 -39.02 3.72 -29.00
C ASN A 800 -38.42 2.78 -27.95
N ASN A 801 -39.25 2.00 -27.29
CA ASN A 801 -38.81 0.86 -26.46
C ASN A 801 -38.82 -0.40 -27.32
N GLU A 802 -37.63 -0.96 -27.52
CA GLU A 802 -37.43 -2.21 -28.27
C GLU A 802 -37.06 -3.33 -27.30
N ILE A 803 -37.75 -4.45 -27.39
CA ILE A 803 -37.44 -5.63 -26.54
C ILE A 803 -37.48 -6.89 -27.38
N ILE A 804 -36.52 -7.78 -27.18
CA ILE A 804 -36.52 -9.15 -27.75
C ILE A 804 -37.26 -10.05 -26.78
N PHE A 805 -38.15 -10.89 -27.30
CA PHE A 805 -38.82 -11.95 -26.52
C PHE A 805 -38.37 -13.30 -27.07
N LYS A 806 -37.63 -14.05 -26.27
CA LYS A 806 -37.12 -15.39 -26.66
C LYS A 806 -37.84 -16.46 -25.86
N ASN A 807 -38.37 -17.47 -26.55
CA ASN A 807 -38.93 -18.68 -25.91
C ASN A 807 -38.05 -19.91 -26.18
N GLY A 808 -37.62 -20.60 -25.11
CA GLY A 808 -37.04 -21.93 -25.25
C GLY A 808 -35.60 -21.96 -24.86
N ASP A 809 -34.94 -20.82 -24.69
CA ASP A 809 -33.51 -20.85 -24.25
C ASP A 809 -33.32 -20.35 -22.82
N ASP A 810 -32.49 -21.05 -22.03
CA ASP A 810 -32.25 -20.68 -20.63
C ASP A 810 -31.41 -19.44 -20.76
N LEU A 811 -31.88 -18.36 -20.12
CA LEU A 811 -31.25 -17.02 -20.14
C LEU A 811 -30.65 -16.64 -18.78
N ARG A 812 -30.64 -17.59 -17.85
CA ARG A 812 -30.13 -17.39 -16.47
C ARG A 812 -28.62 -17.18 -16.46
N GLN A 813 -27.93 -17.95 -17.30
CA GLN A 813 -26.47 -17.83 -17.51
C GLN A 813 -26.11 -16.40 -17.94
N ASP A 814 -26.77 -15.93 -18.99
CA ASP A 814 -26.63 -14.53 -19.45
C ASP A 814 -26.95 -13.56 -18.30
N MET A 815 -28.04 -13.86 -17.60
CA MET A 815 -28.55 -13.02 -16.49
C MET A 815 -27.48 -12.88 -15.40
N LEU A 816 -26.83 -13.99 -15.07
CA LEU A 816 -25.78 -14.02 -14.04
C LEU A 816 -24.48 -13.38 -14.54
N THR A 817 -24.12 -13.68 -15.79
CA THR A 817 -22.91 -13.09 -16.43
C THR A 817 -22.96 -11.55 -16.45
N LEU A 818 -24.11 -11.05 -16.95
CA LEU A 818 -24.35 -9.60 -17.11
C LEU A 818 -24.29 -8.90 -15.76
N GLN A 819 -24.90 -9.51 -14.73
CA GLN A 819 -24.87 -8.98 -13.36
C GLN A 819 -23.40 -8.75 -12.98
N ILE A 820 -22.56 -9.72 -13.33
CA ILE A 820 -21.14 -9.71 -12.87
C ILE A 820 -20.34 -8.65 -13.62
N ILE A 821 -20.68 -8.40 -14.88
CA ILE A 821 -19.99 -7.37 -15.70
C ILE A 821 -20.30 -5.98 -15.14
N ARG A 822 -21.51 -5.80 -14.60
CA ARG A 822 -21.95 -4.55 -13.93
C ARG A 822 -21.05 -4.23 -12.74
N ILE A 823 -20.87 -5.24 -11.90
CA ILE A 823 -20.08 -5.16 -10.63
C ILE A 823 -18.60 -4.95 -10.95
N MET A 824 -18.10 -5.55 -12.02
CA MET A 824 -16.71 -5.30 -12.51
C MET A 824 -16.55 -3.85 -12.93
N GLU A 825 -17.55 -3.32 -13.64
CA GLU A 825 -17.55 -1.89 -14.03
C GLU A 825 -17.62 -0.98 -12.81
N ASN A 826 -18.50 -1.32 -11.86
CA ASN A 826 -18.74 -0.55 -10.61
C ASN A 826 -17.48 -0.44 -9.74
N ILE A 827 -16.71 -1.51 -9.75
CA ILE A 827 -15.46 -1.64 -8.95
C ILE A 827 -14.39 -0.76 -9.57
N TRP A 828 -14.22 -0.89 -10.89
CA TRP A 828 -13.33 -0.05 -11.72
C TRP A 828 -13.66 1.43 -11.60
N GLN A 829 -14.92 1.77 -11.79
CA GLN A 829 -15.42 3.17 -11.83
C GLN A 829 -15.20 3.88 -10.48
N ASN A 830 -15.41 3.18 -9.38
CA ASN A 830 -15.44 3.83 -8.04
C ASN A 830 -14.03 3.78 -7.46
N GLN A 831 -13.08 3.24 -8.23
CA GLN A 831 -11.64 3.20 -7.85
C GLN A 831 -10.81 4.17 -8.71
N GLY A 832 -11.47 4.91 -9.59
CA GLY A 832 -10.84 5.80 -10.57
C GLY A 832 -10.47 5.16 -11.89
N LEU A 833 -10.86 3.89 -12.14
CA LEU A 833 -10.52 3.32 -13.48
C LEU A 833 -11.68 3.48 -14.48
N ASP A 834 -11.55 4.37 -15.47
CA ASP A 834 -12.71 4.79 -16.28
C ASP A 834 -12.85 3.83 -17.46
N LEU A 835 -13.31 2.60 -17.19
CA LEU A 835 -13.66 1.59 -18.21
C LEU A 835 -15.18 1.47 -18.30
N ARG A 836 -15.71 1.56 -19.50
CA ARG A 836 -17.17 1.61 -19.74
C ARG A 836 -17.65 0.27 -20.31
N MET A 837 -18.36 -0.48 -19.47
CA MET A 837 -19.10 -1.71 -19.88
C MET A 837 -20.55 -1.37 -20.17
N LEU A 838 -21.21 -2.30 -20.89
CA LEU A 838 -22.64 -2.24 -21.22
C LEU A 838 -23.32 -3.56 -20.85
N PRO A 839 -23.62 -3.78 -19.56
CA PRO A 839 -24.47 -4.90 -19.15
C PRO A 839 -25.94 -4.56 -19.40
N TYR A 840 -26.34 -4.65 -20.67
CA TYR A 840 -27.76 -4.54 -21.11
C TYR A 840 -28.68 -5.39 -20.22
N GLY A 841 -29.95 -4.99 -20.23
CA GLY A 841 -31.07 -5.68 -19.58
C GLY A 841 -31.30 -7.10 -20.07
N CYS A 842 -31.50 -8.01 -19.13
CA CYS A 842 -31.94 -9.40 -19.42
C CYS A 842 -32.65 -9.97 -18.21
N LEU A 843 -33.82 -10.57 -18.43
CA LEU A 843 -34.67 -11.12 -17.34
C LEU A 843 -35.26 -12.47 -17.77
N SER A 844 -35.13 -13.46 -16.90
CA SER A 844 -35.82 -14.76 -17.04
C SER A 844 -37.21 -14.64 -16.43
N ILE A 845 -38.26 -15.09 -17.13
CA ILE A 845 -39.64 -14.89 -16.59
C ILE A 845 -40.26 -16.26 -16.29
N GLY A 846 -39.49 -17.31 -16.59
CA GLY A 846 -39.94 -18.71 -16.48
C GLY A 846 -39.06 -19.60 -17.28
N ASP A 847 -39.47 -20.86 -17.49
CA ASP A 847 -38.58 -21.97 -17.90
C ASP A 847 -38.17 -21.79 -19.37
N CYS A 848 -37.00 -21.18 -19.57
CA CYS A 848 -36.41 -20.89 -20.89
C CYS A 848 -37.22 -19.84 -21.65
N VAL A 849 -37.87 -18.95 -20.91
CA VAL A 849 -38.64 -17.81 -21.46
C VAL A 849 -38.05 -16.56 -20.81
N GLY A 850 -37.74 -15.56 -21.63
CA GLY A 850 -37.11 -14.33 -21.13
C GLY A 850 -37.21 -13.16 -22.08
N LEU A 851 -36.80 -12.00 -21.58
CA LEU A 851 -36.75 -10.74 -22.34
C LEU A 851 -35.31 -10.24 -22.42
N ILE A 852 -35.01 -9.49 -23.47
CA ILE A 852 -33.67 -8.87 -23.65
C ILE A 852 -33.86 -7.42 -24.10
N GLU A 853 -33.24 -6.48 -23.38
CA GLU A 853 -33.05 -5.09 -23.83
C GLU A 853 -32.27 -5.11 -25.15
N VAL A 854 -32.76 -4.30 -26.07
CA VAL A 854 -32.09 -3.97 -27.36
C VAL A 854 -31.27 -2.70 -27.16
N VAL A 855 -29.95 -2.84 -27.19
CA VAL A 855 -29.03 -1.69 -27.27
C VAL A 855 -29.22 -1.17 -28.68
N ARG A 856 -29.61 0.09 -28.81
CA ARG A 856 -29.87 0.76 -30.10
C ARG A 856 -28.56 1.25 -30.74
N ASN A 857 -28.64 1.46 -32.04
CA ASN A 857 -27.58 2.09 -32.86
C ASN A 857 -26.27 1.35 -32.69
N SER A 858 -26.37 0.01 -32.70
CA SER A 858 -25.24 -0.92 -32.50
C SER A 858 -25.24 -2.03 -33.53
N HIS A 859 -24.07 -2.39 -34.02
CA HIS A 859 -23.89 -3.45 -35.06
C HIS A 859 -22.80 -4.41 -34.67
N THR A 860 -22.94 -5.68 -35.01
CA THR A 860 -21.91 -6.70 -34.73
C THR A 860 -20.71 -6.47 -35.63
N ILE A 861 -19.52 -6.91 -35.22
CA ILE A 861 -18.30 -6.74 -36.04
C ILE A 861 -18.52 -7.40 -37.40
N MET A 862 -19.17 -8.57 -37.35
CA MET A 862 -19.60 -9.34 -38.54
C MET A 862 -20.37 -8.45 -39.50
N GLN A 863 -21.39 -7.75 -39.02
CA GLN A 863 -22.16 -6.79 -39.87
C GLN A 863 -21.23 -5.85 -40.70
N ILE A 864 -20.30 -5.25 -39.96
CA ILE A 864 -19.37 -4.23 -40.50
C ILE A 864 -18.52 -4.90 -41.56
N GLN A 865 -18.02 -6.09 -41.24
CA GLN A 865 -17.14 -6.86 -42.17
C GLN A 865 -17.84 -7.10 -43.51
N CYS A 866 -19.07 -7.60 -43.45
CA CYS A 866 -19.87 -8.04 -44.61
C CYS A 866 -19.92 -6.97 -45.67
N LYS A 867 -19.91 -5.71 -45.24
CA LYS A 867 -20.00 -4.53 -46.14
C LYS A 867 -18.59 -4.01 -46.50
N GLY A 868 -18.01 -4.60 -47.55
CA GLY A 868 -16.64 -4.33 -48.00
C GLY A 868 -15.76 -5.55 -47.83
N GLY A 869 -14.50 -5.33 -47.45
CA GLY A 869 -13.52 -6.39 -47.14
C GLY A 869 -13.60 -7.55 -48.12
N ASN A 877 -11.13 -6.12 -44.30
CA ASN A 877 -9.95 -5.23 -44.14
C ASN A 877 -9.95 -4.62 -42.74
N SER A 878 -8.76 -4.30 -42.24
CA SER A 878 -8.50 -3.75 -40.88
C SER A 878 -9.02 -2.32 -40.75
N HIS A 879 -8.80 -1.53 -41.79
CA HIS A 879 -9.08 -0.07 -41.79
C HIS A 879 -10.57 0.24 -41.89
N THR A 880 -11.38 -0.70 -42.38
CA THR A 880 -12.84 -0.52 -42.60
C THR A 880 -13.62 -0.38 -41.28
N LEU A 881 -13.22 -1.15 -40.27
CA LEU A 881 -13.72 -1.00 -38.88
C LEU A 881 -13.43 0.42 -38.37
N HIS A 882 -12.20 0.89 -38.53
CA HIS A 882 -11.84 2.27 -38.13
C HIS A 882 -12.76 3.24 -38.87
N GLN A 883 -12.62 3.20 -40.18
CA GLN A 883 -13.33 4.04 -41.17
C GLN A 883 -14.82 4.19 -40.87
N TRP A 884 -15.45 3.11 -40.44
CA TRP A 884 -16.85 3.10 -39.95
C TRP A 884 -17.03 4.02 -38.75
N LEU A 885 -16.16 3.89 -37.76
CA LEU A 885 -16.22 4.66 -36.50
C LEU A 885 -15.86 6.13 -36.73
N LYS A 886 -14.97 6.37 -37.68
CA LYS A 886 -14.60 7.74 -38.14
C LYS A 886 -15.75 8.31 -38.96
N ASP A 887 -16.21 7.49 -39.91
CA ASP A 887 -17.32 7.81 -40.84
C ASP A 887 -18.51 8.35 -40.02
N LYS A 888 -18.76 7.70 -38.88
CA LYS A 888 -19.93 8.07 -38.02
C LYS A 888 -19.68 9.27 -37.11
N ASN A 889 -18.49 9.37 -36.52
CA ASN A 889 -18.14 10.42 -35.53
C ASN A 889 -16.87 11.19 -35.94
N LYS A 890 -17.08 12.43 -36.38
CA LYS A 890 -16.02 13.25 -37.04
C LYS A 890 -15.77 14.51 -36.24
N GLY A 891 -14.57 15.11 -36.35
CA GLY A 891 -14.26 16.39 -35.70
C GLY A 891 -13.82 16.26 -34.26
N GLU A 892 -14.48 17.01 -33.36
CA GLU A 892 -14.21 17.00 -31.91
C GLU A 892 -14.92 15.88 -31.17
N ILE A 893 -15.61 14.99 -31.89
CA ILE A 893 -16.26 13.78 -31.32
C ILE A 893 -15.38 12.54 -31.56
N TYR A 894 -14.66 12.54 -32.69
CA TYR A 894 -13.75 11.47 -33.11
C TYR A 894 -12.74 11.13 -32.00
N ASP A 895 -12.25 12.19 -31.35
CA ASP A 895 -11.31 12.09 -30.21
C ASP A 895 -11.96 11.41 -29.00
N ALA A 896 -13.18 11.76 -28.70
CA ALA A 896 -13.95 11.22 -27.56
C ALA A 896 -14.47 9.81 -27.80
N ALA A 897 -14.79 9.48 -29.05
CA ALA A 897 -15.34 8.18 -29.46
C ALA A 897 -14.26 7.10 -29.58
N ILE A 898 -13.05 7.48 -29.91
CA ILE A 898 -11.86 6.58 -29.85
C ILE A 898 -11.50 6.30 -28.39
N ASP A 899 -11.57 7.32 -27.56
CA ASP A 899 -11.32 7.23 -26.10
C ASP A 899 -12.35 6.33 -25.42
N LEU A 900 -13.55 6.31 -25.94
CA LEU A 900 -14.64 5.37 -25.52
C LEU A 900 -14.31 3.96 -26.00
N PHE A 901 -13.92 3.82 -27.28
CA PHE A 901 -13.58 2.51 -27.87
C PHE A 901 -12.50 1.79 -27.04
N THR A 902 -11.37 2.48 -26.86
CA THR A 902 -10.23 2.02 -26.02
C THR A 902 -10.71 1.40 -24.72
N ARG A 903 -11.41 2.17 -23.91
CA ARG A 903 -11.84 1.84 -22.55
C ARG A 903 -12.79 0.66 -22.54
N SER A 904 -13.82 0.70 -23.40
CA SER A 904 -14.77 -0.43 -23.55
C SER A 904 -14.06 -1.71 -23.98
N CYS A 905 -13.17 -1.60 -24.98
CA CYS A 905 -12.38 -2.72 -25.51
C CYS A 905 -11.52 -3.36 -24.42
N ALA A 906 -10.91 -2.54 -23.59
CA ALA A 906 -10.03 -2.96 -22.48
C ALA A 906 -10.81 -3.77 -21.44
N GLY A 907 -11.99 -3.26 -21.06
CA GLY A 907 -12.82 -3.85 -20.00
C GLY A 907 -13.40 -5.20 -20.35
N TYR A 908 -13.79 -5.35 -21.64
CA TYR A 908 -14.36 -6.59 -22.21
C TYR A 908 -13.30 -7.56 -22.71
N CYS A 909 -12.04 -7.23 -22.49
CA CYS A 909 -10.86 -8.11 -22.66
C CYS A 909 -10.41 -8.65 -21.30
N VAL A 910 -10.41 -7.77 -20.29
CA VAL A 910 -10.09 -8.18 -18.89
C VAL A 910 -11.22 -9.04 -18.28
N ALA A 911 -12.47 -8.61 -18.45
CA ALA A 911 -13.63 -9.31 -17.86
C ALA A 911 -13.86 -10.65 -18.58
N THR A 912 -13.76 -10.59 -19.91
CA THR A 912 -13.78 -11.75 -20.84
C THR A 912 -12.78 -12.80 -20.38
N PHE A 913 -11.55 -12.41 -20.06
CA PHE A 913 -10.45 -13.32 -19.70
C PHE A 913 -10.73 -13.93 -18.34
N ILE A 914 -10.98 -13.08 -17.36
CA ILE A 914 -11.14 -13.53 -15.93
C ILE A 914 -12.29 -14.53 -15.92
N LEU A 915 -13.36 -14.24 -16.68
CA LEU A 915 -14.50 -15.17 -16.68
C LEU A 915 -14.31 -16.41 -17.56
N GLY A 916 -13.34 -16.39 -18.47
CA GLY A 916 -13.04 -17.52 -19.33
C GLY A 916 -14.00 -17.55 -20.48
N ILE A 917 -14.54 -16.40 -20.84
CA ILE A 917 -15.50 -16.27 -21.98
C ILE A 917 -14.75 -15.71 -23.20
N GLY A 918 -13.45 -15.95 -23.25
CA GLY A 918 -12.59 -15.54 -24.37
C GLY A 918 -12.69 -16.48 -25.55
N ASP A 919 -12.02 -16.11 -26.65
CA ASP A 919 -12.07 -16.85 -27.93
C ASP A 919 -13.50 -16.85 -28.48
N ARG A 920 -14.13 -15.69 -28.41
CA ARG A 920 -15.54 -15.46 -28.79
C ARG A 920 -15.56 -15.17 -30.28
N HIS A 921 -16.61 -15.63 -30.94
CA HIS A 921 -16.79 -15.41 -32.40
C HIS A 921 -17.08 -13.93 -32.67
N ASN A 922 -16.67 -13.43 -33.84
CA ASN A 922 -16.83 -12.00 -34.19
C ASN A 922 -18.30 -11.53 -34.16
N SER A 923 -19.23 -12.40 -34.53
CA SER A 923 -20.68 -12.09 -34.55
C SER A 923 -21.16 -11.72 -33.15
N ASN A 924 -20.43 -12.11 -32.12
CA ASN A 924 -20.89 -11.88 -30.72
C ASN A 924 -20.30 -10.62 -30.10
N ILE A 925 -19.53 -9.82 -30.87
CA ILE A 925 -19.05 -8.49 -30.39
C ILE A 925 -19.75 -7.40 -31.19
N MET A 926 -20.31 -6.41 -30.50
CA MET A 926 -21.01 -5.27 -31.15
C MET A 926 -20.24 -3.98 -30.88
N VAL A 927 -20.46 -2.99 -31.74
CA VAL A 927 -20.00 -1.60 -31.52
C VAL A 927 -21.16 -0.63 -31.64
N LYS A 928 -21.40 0.21 -30.63
CA LYS A 928 -22.31 1.37 -30.76
C LYS A 928 -21.69 2.41 -31.69
N ASP A 929 -22.51 3.27 -32.30
CA ASP A 929 -22.04 4.24 -33.30
C ASP A 929 -21.09 5.22 -32.62
N ASP A 930 -21.35 5.52 -31.34
CA ASP A 930 -20.57 6.51 -30.55
C ASP A 930 -19.25 5.90 -30.11
N GLY A 931 -19.13 4.57 -30.22
CA GLY A 931 -17.87 3.81 -30.13
C GLY A 931 -17.79 2.79 -29.01
N GLN A 932 -18.86 2.59 -28.25
CA GLN A 932 -18.86 1.63 -27.11
C GLN A 932 -18.91 0.19 -27.61
N LEU A 933 -17.91 -0.60 -27.21
CA LEU A 933 -17.84 -2.04 -27.55
C LEU A 933 -18.44 -2.87 -26.42
N PHE A 934 -19.16 -3.94 -26.78
CA PHE A 934 -19.69 -4.90 -25.78
C PHE A 934 -19.94 -6.30 -26.39
N HIS A 935 -19.97 -7.27 -25.50
CA HIS A 935 -20.22 -8.70 -25.83
C HIS A 935 -21.70 -9.02 -25.61
N ILE A 936 -22.20 -9.98 -26.37
CA ILE A 936 -23.64 -10.39 -26.32
C ILE A 936 -23.74 -11.91 -26.28
N ASP A 937 -24.89 -12.40 -25.81
CA ASP A 937 -25.33 -13.81 -25.93
C ASP A 937 -24.28 -14.72 -25.30
N PHE A 938 -24.13 -14.61 -23.98
CA PHE A 938 -23.15 -15.41 -23.20
C PHE A 938 -23.61 -16.85 -23.05
N GLY A 939 -24.90 -17.11 -23.29
CA GLY A 939 -25.45 -18.49 -23.33
C GLY A 939 -24.87 -19.34 -24.45
N HIS A 940 -24.94 -18.78 -25.65
CA HIS A 940 -24.50 -19.38 -26.93
C HIS A 940 -23.08 -19.91 -26.88
N PHE A 941 -22.28 -19.44 -25.92
CA PHE A 941 -20.88 -19.83 -25.74
C PHE A 941 -20.73 -20.97 -24.76
N LEU A 942 -21.41 -20.86 -23.61
CA LEU A 942 -21.32 -21.78 -22.48
C LEU A 942 -22.06 -23.07 -22.81
N ASP A 943 -22.79 -23.11 -23.93
CA ASP A 943 -23.53 -24.28 -24.44
C ASP A 943 -22.58 -25.05 -25.36
N HIS A 944 -21.91 -24.38 -26.30
CA HIS A 944 -20.99 -24.98 -27.31
C HIS A 944 -19.93 -25.84 -26.61
N LYS A 945 -19.32 -25.34 -25.52
CA LYS A 945 -18.29 -26.06 -24.73
C LYS A 945 -18.96 -27.10 -23.84
N VAL A 956 -7.10 -19.27 -27.40
CA VAL A 956 -6.89 -17.79 -27.29
C VAL A 956 -7.68 -17.28 -26.08
N PRO A 957 -6.99 -16.59 -25.14
CA PRO A 957 -7.63 -16.08 -23.93
C PRO A 957 -8.40 -14.76 -24.12
N PHE A 958 -7.78 -13.85 -24.85
CA PHE A 958 -8.35 -12.53 -25.21
C PHE A 958 -8.91 -12.52 -26.64
N VAL A 959 -9.78 -11.55 -26.88
CA VAL A 959 -10.46 -11.35 -28.18
C VAL A 959 -9.75 -10.24 -28.93
N LEU A 960 -8.65 -9.69 -28.41
CA LEU A 960 -7.94 -8.57 -29.04
C LEU A 960 -7.45 -8.95 -30.44
N THR A 961 -7.75 -8.08 -31.39
CA THR A 961 -7.52 -8.28 -32.83
C THR A 961 -6.73 -7.10 -33.40
N GLN A 962 -5.94 -7.37 -34.43
CA GLN A 962 -5.26 -6.33 -35.24
C GLN A 962 -6.28 -5.31 -35.76
N ASP A 963 -7.52 -5.77 -35.98
CA ASP A 963 -8.68 -4.89 -36.28
C ASP A 963 -8.76 -3.73 -35.31
N PHE A 964 -9.11 -4.02 -34.06
CA PHE A 964 -9.37 -3.03 -32.99
C PHE A 964 -8.09 -2.24 -32.70
N LEU A 965 -6.92 -2.86 -32.84
CA LEU A 965 -5.66 -2.15 -32.51
C LEU A 965 -5.46 -0.98 -33.49
N ILE A 966 -5.94 -1.14 -34.73
CA ILE A 966 -5.83 -0.02 -35.71
C ILE A 966 -6.66 1.16 -35.18
N VAL A 967 -7.82 0.86 -34.62
CA VAL A 967 -8.81 1.87 -34.14
C VAL A 967 -8.24 2.61 -32.92
N ILE A 968 -7.79 1.85 -31.93
CA ILE A 968 -7.27 2.47 -30.67
C ILE A 968 -6.06 3.37 -30.99
N SER A 969 -5.11 2.85 -31.75
CA SER A 969 -3.89 3.61 -32.11
C SER A 969 -4.31 4.70 -33.09
N LYS A 970 -5.32 4.38 -33.91
CA LYS A 970 -5.98 5.27 -34.92
C LYS A 970 -5.01 5.75 -36.00
N GLY A 971 -3.91 5.05 -36.25
CA GLY A 971 -2.87 5.54 -37.18
C GLY A 971 -2.38 4.53 -38.19
N ALA A 972 -1.05 4.42 -38.30
CA ALA A 972 -0.34 3.55 -39.26
C ALA A 972 -0.70 2.10 -38.96
N GLN A 973 -0.91 1.33 -40.02
CA GLN A 973 -1.28 -0.11 -39.93
C GLN A 973 -0.17 -0.86 -39.20
N GLU A 974 1.09 -0.61 -39.55
CA GLU A 974 2.24 -1.33 -38.96
C GLU A 974 2.58 -0.76 -37.58
N CYS A 975 1.70 -0.97 -36.60
CA CYS A 975 1.92 -0.51 -35.22
C CYS A 975 2.11 -1.69 -34.27
N THR A 976 3.32 -1.90 -33.75
CA THR A 976 3.57 -2.95 -32.74
C THR A 976 3.11 -2.33 -31.43
N LYS A 977 3.72 -1.21 -31.05
CA LYS A 977 3.30 -0.39 -29.90
C LYS A 977 3.04 1.02 -30.42
N THR A 978 2.28 1.82 -29.69
CA THR A 978 2.09 3.27 -29.98
C THR A 978 1.93 4.07 -28.68
N ARG A 979 2.06 5.39 -28.80
CA ARG A 979 1.83 6.27 -27.61
C ARG A 979 0.50 5.84 -27.00
N GLU A 980 -0.53 5.78 -27.83
CA GLU A 980 -1.92 5.51 -27.38
C GLU A 980 -2.04 4.09 -26.85
N PHE A 981 -1.46 3.16 -27.60
CA PHE A 981 -1.46 1.70 -27.30
C PHE A 981 -0.96 1.41 -25.90
N GLU A 982 0.19 1.99 -25.52
CA GLU A 982 0.84 1.75 -24.21
C GLU A 982 -0.14 1.99 -23.06
N ARG A 983 -0.93 3.06 -23.20
CA ARG A 983 -1.96 3.45 -22.20
C ARG A 983 -2.99 2.33 -22.09
N PHE A 984 -3.65 2.04 -23.21
CA PHE A 984 -4.63 0.96 -23.39
C PHE A 984 -4.20 -0.29 -22.63
N GLN A 985 -2.92 -0.60 -22.73
CA GLN A 985 -2.27 -1.75 -22.06
C GLN A 985 -2.25 -1.53 -20.55
N GLU A 986 -1.84 -0.33 -20.12
CA GLU A 986 -1.75 -0.01 -18.67
C GLU A 986 -3.15 -0.03 -18.04
N MET A 987 -4.16 0.37 -18.84
CA MET A 987 -5.57 0.26 -18.46
C MET A 987 -5.88 -1.16 -18.04
N CYS A 988 -5.58 -2.12 -18.93
CA CYS A 988 -5.84 -3.56 -18.74
C CYS A 988 -5.20 -4.07 -17.44
N TYR A 989 -3.96 -3.65 -17.17
CA TYR A 989 -3.19 -4.18 -16.01
C TYR A 989 -3.86 -3.68 -14.72
N LYS A 990 -4.10 -2.36 -14.69
CA LYS A 990 -4.85 -1.77 -13.55
C LYS A 990 -6.21 -2.41 -13.42
N ALA A 991 -6.92 -2.60 -14.53
CA ALA A 991 -8.24 -3.28 -14.57
C ALA A 991 -8.12 -4.67 -13.97
N TYR A 992 -7.30 -5.54 -14.57
CA TYR A 992 -7.02 -6.90 -14.10
C TYR A 992 -6.68 -6.93 -12.62
N LEU A 993 -5.81 -6.03 -12.17
CA LEU A 993 -5.34 -6.04 -10.76
C LEU A 993 -6.46 -5.62 -9.82
N ALA A 994 -7.37 -4.78 -10.31
CA ALA A 994 -8.52 -4.30 -9.52
C ALA A 994 -9.45 -5.44 -9.14
N ILE A 995 -9.71 -6.33 -10.10
CA ILE A 995 -10.57 -7.53 -9.88
C ILE A 995 -9.84 -8.51 -8.97
N ARG A 996 -8.52 -8.66 -9.13
CA ARG A 996 -7.71 -9.63 -8.35
C ARG A 996 -7.88 -9.34 -6.85
N GLN A 997 -7.88 -8.06 -6.52
CA GLN A 997 -7.97 -7.53 -5.13
C GLN A 997 -9.40 -7.64 -4.60
N HIS A 998 -10.36 -7.91 -5.47
CA HIS A 998 -11.78 -8.15 -5.10
C HIS A 998 -12.18 -9.58 -5.47
N ALA A 999 -11.21 -10.47 -5.65
CA ALA A 999 -11.45 -11.89 -5.98
C ALA A 999 -12.61 -12.45 -5.12
N ASN A 1000 -12.48 -12.21 -3.81
CA ASN A 1000 -13.34 -12.83 -2.76
C ASN A 1000 -14.81 -12.65 -3.10
N LEU A 1001 -15.18 -11.45 -3.52
CA LEU A 1001 -16.60 -11.10 -3.80
C LEU A 1001 -17.14 -11.95 -4.94
N PHE A 1002 -16.40 -12.01 -6.05
CA PHE A 1002 -16.83 -12.73 -7.27
C PHE A 1002 -16.92 -14.24 -7.00
N ILE A 1003 -15.93 -14.75 -6.24
CA ILE A 1003 -15.97 -16.17 -5.76
C ILE A 1003 -17.30 -16.42 -5.03
N ASN A 1004 -17.64 -15.53 -4.10
CA ASN A 1004 -18.85 -15.67 -3.25
C ASN A 1004 -20.15 -15.50 -4.05
N LEU A 1005 -20.15 -14.59 -5.01
CA LEU A 1005 -21.30 -14.41 -5.90
C LEU A 1005 -21.58 -15.71 -6.64
N PHE A 1006 -20.54 -16.30 -7.22
CA PHE A 1006 -20.64 -17.62 -7.91
C PHE A 1006 -20.96 -18.75 -6.94
N SER A 1007 -20.39 -18.71 -5.74
CA SER A 1007 -20.63 -19.74 -4.70
C SER A 1007 -22.09 -19.81 -4.30
N MET A 1008 -22.74 -18.65 -4.15
CA MET A 1008 -24.17 -18.58 -3.78
C MET A 1008 -25.09 -19.10 -4.87
N MET A 1009 -24.65 -19.13 -6.13
CA MET A 1009 -25.42 -19.60 -7.29
C MET A 1009 -25.19 -21.07 -7.64
N LEU A 1010 -24.64 -21.86 -6.71
CA LEU A 1010 -24.49 -23.32 -6.88
C LEU A 1010 -25.84 -24.04 -6.68
N GLY A 1011 -26.60 -23.60 -5.69
CA GLY A 1011 -28.00 -24.01 -5.46
C GLY A 1011 -28.80 -24.01 -6.73
N SER A 1012 -28.81 -22.88 -7.41
CA SER A 1012 -29.53 -22.68 -8.68
C SER A 1012 -29.16 -23.80 -9.65
N GLY A 1013 -30.15 -24.41 -10.31
CA GLY A 1013 -29.86 -25.44 -11.32
C GLY A 1013 -29.24 -24.81 -12.54
N MET A 1014 -27.91 -24.82 -12.61
CA MET A 1014 -27.19 -24.47 -13.87
C MET A 1014 -26.10 -25.50 -14.18
N PRO A 1015 -26.09 -26.09 -15.40
CA PRO A 1015 -25.10 -27.12 -15.72
C PRO A 1015 -23.64 -26.73 -15.49
N GLU A 1016 -23.36 -25.43 -15.49
CA GLU A 1016 -21.97 -24.91 -15.47
C GLU A 1016 -21.47 -24.64 -14.04
N LEU A 1017 -22.42 -24.49 -13.11
CA LEU A 1017 -22.21 -24.18 -11.67
C LEU A 1017 -22.99 -25.16 -10.78
N GLN A 1018 -22.38 -26.32 -10.56
CA GLN A 1018 -22.96 -27.41 -9.76
C GLN A 1018 -22.11 -27.77 -8.54
N SER A 1019 -20.80 -27.47 -8.61
CA SER A 1019 -19.82 -27.63 -7.52
C SER A 1019 -18.79 -26.49 -7.50
N PHE A 1020 -18.10 -26.40 -6.37
CA PHE A 1020 -17.00 -25.43 -6.16
C PHE A 1020 -15.85 -25.71 -7.12
N ASP A 1021 -15.79 -26.93 -7.63
CA ASP A 1021 -14.66 -27.37 -8.51
C ASP A 1021 -14.74 -26.62 -9.84
N ASP A 1022 -15.98 -26.30 -10.25
CA ASP A 1022 -16.27 -25.55 -11.49
C ASP A 1022 -15.81 -24.10 -11.33
N ILE A 1023 -16.05 -23.51 -10.18
CA ILE A 1023 -15.75 -22.08 -9.90
C ILE A 1023 -14.24 -21.88 -9.80
N ALA A 1024 -13.47 -22.93 -9.47
CA ALA A 1024 -12.01 -22.77 -9.23
C ALA A 1024 -11.23 -22.28 -10.45
N TYR A 1025 -11.84 -22.23 -11.63
CA TYR A 1025 -11.20 -21.68 -12.84
C TYR A 1025 -10.85 -20.21 -12.62
N ILE A 1026 -11.69 -19.51 -11.86
CA ILE A 1026 -11.51 -18.05 -11.57
C ILE A 1026 -10.18 -17.76 -10.86
N ARG A 1027 -9.76 -18.68 -10.01
CA ARG A 1027 -8.51 -18.56 -9.24
C ARG A 1027 -7.33 -18.61 -10.21
N LYS A 1028 -7.44 -19.49 -11.21
CA LYS A 1028 -6.34 -19.71 -12.20
C LYS A 1028 -6.14 -18.42 -13.01
N THR A 1029 -7.24 -17.79 -13.40
CA THR A 1029 -7.21 -16.58 -14.26
C THR A 1029 -6.67 -15.43 -13.43
N LEU A 1030 -7.19 -15.31 -12.21
CA LEU A 1030 -6.75 -14.25 -11.27
C LEU A 1030 -5.36 -14.57 -10.69
N ALA A 1031 -4.93 -15.81 -10.78
CA ALA A 1031 -3.61 -16.30 -10.33
C ALA A 1031 -3.46 -15.98 -8.85
N LEU A 1032 -4.48 -16.33 -8.07
CA LEU A 1032 -4.54 -15.91 -6.65
C LEU A 1032 -3.40 -16.49 -5.81
N ASP A 1033 -3.04 -17.74 -6.09
CA ASP A 1033 -1.91 -18.42 -5.41
C ASP A 1033 -0.59 -17.63 -5.49
N LYS A 1034 -0.28 -17.14 -6.69
CA LYS A 1034 1.00 -16.41 -6.96
C LYS A 1034 1.03 -15.02 -6.30
N THR A 1035 2.22 -14.51 -6.03
CA THR A 1035 2.42 -13.11 -5.57
C THR A 1035 1.68 -12.15 -6.51
N GLU A 1036 1.32 -10.97 -6.00
CA GLU A 1036 0.64 -9.94 -6.84
C GLU A 1036 1.54 -9.62 -8.03
N GLN A 1037 2.77 -9.21 -7.77
CA GLN A 1037 3.71 -8.84 -8.86
C GLN A 1037 3.66 -9.91 -9.95
N GLU A 1038 3.60 -11.17 -9.51
CA GLU A 1038 3.72 -12.35 -10.41
C GLU A 1038 2.52 -12.41 -11.36
N ALA A 1039 1.35 -12.13 -10.77
CA ALA A 1039 0.03 -12.18 -11.43
C ALA A 1039 -0.09 -11.17 -12.57
N LEU A 1040 0.51 -10.00 -12.41
CA LEU A 1040 0.72 -9.01 -13.48
C LEU A 1040 1.46 -9.68 -14.64
N GLU A 1041 2.60 -10.30 -14.31
CA GLU A 1041 3.42 -11.03 -15.29
C GLU A 1041 2.60 -12.12 -15.98
N TYR A 1042 1.89 -12.92 -15.18
CA TYR A 1042 0.97 -13.98 -15.67
C TYR A 1042 -0.05 -13.42 -16.66
N PHE A 1043 -0.69 -12.33 -16.30
CA PHE A 1043 -1.71 -11.69 -17.16
C PHE A 1043 -1.08 -11.12 -18.43
N MET A 1044 0.11 -10.51 -18.25
CA MET A 1044 0.87 -9.89 -19.38
C MET A 1044 1.27 -10.96 -20.40
N LYS A 1045 1.55 -12.19 -19.92
CA LYS A 1045 1.78 -13.35 -20.81
C LYS A 1045 0.57 -13.44 -21.75
N GLN A 1046 -0.61 -13.61 -21.15
CA GLN A 1046 -1.89 -13.88 -21.84
C GLN A 1046 -2.21 -12.81 -22.87
N MET A 1047 -1.91 -11.56 -22.52
CA MET A 1047 -2.06 -10.37 -23.37
C MET A 1047 -1.19 -10.50 -24.62
N ASN A 1048 0.14 -10.63 -24.42
CA ASN A 1048 1.06 -10.94 -25.55
C ASN A 1048 0.53 -12.12 -26.37
N ASP A 1049 0.32 -13.24 -25.68
CA ASP A 1049 -0.08 -14.55 -26.24
C ASP A 1049 -1.30 -14.43 -27.17
N ALA A 1050 -2.19 -13.48 -26.91
CA ALA A 1050 -3.46 -13.29 -27.65
C ALA A 1050 -3.26 -12.34 -28.83
N ARG A 1051 -2.10 -12.42 -29.49
CA ARG A 1051 -1.87 -11.76 -30.80
C ARG A 1051 -2.14 -12.72 -31.95
N HIS A 1052 -2.66 -12.17 -33.05
CA HIS A 1052 -2.75 -12.80 -34.39
C HIS A 1052 -4.02 -12.32 -35.11
N ASP A 1060 -11.84 -17.93 -45.02
CA ASP A 1060 -13.06 -18.63 -44.54
C ASP A 1060 -13.32 -18.22 -43.09
N TRP A 1061 -14.23 -17.28 -42.87
CA TRP A 1061 -14.63 -16.74 -41.53
C TRP A 1061 -16.03 -17.24 -41.15
N ILE A 1062 -16.90 -17.46 -42.14
CA ILE A 1062 -18.31 -17.90 -41.96
C ILE A 1062 -18.31 -19.28 -41.29
N PHE A 1063 -17.53 -20.22 -41.84
CA PHE A 1063 -17.34 -21.60 -41.33
C PHE A 1063 -16.08 -21.67 -40.45
N ASP B 16 1.66 -32.47 -8.89
CA ASP B 16 1.06 -31.20 -8.38
C ASP B 16 -0.44 -31.20 -8.69
N ILE B 17 -1.04 -32.38 -8.55
CA ILE B 17 -2.45 -32.68 -8.92
C ILE B 17 -3.39 -31.57 -8.47
N SER B 18 -4.55 -31.51 -9.12
CA SER B 18 -5.62 -30.52 -8.86
C SER B 18 -6.44 -30.92 -7.63
N ARG B 19 -7.27 -29.99 -7.16
CA ARG B 19 -8.24 -30.21 -6.06
C ARG B 19 -9.47 -30.98 -6.51
N GLU B 20 -9.59 -31.27 -7.80
CA GLU B 20 -10.73 -31.97 -8.39
C GLU B 20 -10.36 -33.43 -8.58
N GLU B 21 -9.08 -33.75 -8.36
CA GLU B 21 -8.48 -35.07 -8.59
C GLU B 21 -8.19 -35.79 -7.27
N VAL B 22 -8.11 -35.03 -6.18
CA VAL B 22 -8.00 -35.61 -4.80
C VAL B 22 -9.32 -36.26 -4.44
N ASN B 23 -10.40 -35.51 -4.63
CA ASN B 23 -11.79 -35.95 -4.37
C ASN B 23 -12.20 -37.13 -5.25
N GLU B 24 -11.73 -37.20 -6.50
CA GLU B 24 -12.01 -38.33 -7.40
C GLU B 24 -11.46 -39.62 -6.80
N LYS B 25 -10.30 -39.53 -6.12
CA LYS B 25 -9.54 -40.72 -5.69
C LYS B 25 -9.96 -41.11 -4.28
N LEU B 26 -10.71 -40.24 -3.56
CA LEU B 26 -11.25 -40.58 -2.23
C LEU B 26 -12.68 -41.08 -2.29
N ARG B 27 -13.25 -41.34 -3.48
CA ARG B 27 -14.69 -41.58 -3.63
C ARG B 27 -14.96 -43.08 -3.47
N ASP B 28 -15.73 -43.42 -2.43
CA ASP B 28 -16.02 -44.83 -2.06
C ASP B 28 -14.68 -45.49 -1.72
N THR B 29 -13.83 -44.72 -1.02
CA THR B 29 -12.62 -45.29 -0.34
C THR B 29 -12.83 -45.40 1.18
N ALA B 30 -12.24 -46.42 1.81
CA ALA B 30 -12.26 -46.52 3.29
C ALA B 30 -11.47 -45.37 3.93
N ASP B 31 -11.91 -44.92 5.11
CA ASP B 31 -11.31 -43.75 5.78
C ASP B 31 -9.86 -44.08 6.20
N GLY B 32 -8.96 -43.13 5.99
CA GLY B 32 -7.55 -43.34 6.35
C GLY B 32 -6.65 -43.73 5.19
N THR B 33 -7.16 -43.78 3.95
CA THR B 33 -6.37 -43.83 2.73
C THR B 33 -5.53 -42.56 2.62
N PHE B 34 -4.34 -42.70 2.04
CA PHE B 34 -3.34 -41.60 1.99
C PHE B 34 -2.46 -41.63 0.73
N LEU B 35 -1.91 -40.45 0.44
CA LEU B 35 -1.22 -40.11 -0.82
C LEU B 35 -0.50 -38.76 -0.62
N VAL B 36 0.53 -38.54 -1.41
CA VAL B 36 1.41 -37.34 -1.33
C VAL B 36 1.17 -36.50 -2.59
N ARG B 37 1.32 -35.19 -2.41
CA ARG B 37 1.11 -34.18 -3.46
C ARG B 37 2.19 -33.08 -3.39
N ASP B 38 2.37 -32.42 -4.51
CA ASP B 38 3.29 -31.23 -4.59
C ASP B 38 2.52 -29.95 -4.30
N ALA B 39 3.13 -29.03 -3.54
CA ALA B 39 2.53 -27.73 -3.17
C ALA B 39 3.13 -26.60 -4.01
N SER B 40 2.52 -25.42 -3.92
CA SER B 40 2.92 -24.23 -4.69
C SER B 40 4.08 -23.55 -3.96
N TYR B 47 5.18 -30.31 -0.06
CA TYR B 47 4.28 -31.47 -0.32
C TYR B 47 3.13 -31.50 0.68
N THR B 48 2.01 -32.13 0.27
CA THR B 48 0.74 -32.10 1.03
C THR B 48 0.12 -33.50 1.21
N LEU B 49 -0.06 -33.92 2.47
CA LEU B 49 -0.43 -35.30 2.80
C LEU B 49 -1.94 -35.31 3.03
N THR B 50 -2.70 -35.67 2.02
CA THR B 50 -4.18 -35.70 2.10
C THR B 50 -4.56 -37.03 2.78
N LEU B 51 -5.80 -37.17 3.10
CA LEU B 51 -6.30 -38.35 3.86
C LEU B 51 -7.82 -38.33 3.82
N ARG B 52 -8.41 -39.51 4.08
CA ARG B 52 -9.88 -39.75 4.13
C ARG B 52 -10.33 -40.13 5.56
N LYS B 53 -11.06 -39.25 6.22
CA LYS B 53 -11.61 -39.49 7.57
C LYS B 53 -12.81 -38.58 7.81
N GLY B 54 -13.88 -39.18 8.34
CA GLY B 54 -15.19 -38.55 8.53
C GLY B 54 -16.07 -38.72 7.31
N GLY B 55 -15.48 -39.19 6.20
CA GLY B 55 -16.06 -39.06 4.85
C GLY B 55 -15.63 -37.79 4.15
N ASN B 56 -14.41 -37.32 4.45
CA ASN B 56 -13.89 -36.00 4.05
C ASN B 56 -12.50 -36.12 3.42
N ASN B 57 -11.93 -34.96 3.17
CA ASN B 57 -10.56 -34.81 2.60
C ASN B 57 -9.72 -33.85 3.44
N LYS B 58 -8.90 -34.40 4.33
CA LYS B 58 -8.05 -33.64 5.25
C LYS B 58 -6.81 -33.19 4.49
N LEU B 59 -6.15 -32.15 4.93
CA LEU B 59 -4.79 -31.76 4.47
C LEU B 59 -3.86 -31.72 5.66
N ILE B 60 -2.75 -32.46 5.65
CA ILE B 60 -1.63 -32.27 6.60
C ILE B 60 -0.31 -32.04 5.85
N LYS B 61 0.04 -30.76 5.68
CA LYS B 61 1.21 -30.32 4.89
C LYS B 61 2.53 -30.70 5.57
N ILE B 62 3.52 -30.93 4.69
CA ILE B 62 4.88 -31.35 5.14
C ILE B 62 5.92 -30.32 4.71
N PHE B 63 6.70 -29.81 5.67
CA PHE B 63 7.62 -28.68 5.47
C PHE B 63 8.95 -29.31 5.08
N HIS B 64 9.39 -29.13 3.84
CA HIS B 64 10.57 -29.82 3.27
C HIS B 64 11.59 -28.79 2.82
N LEU B 75 9.99 -31.64 12.64
CA LEU B 75 10.88 -32.51 11.83
C LEU B 75 11.88 -33.17 12.78
N THR B 76 11.33 -33.91 13.74
CA THR B 76 12.10 -34.63 14.79
C THR B 76 12.86 -35.81 14.19
N PHE B 77 12.26 -36.41 13.16
CA PHE B 77 12.82 -37.57 12.42
C PHE B 77 13.74 -37.09 11.29
N SER B 78 14.72 -37.93 10.93
CA SER B 78 15.80 -37.56 9.99
C SER B 78 15.36 -37.84 8.55
N SER B 79 14.04 -37.99 8.34
CA SER B 79 13.45 -38.24 7.01
C SER B 79 11.93 -38.04 7.02
N VAL B 80 11.38 -37.93 5.81
CA VAL B 80 9.92 -38.10 5.56
C VAL B 80 9.62 -39.60 5.43
N VAL B 81 10.54 -40.31 4.77
CA VAL B 81 10.49 -41.77 4.51
C VAL B 81 10.42 -42.54 5.84
N GLU B 82 11.28 -42.18 6.78
CA GLU B 82 11.27 -42.73 8.17
C GLU B 82 9.97 -42.37 8.90
N LEU B 83 9.48 -41.16 8.65
CA LEU B 83 8.33 -40.58 9.40
C LEU B 83 7.00 -41.28 9.06
N ILE B 84 6.71 -41.37 7.76
CA ILE B 84 5.46 -41.94 7.20
C ILE B 84 5.30 -43.35 7.72
N ASN B 85 6.39 -44.08 7.94
CA ASN B 85 6.34 -45.55 8.19
C ASN B 85 5.87 -45.91 9.61
N HIS B 86 5.96 -44.96 10.54
CA HIS B 86 5.64 -45.19 11.97
C HIS B 86 4.13 -45.19 12.15
N TYR B 87 3.50 -44.17 11.61
CA TYR B 87 2.04 -43.90 11.78
C TYR B 87 1.18 -45.06 11.22
N ARG B 88 1.57 -45.51 10.02
CA ARG B 88 1.06 -46.72 9.34
C ARG B 88 0.90 -47.88 10.34
N ASN B 89 1.90 -48.04 11.21
CA ASN B 89 1.91 -49.02 12.32
C ASN B 89 1.12 -48.42 13.48
N LEU B 99 -6.19 -36.18 17.80
CA LEU B 99 -6.88 -37.21 16.98
C LEU B 99 -5.96 -37.62 15.83
N ASP B 100 -4.70 -37.89 16.16
CA ASP B 100 -3.71 -38.43 15.19
C ASP B 100 -4.22 -39.78 14.68
N VAL B 101 -4.33 -39.92 13.37
CA VAL B 101 -5.05 -41.05 12.72
C VAL B 101 -4.16 -41.78 11.71
N LYS B 102 -4.32 -43.12 11.71
CA LYS B 102 -3.38 -44.06 11.02
C LYS B 102 -3.53 -44.05 9.50
N LEU B 103 -2.41 -44.25 8.79
CA LEU B 103 -2.39 -44.25 7.31
C LEU B 103 -2.66 -45.67 6.84
N LEU B 104 -3.93 -46.10 6.91
CA LEU B 104 -4.29 -47.51 6.62
C LEU B 104 -3.89 -47.89 5.20
N TYR B 105 -4.56 -47.32 4.20
CA TYR B 105 -4.43 -47.77 2.79
C TYR B 105 -3.64 -46.75 1.97
N PRO B 106 -2.69 -47.20 1.11
CA PRO B 106 -1.93 -46.31 0.25
C PRO B 106 -2.57 -46.21 -1.14
N VAL B 107 -2.35 -45.09 -1.82
CA VAL B 107 -2.59 -44.98 -3.29
C VAL B 107 -1.29 -45.30 -4.02
N SER B 108 -1.39 -46.19 -5.01
CA SER B 108 -0.34 -46.54 -5.96
C SER B 108 -0.52 -45.80 -7.29
N LYS B 109 0.57 -45.73 -8.01
CA LYS B 109 0.72 -44.98 -9.29
C LYS B 109 0.09 -45.81 -10.40
N TYR B 110 0.37 -47.11 -10.37
CA TYR B 110 0.05 -48.06 -11.46
C TYR B 110 -1.35 -48.67 -11.26
N GLN B 111 -1.95 -49.07 -12.38
CA GLN B 111 -3.25 -49.79 -12.41
C GLN B 111 -3.32 -50.53 -13.75
N GLY B 125 -1.99 -48.45 -26.68
CA GLY B 125 -2.64 -47.15 -26.90
C GLY B 125 -3.99 -47.32 -27.55
N LYS B 126 -4.04 -48.14 -28.60
CA LYS B 126 -5.14 -48.16 -29.60
C LYS B 126 -6.35 -48.98 -29.13
N LYS B 127 -6.17 -49.79 -28.08
CA LYS B 127 -7.25 -50.56 -27.44
C LYS B 127 -7.87 -49.79 -26.27
N LEU B 128 -7.64 -48.47 -26.20
CA LEU B 128 -8.44 -47.50 -25.41
C LEU B 128 -9.28 -46.63 -26.34
N HIS B 129 -8.86 -46.52 -27.62
CA HIS B 129 -9.57 -45.78 -28.68
C HIS B 129 -10.78 -46.57 -29.18
N GLU B 130 -10.90 -47.83 -28.76
CA GLU B 130 -12.05 -48.70 -29.00
C GLU B 130 -13.07 -48.46 -27.90
N TYR B 131 -12.65 -48.15 -26.70
CA TYR B 131 -13.56 -48.07 -25.51
C TYR B 131 -14.28 -46.71 -25.49
N ASN B 132 -13.59 -45.68 -25.97
CA ASN B 132 -14.13 -44.30 -26.05
C ASN B 132 -15.26 -44.26 -27.08
N THR B 133 -15.15 -45.12 -28.09
CA THR B 133 -16.21 -45.40 -29.08
C THR B 133 -17.42 -46.04 -28.41
N GLN B 134 -17.19 -46.92 -27.43
CA GLN B 134 -18.24 -47.57 -26.65
C GLN B 134 -18.61 -46.81 -25.37
N PHE B 135 -18.23 -45.53 -25.30
CA PHE B 135 -18.62 -44.49 -24.36
C PHE B 135 -19.42 -43.43 -25.10
N GLN B 136 -19.18 -43.34 -26.42
CA GLN B 136 -19.96 -42.41 -27.29
C GLN B 136 -21.33 -42.98 -27.64
N GLU B 137 -21.48 -44.31 -27.65
CA GLU B 137 -22.80 -44.97 -27.87
C GLU B 137 -23.78 -44.89 -26.69
N LYS B 138 -23.29 -45.30 -25.52
CA LYS B 138 -24.06 -45.32 -24.24
C LYS B 138 -24.54 -43.93 -23.83
N SER B 139 -23.71 -42.91 -24.07
CA SER B 139 -23.89 -41.52 -23.65
C SER B 139 -24.92 -40.80 -24.55
N ARG B 140 -25.05 -41.30 -25.78
CA ARG B 140 -26.09 -40.83 -26.72
C ARG B 140 -27.44 -41.48 -26.40
N GLU B 141 -27.40 -42.82 -26.33
CA GLU B 141 -28.53 -43.68 -25.90
C GLU B 141 -29.13 -43.24 -24.58
N TYR B 142 -28.30 -42.85 -23.60
CA TYR B 142 -28.80 -42.37 -22.30
C TYR B 142 -29.50 -41.00 -22.43
N ASP B 143 -28.78 -40.02 -22.95
CA ASP B 143 -29.34 -38.65 -23.13
C ASP B 143 -30.68 -38.73 -23.88
N ARG B 144 -30.77 -39.69 -24.82
CA ARG B 144 -32.02 -39.87 -25.61
C ARG B 144 -33.13 -40.37 -24.72
N LEU B 145 -32.79 -41.28 -23.81
CA LEU B 145 -33.71 -41.81 -22.77
C LEU B 145 -34.14 -40.69 -21.82
N TYR B 146 -33.19 -39.88 -21.35
CA TYR B 146 -33.48 -38.76 -20.43
C TYR B 146 -34.33 -37.68 -21.09
N GLU B 147 -34.10 -37.42 -22.38
CA GLU B 147 -34.99 -36.62 -23.25
C GLU B 147 -36.45 -37.11 -23.19
N GLU B 148 -36.62 -38.40 -23.39
CA GLU B 148 -37.93 -39.09 -23.48
C GLU B 148 -38.53 -39.15 -22.09
N TYR B 149 -37.66 -39.25 -21.09
CA TYR B 149 -38.04 -39.29 -19.64
C TYR B 149 -38.63 -37.96 -19.19
N THR B 150 -37.96 -36.86 -19.55
CA THR B 150 -38.38 -35.48 -19.24
C THR B 150 -39.73 -35.12 -19.88
N ARG B 151 -39.89 -35.46 -21.16
CA ARG B 151 -41.17 -35.28 -21.87
C ARG B 151 -42.25 -36.01 -21.08
N THR B 152 -42.14 -37.33 -21.03
CA THR B 152 -43.14 -38.26 -20.47
C THR B 152 -43.55 -37.82 -19.05
N SER B 153 -42.56 -37.27 -18.34
CA SER B 153 -42.70 -36.76 -16.95
C SER B 153 -43.68 -35.60 -16.92
N GLN B 154 -43.53 -34.66 -17.85
CA GLN B 154 -44.41 -33.48 -17.99
C GLN B 154 -45.80 -33.89 -18.47
N GLU B 155 -45.83 -34.79 -19.45
CA GLU B 155 -47.08 -35.20 -20.16
C GLU B 155 -48.00 -35.98 -19.22
N ILE B 156 -47.41 -36.71 -18.28
CA ILE B 156 -48.16 -37.44 -17.21
C ILE B 156 -48.79 -36.42 -16.27
N GLN B 157 -48.01 -35.41 -15.86
CA GLN B 157 -48.40 -34.32 -14.95
C GLN B 157 -49.55 -33.54 -15.55
N MET B 158 -49.49 -33.34 -16.88
CA MET B 158 -50.60 -32.76 -17.69
C MET B 158 -51.90 -33.57 -17.62
N LYS B 159 -51.80 -34.89 -17.84
CA LYS B 159 -52.95 -35.79 -17.82
C LYS B 159 -53.58 -35.79 -16.43
N ARG B 160 -52.74 -35.70 -15.41
CA ARG B 160 -53.22 -35.70 -13.99
C ARG B 160 -53.96 -34.42 -13.63
N THR B 161 -53.61 -33.28 -14.23
CA THR B 161 -54.39 -32.03 -14.08
C THR B 161 -55.72 -32.18 -14.83
N ALA B 162 -55.64 -32.68 -16.05
CA ALA B 162 -56.79 -32.74 -16.99
C ALA B 162 -57.86 -33.67 -16.43
N ILE B 163 -57.47 -34.64 -15.62
CA ILE B 163 -58.43 -35.45 -14.82
C ILE B 163 -59.11 -34.59 -13.74
N GLU B 164 -58.32 -33.95 -12.88
CA GLU B 164 -58.89 -33.10 -11.81
C GLU B 164 -59.95 -32.18 -12.43
N ALA B 165 -59.62 -31.66 -13.62
CA ALA B 165 -60.45 -30.68 -14.36
C ALA B 165 -61.76 -31.34 -14.79
N PHE B 166 -61.65 -32.52 -15.41
CA PHE B 166 -62.79 -33.35 -15.83
C PHE B 166 -63.68 -33.65 -14.63
N ASN B 167 -63.06 -33.91 -13.48
CA ASN B 167 -63.81 -34.20 -12.22
C ASN B 167 -64.69 -33.01 -11.84
N GLU B 168 -64.08 -31.84 -11.83
CA GLU B 168 -64.73 -30.56 -11.47
C GLU B 168 -65.75 -30.16 -12.53
N THR B 169 -65.46 -30.49 -13.80
CA THR B 169 -66.38 -30.25 -14.94
C THR B 169 -67.65 -31.09 -14.77
N ILE B 170 -67.48 -32.38 -14.53
CA ILE B 170 -68.61 -33.34 -14.35
C ILE B 170 -69.43 -32.93 -13.13
N LYS B 171 -68.74 -32.55 -12.06
CA LYS B 171 -69.40 -32.08 -10.81
C LYS B 171 -70.36 -30.94 -11.12
N ILE B 172 -69.94 -30.01 -11.99
CA ILE B 172 -70.79 -28.87 -12.41
C ILE B 172 -72.03 -29.32 -13.17
N PHE B 173 -71.83 -30.21 -14.13
CA PHE B 173 -72.89 -30.74 -15.02
C PHE B 173 -73.89 -31.59 -14.25
N GLU B 174 -73.41 -32.35 -13.27
CA GLU B 174 -74.32 -33.15 -12.39
C GLU B 174 -75.21 -32.23 -11.56
N GLU B 175 -74.64 -31.13 -11.05
CA GLU B 175 -75.42 -30.09 -10.35
C GLU B 175 -76.51 -29.53 -11.27
N GLN B 176 -76.22 -29.50 -12.58
CA GLN B 176 -77.18 -28.97 -13.57
C GLN B 176 -78.42 -29.85 -13.68
N CYS B 177 -78.20 -31.15 -13.62
CA CYS B 177 -79.28 -32.18 -13.59
C CYS B 177 -80.16 -32.02 -12.36
N GLN B 178 -79.54 -31.75 -11.21
CA GLN B 178 -80.25 -31.49 -9.95
C GLN B 178 -81.03 -30.16 -10.03
N THR B 179 -80.38 -29.16 -10.64
CA THR B 179 -81.02 -27.85 -10.88
C THR B 179 -82.24 -28.11 -11.73
N GLN B 180 -82.06 -28.73 -12.90
CA GLN B 180 -83.13 -28.86 -13.92
C GLN B 180 -84.28 -29.67 -13.35
N GLU B 181 -83.99 -30.81 -12.72
CA GLU B 181 -85.06 -31.63 -12.08
C GLU B 181 -85.83 -30.90 -10.99
N ARG B 182 -85.20 -29.93 -10.33
CA ARG B 182 -85.84 -29.09 -9.30
C ARG B 182 -86.90 -28.18 -9.91
N TYR B 183 -86.48 -27.40 -10.91
CA TYR B 183 -87.30 -26.36 -11.56
C TYR B 183 -88.31 -26.96 -12.52
N SER B 184 -87.89 -27.94 -13.31
CA SER B 184 -88.77 -28.60 -14.31
C SER B 184 -89.98 -29.26 -13.66
N LYS B 185 -89.83 -29.65 -12.39
CA LYS B 185 -90.85 -30.43 -11.63
C LYS B 185 -92.23 -29.77 -11.66
N GLU B 186 -92.27 -28.47 -11.35
CA GLU B 186 -93.56 -27.73 -11.26
C GLU B 186 -94.19 -27.52 -12.63
N TYR B 187 -93.38 -27.33 -13.67
CA TYR B 187 -93.81 -27.06 -15.04
C TYR B 187 -94.23 -28.33 -15.76
N ILE B 188 -93.59 -29.46 -15.39
CA ILE B 188 -93.95 -30.80 -15.92
C ILE B 188 -95.36 -31.16 -15.47
N GLU B 189 -95.67 -30.88 -14.21
CA GLU B 189 -97.01 -31.11 -13.60
C GLU B 189 -98.08 -30.21 -14.20
N LYS B 190 -97.76 -28.92 -14.35
CA LYS B 190 -98.70 -27.96 -14.99
C LYS B 190 -99.08 -28.51 -16.36
N PHE B 191 -98.08 -29.04 -17.08
CA PHE B 191 -98.32 -29.45 -18.50
C PHE B 191 -99.12 -30.77 -18.56
N LYS B 192 -98.99 -31.57 -17.50
CA LYS B 192 -99.77 -32.81 -17.34
C LYS B 192 -101.25 -32.50 -17.17
N ARG B 193 -101.54 -31.64 -16.19
CA ARG B 193 -102.87 -31.02 -15.94
C ARG B 193 -103.48 -30.47 -17.23
N GLU B 194 -102.73 -29.67 -17.96
CA GLU B 194 -103.23 -29.04 -19.22
C GLU B 194 -103.16 -30.00 -20.39
N GLY B 195 -102.47 -31.13 -20.23
CA GLY B 195 -102.34 -32.19 -21.24
C GLY B 195 -101.57 -31.74 -22.45
N ASN B 196 -100.51 -30.96 -22.20
CA ASN B 196 -99.66 -30.34 -23.25
C ASN B 196 -98.34 -31.12 -23.35
N GLU B 197 -98.39 -32.17 -24.16
CA GLU B 197 -97.24 -33.09 -24.41
C GLU B 197 -96.18 -32.39 -25.26
N LYS B 198 -96.64 -31.63 -26.25
CA LYS B 198 -95.77 -30.90 -27.21
C LYS B 198 -94.76 -29.99 -26.53
N GLU B 199 -94.98 -29.73 -25.23
CA GLU B 199 -94.17 -28.81 -24.41
C GLU B 199 -93.38 -29.55 -23.34
N ILE B 200 -93.93 -30.65 -22.82
CA ILE B 200 -93.18 -31.64 -22.00
C ILE B 200 -92.09 -32.29 -22.85
N GLN B 201 -92.27 -32.38 -24.16
CA GLN B 201 -91.23 -32.97 -25.06
C GLN B 201 -89.98 -32.08 -25.11
N ARG B 202 -90.16 -30.77 -25.09
CA ARG B 202 -89.04 -29.79 -25.15
C ARG B 202 -88.22 -29.86 -23.86
N ILE B 203 -88.90 -30.07 -22.72
CA ILE B 203 -88.20 -30.20 -21.42
C ILE B 203 -87.39 -31.48 -21.39
N MET B 204 -87.98 -32.59 -21.84
CA MET B 204 -87.30 -33.91 -21.87
C MET B 204 -86.17 -33.95 -22.92
N HIS B 205 -86.44 -33.37 -24.09
CA HIS B 205 -85.43 -33.29 -25.18
C HIS B 205 -84.22 -32.66 -24.55
N ASN B 206 -84.36 -31.50 -23.89
CA ASN B 206 -83.22 -30.74 -23.40
C ASN B 206 -82.39 -31.58 -22.41
N TYR B 207 -83.09 -32.20 -21.48
CA TYR B 207 -82.56 -33.15 -20.46
C TYR B 207 -81.83 -34.32 -21.14
N ASP B 208 -82.36 -34.73 -22.31
CA ASP B 208 -81.70 -35.76 -23.15
C ASP B 208 -80.32 -35.34 -23.69
N LYS B 209 -80.17 -34.09 -24.05
CA LYS B 209 -78.84 -33.51 -24.40
C LYS B 209 -77.95 -33.32 -23.18
N LEU B 210 -78.53 -32.88 -22.05
CA LEU B 210 -77.78 -32.62 -20.80
C LEU B 210 -77.19 -33.90 -20.22
N LYS B 211 -78.01 -34.91 -20.00
CA LYS B 211 -77.55 -36.23 -19.50
C LYS B 211 -76.64 -36.91 -20.52
N SER B 212 -76.90 -36.69 -21.81
CA SER B 212 -76.09 -37.23 -22.93
C SER B 212 -74.69 -36.62 -22.94
N ARG B 213 -74.62 -35.31 -22.71
CA ARG B 213 -73.35 -34.55 -22.69
C ARG B 213 -72.44 -35.02 -21.55
N ILE B 214 -73.03 -35.38 -20.42
CA ILE B 214 -72.28 -35.86 -19.23
C ILE B 214 -71.55 -37.15 -19.59
N SER B 215 -72.27 -38.09 -20.20
CA SER B 215 -71.69 -39.40 -20.60
C SER B 215 -70.49 -39.15 -21.48
N GLU B 216 -70.61 -38.26 -22.48
CA GLU B 216 -69.52 -37.94 -23.42
C GLU B 216 -68.27 -37.45 -22.69
N ILE B 217 -68.47 -36.59 -21.69
CA ILE B 217 -67.35 -36.07 -20.84
C ILE B 217 -66.78 -37.22 -20.00
N ILE B 218 -67.65 -38.04 -19.40
CA ILE B 218 -67.23 -39.14 -18.49
C ILE B 218 -66.33 -40.15 -19.19
N ASP B 219 -66.60 -40.49 -20.45
CA ASP B 219 -65.70 -41.43 -21.19
C ASP B 219 -64.40 -40.69 -21.57
N SER B 220 -64.55 -39.41 -21.88
CA SER B 220 -63.41 -38.52 -22.20
C SER B 220 -62.47 -38.60 -21.02
N ARG B 221 -62.95 -38.42 -19.80
CA ARG B 221 -62.20 -38.60 -18.55
C ARG B 221 -61.65 -40.03 -18.47
N ARG B 222 -62.56 -41.02 -18.62
CA ARG B 222 -62.22 -42.44 -18.41
C ARG B 222 -61.25 -42.94 -19.46
N ARG B 223 -61.30 -42.36 -20.67
CA ARG B 223 -60.35 -42.69 -21.75
C ARG B 223 -58.95 -42.17 -21.43
N LEU B 224 -58.88 -41.03 -20.76
CA LEU B 224 -57.60 -40.38 -20.39
C LEU B 224 -56.92 -41.07 -19.20
N GLU B 225 -57.71 -41.38 -18.17
CA GLU B 225 -57.33 -42.27 -17.05
C GLU B 225 -56.68 -43.56 -17.54
N GLU B 226 -57.24 -44.19 -18.57
CA GLU B 226 -56.56 -45.39 -19.14
C GLU B 226 -55.22 -45.01 -19.78
N ASP B 227 -55.22 -43.98 -20.61
CA ASP B 227 -54.00 -43.50 -21.30
C ASP B 227 -52.94 -43.06 -20.32
N LEU B 228 -53.37 -42.65 -19.12
CA LEU B 228 -52.41 -42.29 -18.03
C LEU B 228 -51.62 -43.50 -17.56
N LYS B 229 -52.33 -44.60 -17.32
CA LYS B 229 -51.79 -45.90 -16.89
C LYS B 229 -50.90 -46.50 -18.00
N LYS B 230 -51.25 -46.24 -19.25
CA LYS B 230 -50.41 -46.64 -20.41
C LYS B 230 -49.10 -45.84 -20.34
N GLN B 231 -49.21 -44.54 -20.06
CA GLN B 231 -48.03 -43.64 -20.09
C GLN B 231 -47.13 -43.88 -18.87
N ALA B 232 -47.76 -44.17 -17.74
CA ALA B 232 -47.09 -44.40 -16.44
C ALA B 232 -46.17 -45.61 -16.51
N ALA B 233 -46.68 -46.67 -17.11
CA ALA B 233 -45.96 -47.94 -17.34
C ALA B 233 -44.76 -47.70 -18.27
N GLU B 234 -45.02 -46.90 -19.30
CA GLU B 234 -44.01 -46.55 -20.34
C GLU B 234 -42.89 -45.80 -19.61
N TYR B 235 -43.32 -44.93 -18.68
CA TYR B 235 -42.43 -44.17 -17.76
C TYR B 235 -41.61 -45.06 -16.82
N ARG B 236 -42.18 -46.09 -16.24
CA ARG B 236 -41.42 -47.01 -15.37
C ARG B 236 -40.33 -47.76 -16.16
N GLU B 237 -40.55 -48.00 -17.43
CA GLU B 237 -39.66 -48.83 -18.27
C GLU B 237 -38.52 -47.99 -18.85
N ILE B 238 -38.79 -46.70 -19.06
CA ILE B 238 -37.74 -45.71 -19.46
C ILE B 238 -36.75 -45.55 -18.29
N ASP B 239 -37.27 -45.45 -17.08
CA ASP B 239 -36.45 -45.29 -15.86
C ASP B 239 -35.73 -46.58 -15.48
N LYS B 240 -36.30 -47.73 -15.84
CA LYS B 240 -35.64 -49.04 -15.65
C LYS B 240 -34.42 -49.17 -16.57
N ARG B 241 -34.59 -48.69 -17.81
CA ARG B 241 -33.56 -48.72 -18.85
C ARG B 241 -32.52 -47.63 -18.63
N MET B 242 -32.85 -46.54 -17.93
CA MET B 242 -31.86 -45.52 -17.53
C MET B 242 -30.95 -46.04 -16.42
N ASN B 243 -31.55 -46.52 -15.34
CA ASN B 243 -30.83 -46.93 -14.11
C ASN B 243 -29.91 -48.12 -14.38
N SER B 244 -30.20 -48.85 -15.46
CA SER B 244 -29.40 -50.01 -15.92
C SER B 244 -28.43 -49.62 -17.04
N ILE B 245 -28.16 -48.34 -17.21
CA ILE B 245 -27.12 -47.83 -18.15
C ILE B 245 -26.14 -46.90 -17.42
N LYS B 246 -26.68 -46.11 -16.48
CA LYS B 246 -25.91 -45.10 -15.70
C LYS B 246 -24.71 -45.71 -14.95
N PRO B 247 -24.86 -46.82 -14.18
CA PRO B 247 -23.69 -47.50 -13.62
C PRO B 247 -22.57 -47.92 -14.59
N ASP B 248 -22.96 -48.42 -15.75
CA ASP B 248 -22.04 -48.78 -16.85
C ASP B 248 -21.21 -47.57 -17.24
N LEU B 249 -21.83 -46.41 -17.28
CA LEU B 249 -21.25 -45.11 -17.69
C LEU B 249 -20.44 -44.49 -16.56
N ILE B 250 -20.55 -45.02 -15.34
CA ILE B 250 -19.67 -44.63 -14.20
C ILE B 250 -18.29 -45.29 -14.31
N GLN B 251 -18.31 -46.64 -14.45
CA GLN B 251 -17.08 -47.47 -14.46
C GLN B 251 -16.59 -47.70 -15.90
N LEU B 252 -17.19 -46.99 -16.88
CA LEU B 252 -16.56 -46.75 -18.21
C LEU B 252 -16.21 -45.26 -18.41
N ARG B 253 -16.08 -44.54 -17.31
CA ARG B 253 -15.54 -43.17 -17.18
C ARG B 253 -14.18 -43.21 -16.50
N LYS B 254 -14.08 -43.89 -15.35
CA LYS B 254 -12.77 -44.06 -14.66
C LYS B 254 -11.75 -44.59 -15.67
N THR B 255 -12.28 -45.21 -16.72
CA THR B 255 -11.52 -45.69 -17.90
C THR B 255 -10.92 -44.53 -18.69
N ARG B 256 -11.64 -43.41 -18.77
CA ARG B 256 -11.18 -42.15 -19.38
C ARG B 256 -9.82 -41.71 -18.88
N ASP B 257 -9.48 -41.93 -17.61
CA ASP B 257 -8.12 -41.57 -17.12
C ASP B 257 -7.12 -42.34 -17.99
N GLN B 258 -6.13 -41.68 -18.57
CA GLN B 258 -5.28 -42.30 -19.60
C GLN B 258 -3.94 -41.62 -19.59
N TYR B 259 -2.95 -42.30 -20.18
CA TYR B 259 -1.59 -41.74 -20.39
C TYR B 259 -1.63 -40.36 -21.08
N LEU B 260 -0.69 -39.47 -20.75
CA LEU B 260 -0.76 -38.11 -21.28
C LEU B 260 0.21 -37.94 -22.45
N MET B 261 -0.33 -37.73 -23.65
CA MET B 261 0.46 -37.36 -24.85
C MET B 261 -0.27 -36.21 -25.53
N TRP B 262 0.47 -35.32 -26.19
CA TRP B 262 -0.13 -34.10 -26.80
C TRP B 262 -1.13 -34.48 -27.89
N LEU B 263 -0.77 -35.43 -28.74
CA LEU B 263 -1.55 -35.77 -29.94
C LEU B 263 -2.95 -36.27 -29.55
N THR B 264 -3.94 -35.94 -30.38
CA THR B 264 -5.37 -36.30 -30.12
C THR B 264 -5.83 -37.42 -31.05
N GLN B 265 -6.36 -38.50 -30.47
CA GLN B 265 -6.91 -39.64 -31.23
C GLN B 265 -5.81 -40.15 -32.17
N PRO C 6 44.77 17.49 28.15
CA PRO C 6 44.13 18.21 27.04
C PRO C 6 45.11 18.52 25.90
N PRO C 7 44.61 18.59 24.64
CA PRO C 7 45.47 18.96 23.51
C PRO C 7 46.20 20.29 23.70
N ARG C 8 47.16 20.58 22.82
CA ARG C 8 47.96 21.83 22.92
C ARG C 8 47.22 22.99 22.24
N PRO C 9 47.27 24.22 22.81
CA PRO C 9 46.71 25.38 22.11
C PRO C 9 47.60 25.80 20.95
N SER C 10 48.87 25.40 20.97
CA SER C 10 49.86 25.78 19.96
C SER C 10 50.69 24.57 19.57
N SER C 11 51.54 24.74 18.56
CA SER C 11 52.50 23.74 18.08
C SER C 11 53.92 24.21 18.41
N GLY C 12 54.08 25.03 19.45
CA GLY C 12 55.39 25.48 19.93
C GLY C 12 56.19 24.33 20.54
N GLU C 13 57.49 24.50 20.55
CA GLU C 13 58.46 23.53 21.07
C GLU C 13 58.51 23.58 22.59
N LEU C 14 58.20 24.75 23.19
CA LEU C 14 57.93 24.84 24.64
C LEU C 14 56.64 25.61 24.90
N TRP C 15 56.16 25.62 26.14
CA TRP C 15 55.02 26.49 26.50
C TRP C 15 55.47 27.96 26.46
N GLY C 16 54.86 28.70 25.54
CA GLY C 16 55.10 30.15 25.35
C GLY C 16 56.05 30.46 24.21
N ILE C 17 56.95 29.52 23.90
CA ILE C 17 57.98 29.75 22.85
C ILE C 17 57.62 28.87 21.66
N HIS C 18 57.61 29.45 20.47
CA HIS C 18 57.31 28.73 19.20
C HIS C 18 58.52 27.89 18.78
N LEU C 19 59.70 28.53 18.78
CA LEU C 19 60.97 27.85 18.43
C LEU C 19 61.96 27.95 19.59
N MET C 20 62.54 26.83 20.00
CA MET C 20 63.69 26.84 20.92
C MET C 20 64.87 27.46 20.17
N PRO C 21 65.76 28.20 20.87
CA PRO C 21 66.99 28.66 20.24
C PRO C 21 67.96 27.49 20.02
N PRO C 22 68.97 27.69 19.16
CA PRO C 22 69.93 26.61 18.81
C PRO C 22 70.46 25.79 19.99
N ARG C 23 70.79 26.50 21.06
CA ARG C 23 71.34 25.91 22.31
C ARG C 23 70.45 26.31 23.47
N ILE C 24 70.06 25.34 24.30
CA ILE C 24 69.12 25.58 25.43
C ILE C 24 69.58 24.84 26.69
N LEU C 25 69.44 25.49 27.85
CA LEU C 25 69.80 24.89 29.15
C LEU C 25 68.61 24.10 29.68
N VAL C 26 68.73 22.78 29.70
CA VAL C 26 67.70 21.91 30.35
C VAL C 26 68.24 21.47 31.71
N GLU C 27 67.44 21.63 32.75
CA GLU C 27 67.78 21.10 34.09
C GLU C 27 67.39 19.62 34.15
N CYS C 28 68.42 18.80 34.31
CA CYS C 28 68.35 17.33 34.40
C CYS C 28 68.32 16.93 35.87
N LEU C 29 67.34 16.11 36.22
CA LEU C 29 67.22 15.49 37.56
C LEU C 29 67.72 14.05 37.50
N LEU C 30 68.93 13.82 38.03
CA LEU C 30 69.57 12.49 38.01
C LEU C 30 68.99 11.60 39.10
N PRO C 31 69.13 10.26 38.98
CA PRO C 31 68.50 9.33 39.93
C PRO C 31 69.22 9.17 41.28
N ASN C 32 70.43 9.72 41.40
CA ASN C 32 71.21 9.82 42.65
C ASN C 32 70.82 11.05 43.46
N GLY C 33 70.08 12.00 42.87
CA GLY C 33 69.49 13.14 43.59
C GLY C 33 70.19 14.46 43.35
N MET C 34 71.08 14.52 42.36
CA MET C 34 71.72 15.79 41.94
C MET C 34 70.89 16.50 40.86
N ILE C 35 70.91 17.83 40.84
CA ILE C 35 70.55 18.59 39.60
C ILE C 35 71.84 18.75 38.80
N VAL C 36 71.77 18.45 37.51
CA VAL C 36 72.81 18.87 36.52
C VAL C 36 72.14 19.70 35.44
N THR C 37 72.78 20.80 35.05
CA THR C 37 72.23 21.76 34.06
C THR C 37 73.03 21.63 32.76
N LEU C 38 72.44 20.92 31.81
CA LEU C 38 73.10 20.53 30.54
C LEU C 38 72.61 21.44 29.41
N GLU C 39 73.57 22.02 28.69
CA GLU C 39 73.33 22.74 27.42
C GLU C 39 73.05 21.73 26.31
N CYS C 40 72.03 21.96 25.50
CA CYS C 40 71.63 21.00 24.44
C CYS C 40 71.52 21.67 23.07
N LEU C 41 71.77 20.90 22.02
CA LEU C 41 71.31 21.29 20.66
C LEU C 41 69.82 21.09 20.51
N ARG C 42 69.07 22.09 20.04
CA ARG C 42 67.63 22.00 19.80
C ARG C 42 67.24 20.68 19.13
N GLU C 43 67.99 20.30 18.11
CA GLU C 43 67.68 19.14 17.25
C GLU C 43 68.15 17.82 17.88
N ALA C 44 68.58 17.82 19.15
CA ALA C 44 69.35 16.70 19.72
C ALA C 44 68.43 15.58 20.17
N THR C 45 68.79 14.35 19.77
CA THR C 45 68.11 13.11 20.21
C THR C 45 68.34 12.90 21.71
N LEU C 46 67.41 12.17 22.30
CA LEU C 46 67.47 11.81 23.75
C LEU C 46 68.62 10.86 24.07
N ILE C 47 69.02 10.04 23.11
CA ILE C 47 70.22 9.18 23.19
C ILE C 47 71.46 10.03 23.45
N THR C 48 71.65 11.06 22.60
CA THR C 48 72.83 11.95 22.69
C THR C 48 72.72 12.84 23.94
N ILE C 49 71.50 13.18 24.35
CA ILE C 49 71.29 13.99 25.57
C ILE C 49 71.67 13.16 26.79
N LYS C 50 71.27 11.91 26.80
CA LYS C 50 71.54 10.98 27.92
C LYS C 50 73.01 10.65 27.96
N HIS C 51 73.66 10.61 26.80
CA HIS C 51 75.13 10.32 26.72
C HIS C 51 75.94 11.44 27.33
N GLU C 52 75.63 12.69 26.95
CA GLU C 52 76.23 13.91 27.52
C GLU C 52 75.98 14.10 29.03
N LEU C 53 74.82 13.68 29.50
CA LEU C 53 74.38 13.80 30.89
C LEU C 53 75.24 12.95 31.81
N PHE C 54 75.46 11.70 31.40
CA PHE C 54 76.19 10.71 32.23
C PHE C 54 77.71 10.91 32.20
N LYS C 55 78.24 11.47 31.12
CA LYS C 55 79.67 11.89 31.04
C LYS C 55 79.96 13.03 31.99
N GLU C 56 79.13 14.07 31.94
CA GLU C 56 79.27 15.27 32.82
C GLU C 56 78.40 15.14 34.08
N ALA C 57 78.00 13.92 34.44
CA ALA C 57 77.48 13.54 35.77
C ALA C 57 78.59 12.98 36.68
N ARG C 58 79.73 12.63 36.08
CA ARG C 58 80.92 12.12 36.83
C ARG C 58 81.51 13.26 37.67
N LYS C 59 81.35 14.49 37.17
CA LYS C 59 81.92 15.70 37.79
C LYS C 59 81.12 16.11 39.02
N TYR C 60 79.92 15.56 39.18
CA TYR C 60 79.04 15.82 40.35
C TYR C 60 79.03 14.66 41.35
N PRO C 61 78.79 14.96 42.66
CA PRO C 61 78.74 13.92 43.69
C PRO C 61 77.89 12.69 43.39
N LEU C 62 78.21 11.59 44.09
CA LEU C 62 77.46 10.32 44.10
C LEU C 62 77.52 9.67 42.72
N HIS C 63 78.55 9.97 41.94
CA HIS C 63 78.64 9.55 40.52
C HIS C 63 78.79 8.03 40.39
N GLN C 64 79.29 7.38 41.45
CA GLN C 64 79.58 5.93 41.45
C GLN C 64 78.28 5.11 41.56
N LEU C 65 77.25 5.69 42.17
CA LEU C 65 75.91 5.07 42.32
C LEU C 65 75.27 4.83 40.97
N LEU C 66 75.29 5.83 40.10
CA LEU C 66 74.64 5.82 38.77
C LEU C 66 75.03 4.56 38.01
N GLN C 67 74.04 3.87 37.44
CA GLN C 67 74.27 2.63 36.66
C GLN C 67 74.70 3.03 35.26
N ASP C 68 74.84 2.04 34.36
CA ASP C 68 74.98 2.31 32.91
C ASP C 68 73.77 3.10 32.42
N GLU C 69 74.04 4.11 31.60
CA GLU C 69 72.99 4.99 31.04
C GLU C 69 71.95 4.22 30.24
N SER C 70 72.34 3.07 29.70
CA SER C 70 71.42 2.14 28.96
C SER C 70 70.27 1.64 29.84
N SER C 71 70.48 1.60 31.16
CA SER C 71 69.52 1.10 32.17
C SER C 71 68.47 2.12 32.57
N TYR C 72 68.42 3.31 31.95
CA TYR C 72 67.56 4.43 32.39
C TYR C 72 66.73 4.97 31.22
N ILE C 73 65.75 5.79 31.57
CA ILE C 73 64.89 6.51 30.59
C ILE C 73 64.55 7.90 31.13
N PHE C 74 64.22 8.81 30.20
CA PHE C 74 63.84 10.20 30.54
C PHE C 74 62.35 10.32 30.80
N VAL C 75 61.99 11.19 31.77
CA VAL C 75 60.59 11.54 32.13
C VAL C 75 60.50 13.04 32.32
N SER C 76 59.52 13.66 31.67
CA SER C 76 59.23 15.11 31.78
C SER C 76 57.74 15.37 31.74
N VAL C 77 57.37 16.63 31.82
CA VAL C 77 55.98 17.13 31.68
C VAL C 77 55.83 17.75 30.29
N THR C 78 54.78 17.35 29.60
CA THR C 78 54.46 17.86 28.25
C THR C 78 53.53 19.07 28.38
N GLN C 79 53.25 19.72 27.27
CA GLN C 79 52.29 20.85 27.20
C GLN C 79 50.85 20.40 27.44
N GLU C 80 50.58 19.10 27.33
CA GLU C 80 49.27 18.51 27.66
C GLU C 80 49.15 18.18 29.15
N ALA C 81 50.13 18.57 29.96
CA ALA C 81 50.15 18.33 31.44
C ALA C 81 50.23 16.83 31.73
N GLU C 82 50.77 16.06 30.79
CA GLU C 82 50.94 14.59 30.95
C GLU C 82 52.35 14.28 31.44
N ARG C 83 52.51 13.20 32.21
CA ARG C 83 53.86 12.69 32.54
C ARG C 83 54.29 11.69 31.48
N GLU C 84 55.03 12.13 30.48
CA GLU C 84 55.41 11.27 29.34
C GLU C 84 56.66 10.50 29.74
N GLU C 85 56.65 9.19 29.60
CA GLU C 85 57.90 8.39 29.65
C GLU C 85 58.42 8.25 28.23
N PHE C 86 59.55 8.87 27.93
CA PHE C 86 60.17 8.80 26.58
C PHE C 86 60.97 7.52 26.45
N PHE C 87 60.28 6.46 26.01
CA PHE C 87 60.90 5.14 25.73
C PHE C 87 61.59 5.18 24.37
N ASP C 88 60.93 5.79 23.39
CA ASP C 88 61.51 6.05 22.06
C ASP C 88 62.48 7.21 22.16
N GLU C 89 63.78 6.91 22.23
CA GLU C 89 64.85 7.90 22.45
C GLU C 89 65.40 8.46 21.13
N THR C 90 64.91 7.97 20.00
CA THR C 90 65.26 8.46 18.65
C THR C 90 64.76 9.88 18.42
N ARG C 91 63.66 10.20 19.10
CA ARG C 91 62.96 11.50 19.13
C ARG C 91 63.89 12.62 19.61
N ARG C 92 63.71 13.79 19.00
CA ARG C 92 64.52 14.99 19.27
C ARG C 92 63.92 15.83 20.39
N LEU C 93 64.72 16.77 20.90
CA LEU C 93 64.32 17.66 22.03
C LEU C 93 63.23 18.63 21.61
N CYS C 94 63.32 19.13 20.37
CA CYS C 94 62.30 20.02 19.78
C CYS C 94 60.95 19.32 19.59
N ASP C 95 60.98 18.03 19.30
CA ASP C 95 59.81 17.18 18.94
C ASP C 95 59.08 16.58 20.14
N LEU C 96 59.62 16.69 21.36
CA LEU C 96 59.03 16.11 22.58
C LEU C 96 57.79 16.84 23.05
N ARG C 97 57.64 18.12 22.70
CA ARG C 97 56.46 18.92 23.11
C ARG C 97 56.50 19.09 24.62
N LEU C 98 57.62 19.62 25.13
CA LEU C 98 57.79 19.80 26.60
C LEU C 98 57.10 21.08 27.06
N PHE C 99 56.78 21.11 28.34
CA PHE C 99 56.21 22.26 29.05
C PHE C 99 57.34 23.26 29.33
N GLN C 100 58.30 22.78 30.12
CA GLN C 100 59.53 23.54 30.47
C GLN C 100 60.71 22.67 30.12
N PRO C 101 61.86 23.28 29.74
CA PRO C 101 63.06 22.50 29.39
C PRO C 101 63.74 21.87 30.60
N PHE C 102 63.25 20.70 30.98
CA PHE C 102 63.83 19.85 32.06
C PHE C 102 63.52 18.37 31.83
N LEU C 103 64.32 17.50 32.43
CA LEU C 103 64.17 16.03 32.25
C LEU C 103 64.43 15.29 33.56
N LYS C 104 63.67 14.21 33.79
CA LYS C 104 63.92 13.33 34.97
C LYS C 104 64.35 11.94 34.53
N VAL C 105 65.57 11.56 34.89
CA VAL C 105 66.11 10.19 34.74
C VAL C 105 65.48 9.34 35.86
N ILE C 106 64.96 8.20 35.43
CA ILE C 106 64.41 7.10 36.26
C ILE C 106 64.71 5.76 35.61
N GLU C 107 64.47 4.68 36.38
CA GLU C 107 64.40 3.30 35.84
C GLU C 107 62.99 2.92 35.34
N PRO C 108 62.85 2.48 34.06
CA PRO C 108 61.51 2.26 33.50
C PRO C 108 60.68 1.26 34.30
N VAL C 109 59.38 1.28 34.07
CA VAL C 109 58.41 0.40 34.79
C VAL C 109 57.36 -0.13 33.82
N GLY C 110 56.88 -1.35 34.11
CA GLY C 110 55.86 -2.03 33.31
C GLY C 110 56.33 -2.48 31.94
N ASN C 111 55.35 -2.80 31.09
CA ASN C 111 55.59 -3.35 29.74
C ASN C 111 56.04 -2.28 28.74
N ARG C 112 57.16 -2.54 28.07
CA ARG C 112 57.84 -1.57 27.21
C ARG C 112 56.98 -1.21 26.01
N GLU C 113 56.56 -2.20 25.21
CA GLU C 113 55.93 -1.97 23.88
C GLU C 113 54.54 -1.34 24.03
N GLU C 114 53.84 -1.74 25.10
CA GLU C 114 52.51 -1.19 25.49
C GLU C 114 52.56 0.31 25.76
N LYS C 115 53.63 0.73 26.46
CA LYS C 115 53.88 2.15 26.78
C LYS C 115 54.26 2.97 25.54
N ILE C 116 54.96 2.37 24.59
CA ILE C 116 55.32 3.04 23.32
C ILE C 116 54.07 3.20 22.43
N LEU C 117 53.31 2.12 22.34
CA LEU C 117 52.10 2.06 21.49
C LEU C 117 51.09 3.08 21.96
N ASN C 118 50.82 3.09 23.26
CA ASN C 118 49.96 4.09 23.95
C ASN C 118 50.36 5.53 23.66
N ARG C 119 51.66 5.83 23.57
CA ARG C 119 52.10 7.21 23.27
C ARG C 119 51.80 7.53 21.82
N GLU C 120 52.09 6.61 20.91
CA GLU C 120 51.86 6.78 19.45
C GLU C 120 50.36 6.94 19.16
N ILE C 121 49.54 6.15 19.83
CA ILE C 121 48.08 6.36 19.91
C ILE C 121 47.80 7.81 20.33
N GLY C 122 48.16 8.18 21.53
CA GLY C 122 47.91 9.54 22.06
C GLY C 122 48.26 10.63 21.06
N PHE C 123 49.36 10.47 20.36
CA PHE C 123 49.93 11.51 19.47
C PHE C 123 49.02 11.71 18.27
N ALA C 124 48.62 10.59 17.64
CA ALA C 124 47.78 10.61 16.42
C ALA C 124 46.44 11.29 16.70
N ILE C 125 45.87 10.88 17.84
CA ILE C 125 44.56 11.35 18.32
C ILE C 125 44.66 12.84 18.65
N GLY C 126 45.71 13.21 19.39
CA GLY C 126 45.93 14.54 19.94
C GLY C 126 45.37 14.65 21.33
N MET C 127 45.43 13.53 22.08
CA MET C 127 44.92 13.46 23.47
C MET C 127 45.56 12.26 24.16
N PRO C 128 46.14 12.43 25.35
CA PRO C 128 46.72 11.31 26.09
C PRO C 128 45.75 10.20 26.51
N VAL C 129 46.23 8.95 26.41
CA VAL C 129 45.38 7.75 26.57
C VAL C 129 44.95 7.59 28.02
N CYS C 130 45.84 7.95 28.94
CA CYS C 130 45.68 7.85 30.41
C CYS C 130 44.60 8.78 30.93
N GLU C 131 44.17 9.77 30.13
CA GLU C 131 43.00 10.62 30.45
C GLU C 131 41.66 9.85 30.36
N PHE C 132 41.44 9.17 29.25
CA PHE C 132 40.36 8.17 29.09
C PHE C 132 40.27 7.22 30.29
N ASP C 133 41.41 6.74 30.78
CA ASP C 133 41.46 5.80 31.93
C ASP C 133 40.91 6.49 33.18
N MET C 134 41.08 7.82 33.27
CA MET C 134 40.73 8.60 34.48
C MET C 134 39.25 9.05 34.51
N VAL C 135 38.53 8.84 33.42
CA VAL C 135 37.17 9.37 33.22
C VAL C 135 36.22 8.67 34.17
N LYS C 136 36.34 7.36 34.35
CA LYS C 136 35.44 6.57 35.24
C LYS C 136 33.95 6.90 35.06
N ASP C 137 33.51 6.98 33.81
CA ASP C 137 32.08 7.04 33.44
C ASP C 137 31.72 5.65 32.94
N PRO C 138 30.64 5.02 33.45
CA PRO C 138 30.23 3.70 32.96
C PRO C 138 29.99 3.57 31.45
N GLU C 139 29.45 4.58 30.81
CA GLU C 139 29.19 4.53 29.35
C GLU C 139 30.51 4.59 28.59
N VAL C 140 31.40 5.46 29.07
CA VAL C 140 32.73 5.69 28.43
C VAL C 140 33.59 4.44 28.57
N GLN C 141 33.68 3.88 29.77
CA GLN C 141 34.49 2.67 30.05
C GLN C 141 33.93 1.42 29.39
N ASP C 142 32.61 1.32 29.26
CA ASP C 142 31.96 0.23 28.49
C ASP C 142 32.28 0.39 27.00
N PHE C 143 32.14 1.62 26.48
CA PHE C 143 32.43 1.89 25.05
C PHE C 143 33.83 1.36 24.73
N ARG C 144 34.77 1.64 25.64
CA ARG C 144 36.20 1.28 25.42
C ARG C 144 36.43 -0.22 25.39
N ARG C 145 35.82 -0.93 26.34
CA ARG C 145 35.86 -2.41 26.46
C ARG C 145 35.10 -3.11 25.34
N ASN C 146 33.81 -2.79 25.20
CA ASN C 146 32.88 -3.42 24.24
C ASN C 146 33.27 -3.20 22.78
N ILE C 147 33.82 -2.04 22.44
CA ILE C 147 34.07 -1.67 21.01
C ILE C 147 35.16 -2.59 20.41
N LEU C 148 36.09 -3.04 21.25
CA LEU C 148 37.14 -4.01 20.82
C LEU C 148 36.47 -5.30 20.35
N ASN C 149 35.13 -5.35 20.29
CA ASN C 149 34.44 -6.41 19.51
C ASN C 149 34.52 -6.16 17.99
N VAL C 150 34.09 -4.98 17.55
CA VAL C 150 34.14 -4.61 16.11
C VAL C 150 35.58 -4.77 15.63
N CYS C 151 36.53 -4.31 16.43
CA CYS C 151 37.96 -4.28 16.08
C CYS C 151 38.47 -5.70 15.81
N LYS C 152 38.14 -6.61 16.73
CA LYS C 152 38.48 -8.05 16.54
C LYS C 152 37.77 -8.63 15.30
N GLU C 153 36.44 -8.50 15.24
CA GLU C 153 35.72 -8.95 14.02
C GLU C 153 36.50 -8.50 12.78
N ALA C 154 36.83 -7.21 12.69
CA ALA C 154 37.49 -6.60 11.53
C ALA C 154 38.85 -7.24 11.23
N VAL C 155 39.66 -7.45 12.30
CA VAL C 155 41.03 -8.02 12.17
C VAL C 155 40.94 -9.47 11.69
N ASP C 156 39.96 -10.21 12.20
CA ASP C 156 39.70 -11.60 11.77
C ASP C 156 39.26 -11.69 10.31
N LEU C 157 38.51 -10.71 9.82
CA LEU C 157 38.10 -10.64 8.41
C LEU C 157 39.32 -10.34 7.50
N ARG C 158 40.20 -9.49 8.01
CA ARG C 158 41.44 -9.05 7.33
C ARG C 158 42.42 -10.19 7.20
N ASP C 159 42.42 -11.09 8.17
CA ASP C 159 43.40 -12.17 8.33
C ASP C 159 42.94 -13.51 7.76
N LEU C 160 41.75 -13.53 7.14
CA LEU C 160 41.23 -14.70 6.43
C LEU C 160 41.75 -14.65 4.99
N ASN C 161 42.43 -15.72 4.58
CA ASN C 161 43.23 -15.77 3.32
C ASN C 161 44.36 -14.76 3.45
N SER C 162 45.28 -15.05 4.38
CA SER C 162 46.28 -14.09 4.92
C SER C 162 46.90 -13.22 3.81
N PRO C 163 47.61 -13.80 2.81
CA PRO C 163 48.22 -13.00 1.75
C PRO C 163 47.34 -11.98 1.03
N HIS C 164 46.25 -12.41 0.40
CA HIS C 164 45.40 -11.56 -0.45
C HIS C 164 44.58 -10.54 0.35
N SER C 165 43.96 -10.95 1.45
CA SER C 165 43.00 -10.07 2.18
C SER C 165 43.69 -8.90 2.89
N ARG C 166 44.90 -9.13 3.41
CA ARG C 166 45.77 -8.08 3.97
C ARG C 166 46.07 -7.00 2.91
N ALA C 167 46.45 -7.48 1.70
CA ALA C 167 46.71 -6.63 0.54
C ALA C 167 45.48 -5.81 0.12
N MET C 168 44.32 -6.45 0.14
CA MET C 168 43.02 -5.79 -0.16
C MET C 168 42.69 -4.68 0.83
N TYR C 169 43.03 -4.88 2.11
CA TYR C 169 42.89 -3.85 3.18
C TYR C 169 43.67 -2.57 2.86
N VAL C 170 44.97 -2.76 2.58
CA VAL C 170 46.01 -1.72 2.42
C VAL C 170 45.92 -1.10 1.03
N TYR C 171 45.63 -1.91 0.00
CA TYR C 171 45.53 -1.45 -1.39
C TYR C 171 44.16 -1.76 -1.97
N PRO C 172 43.06 -1.22 -1.42
CA PRO C 172 41.74 -1.52 -1.95
C PRO C 172 41.57 -1.08 -3.39
N PRO C 173 40.69 -1.73 -4.18
CA PRO C 173 40.45 -1.30 -5.56
C PRO C 173 39.69 0.03 -5.55
N ASN C 174 40.31 1.06 -6.07
CA ASN C 174 39.62 2.36 -6.32
C ASN C 174 38.70 2.21 -7.52
N VAL C 175 37.47 1.76 -7.25
CA VAL C 175 36.57 1.22 -8.31
C VAL C 175 35.26 2.00 -8.34
N GLU C 176 34.68 2.15 -9.53
CA GLU C 176 33.33 2.74 -9.70
C GLU C 176 32.30 1.84 -9.03
N SER C 177 31.06 2.31 -8.95
CA SER C 177 29.97 1.61 -8.24
C SER C 177 29.28 0.65 -9.21
N SER C 178 29.15 1.07 -10.46
CA SER C 178 28.45 0.30 -11.51
C SER C 178 29.45 -0.16 -12.55
N PRO C 179 29.41 -1.45 -12.99
CA PRO C 179 30.23 -1.88 -14.14
C PRO C 179 29.80 -1.25 -15.48
N GLU C 180 28.48 -1.08 -15.60
CA GLU C 180 27.81 -0.51 -16.78
C GLU C 180 28.41 0.86 -16.99
N LEU C 181 28.78 1.14 -18.24
CA LEU C 181 29.23 2.47 -18.71
C LEU C 181 28.03 3.12 -19.38
N PRO C 182 27.89 4.46 -19.28
CA PRO C 182 27.00 5.20 -20.19
C PRO C 182 27.41 5.13 -21.67
N LYS C 183 26.42 5.24 -22.57
CA LYS C 183 26.66 4.98 -24.02
C LYS C 183 27.69 5.96 -24.60
N HIS C 184 27.75 7.16 -24.01
CA HIS C 184 28.68 8.23 -24.41
C HIS C 184 30.13 7.75 -24.35
N ILE C 185 30.52 7.17 -23.22
CA ILE C 185 31.94 6.81 -22.94
C ILE C 185 32.28 5.52 -23.67
N TYR C 186 31.39 4.53 -23.66
CA TYR C 186 31.53 3.32 -24.49
C TYR C 186 31.88 3.66 -25.94
N ASN C 187 31.34 4.74 -26.49
CA ASN C 187 31.55 5.10 -27.91
C ASN C 187 33.04 5.33 -28.20
N LYS C 188 33.71 6.04 -27.31
CA LYS C 188 35.16 6.35 -27.43
C LYS C 188 35.99 5.08 -27.64
N LEU C 189 35.53 3.96 -27.07
CA LEU C 189 36.20 2.65 -27.20
C LEU C 189 35.99 2.13 -28.63
N ASP C 190 37.05 1.58 -29.21
CA ASP C 190 37.07 0.95 -30.56
C ASP C 190 36.45 -0.45 -30.55
N LYS C 191 35.12 -0.49 -30.73
CA LYS C 191 34.30 -1.73 -30.75
C LYS C 191 34.40 -2.51 -29.44
N GLY C 192 34.62 -1.79 -28.33
CA GLY C 192 34.53 -2.35 -26.97
C GLY C 192 35.87 -2.87 -26.48
N GLN C 193 36.94 -2.31 -27.00
CA GLN C 193 38.34 -2.68 -26.70
C GLN C 193 39.16 -1.41 -26.50
N ILE C 194 40.07 -1.45 -25.51
CA ILE C 194 40.88 -0.28 -25.08
C ILE C 194 42.35 -0.65 -25.20
N ILE C 195 43.13 0.28 -25.72
CA ILE C 195 44.61 0.12 -25.86
C ILE C 195 45.25 0.41 -24.52
N VAL C 196 45.95 -0.57 -23.97
CA VAL C 196 46.63 -0.53 -22.66
C VAL C 196 48.10 -0.90 -22.89
N VAL C 197 48.95 -0.38 -22.01
CA VAL C 197 50.40 -0.65 -22.01
C VAL C 197 50.78 -1.20 -20.64
N ILE C 198 51.32 -2.41 -20.60
CA ILE C 198 51.90 -2.99 -19.36
C ILE C 198 53.42 -2.83 -19.41
N TRP C 199 53.98 -2.32 -18.33
CA TRP C 199 55.46 -2.19 -18.15
C TRP C 199 56.00 -3.22 -17.16
N VAL C 200 57.26 -3.58 -17.37
CA VAL C 200 57.99 -4.63 -16.60
C VAL C 200 59.43 -4.17 -16.31
N ILE C 201 59.79 -4.27 -15.04
CA ILE C 201 61.17 -4.19 -14.52
C ILE C 201 61.76 -5.60 -14.44
N VAL C 202 62.95 -5.80 -14.96
CA VAL C 202 63.50 -7.17 -15.17
C VAL C 202 64.89 -7.32 -14.56
N SER C 203 65.43 -6.33 -13.85
CA SER C 203 66.86 -6.36 -13.45
C SER C 203 67.10 -5.44 -12.25
N PRO C 204 68.31 -5.46 -11.64
CA PRO C 204 68.72 -4.45 -10.64
C PRO C 204 68.50 -3.02 -11.15
N ASN C 205 68.83 -2.79 -12.42
CA ASN C 205 68.57 -1.53 -13.13
C ASN C 205 67.13 -1.56 -13.64
N ASN C 206 66.64 -0.43 -14.13
CA ASN C 206 65.24 -0.22 -14.60
C ASN C 206 64.98 -1.19 -15.74
N ASP C 207 65.68 -1.02 -16.87
CA ASP C 207 65.59 -1.92 -18.06
C ASP C 207 64.13 -2.16 -18.45
N LYS C 208 63.46 -1.08 -18.84
CA LYS C 208 61.97 -1.08 -18.93
C LYS C 208 61.50 -1.63 -20.28
N GLN C 209 60.40 -2.41 -20.24
CA GLN C 209 59.87 -3.14 -21.42
C GLN C 209 58.35 -2.98 -21.54
N LYS C 210 57.91 -2.55 -22.72
CA LYS C 210 56.47 -2.34 -23.02
C LYS C 210 55.83 -3.66 -23.46
N TYR C 211 54.53 -3.79 -23.13
CA TYR C 211 53.63 -4.78 -23.79
C TYR C 211 52.28 -4.11 -24.00
N THR C 212 52.18 -3.40 -25.13
CA THR C 212 50.97 -2.71 -25.61
C THR C 212 49.95 -3.74 -26.12
N LEU C 213 48.87 -3.89 -25.35
CA LEU C 213 47.74 -4.79 -25.70
C LEU C 213 46.58 -3.95 -26.22
N LYS C 214 45.70 -4.61 -26.98
CA LYS C 214 44.34 -4.11 -27.33
C LYS C 214 43.33 -5.18 -26.95
N ILE C 215 42.55 -4.92 -25.91
CA ILE C 215 41.81 -5.93 -25.10
C ILE C 215 40.42 -5.38 -24.75
N ASN C 216 39.48 -6.27 -24.42
CA ASN C 216 38.10 -5.91 -24.04
C ASN C 216 38.15 -5.05 -22.78
N HIS C 217 37.42 -3.94 -22.78
CA HIS C 217 37.25 -3.07 -21.59
C HIS C 217 36.71 -3.86 -20.39
N ASP C 218 35.99 -4.94 -20.64
CA ASP C 218 35.27 -5.67 -19.56
C ASP C 218 36.09 -6.81 -18.95
N CYS C 219 37.25 -7.13 -19.52
CA CYS C 219 38.25 -8.04 -18.96
C CYS C 219 38.60 -7.69 -17.52
N VAL C 220 38.90 -8.69 -16.71
CA VAL C 220 39.41 -8.49 -15.32
C VAL C 220 40.93 -8.35 -15.38
N PRO C 221 41.58 -7.88 -14.29
CA PRO C 221 43.05 -7.74 -14.26
C PRO C 221 43.84 -9.01 -14.58
N GLU C 222 43.31 -10.14 -14.10
CA GLU C 222 43.88 -11.49 -14.37
C GLU C 222 43.90 -11.82 -15.86
N GLN C 223 42.84 -11.43 -16.57
CA GLN C 223 42.70 -11.63 -18.04
C GLN C 223 43.61 -10.68 -18.82
N VAL C 224 43.85 -9.50 -18.29
CA VAL C 224 44.80 -8.52 -18.89
C VAL C 224 46.20 -9.08 -18.73
N ILE C 225 46.50 -9.63 -17.55
CA ILE C 225 47.78 -10.31 -17.27
C ILE C 225 47.92 -11.54 -18.18
N ALA C 226 46.84 -12.29 -18.37
CA ALA C 226 46.84 -13.50 -19.22
C ALA C 226 47.24 -13.17 -20.66
N GLU C 227 46.66 -12.08 -21.19
CA GLU C 227 46.96 -11.59 -22.55
C GLU C 227 48.41 -11.09 -22.63
N ALA C 228 48.90 -10.46 -21.55
CA ALA C 228 50.34 -10.11 -21.47
C ALA C 228 51.25 -11.35 -21.54
N ILE C 229 50.96 -12.38 -20.75
CA ILE C 229 51.73 -13.63 -20.76
C ILE C 229 51.70 -14.25 -22.16
N ARG C 230 50.58 -14.17 -22.89
CA ARG C 230 50.56 -14.62 -24.30
C ARG C 230 51.54 -13.79 -25.11
N LYS C 231 51.28 -12.49 -25.26
CA LYS C 231 52.14 -11.57 -26.04
C LYS C 231 53.59 -12.08 -26.03
N LYS C 232 54.10 -12.30 -24.83
CA LYS C 232 55.51 -12.63 -24.57
C LYS C 232 55.81 -14.06 -25.01
N THR C 233 54.97 -15.02 -24.62
CA THR C 233 55.23 -16.45 -24.95
C THR C 233 54.69 -16.87 -26.33
N ARG C 234 54.59 -15.93 -27.27
CA ARG C 234 54.19 -16.18 -28.67
C ARG C 234 55.42 -16.54 -29.49
N SER C 235 56.49 -15.78 -29.31
CA SER C 235 57.78 -15.97 -30.02
C SER C 235 58.42 -17.31 -29.62
N MET C 236 58.18 -17.70 -28.37
CA MET C 236 58.63 -18.95 -27.74
C MET C 236 58.08 -20.11 -28.55
N LEU C 237 58.84 -21.19 -28.51
CA LEU C 237 58.48 -22.51 -29.10
C LEU C 237 57.83 -23.43 -28.07
N LEU C 238 56.50 -23.46 -28.10
CA LEU C 238 55.63 -24.20 -27.14
C LEU C 238 54.46 -24.82 -27.90
N SER C 239 53.82 -25.83 -27.30
CA SER C 239 52.55 -26.36 -27.85
C SER C 239 51.43 -25.35 -27.60
N SER C 240 50.30 -25.58 -28.30
CA SER C 240 49.02 -24.87 -28.07
C SER C 240 48.50 -25.13 -26.66
N GLU C 241 48.77 -26.35 -26.15
CA GLU C 241 48.28 -26.83 -24.86
C GLU C 241 49.39 -26.75 -23.82
N GLN C 242 50.51 -26.14 -24.17
CA GLN C 242 51.59 -25.68 -23.30
C GLN C 242 51.55 -24.16 -23.10
N LEU C 243 51.17 -23.40 -24.15
CA LEU C 243 50.78 -21.98 -24.03
C LEU C 243 49.61 -21.83 -23.07
N LYS C 244 48.63 -22.75 -23.19
CA LYS C 244 47.49 -22.84 -22.27
C LYS C 244 47.94 -22.98 -20.82
N LEU C 245 48.76 -24.00 -20.53
CA LEU C 245 49.32 -24.25 -19.19
C LEU C 245 50.11 -23.04 -18.70
N CYS C 246 50.91 -22.47 -19.59
CA CYS C 246 51.80 -21.32 -19.25
C CYS C 246 50.97 -20.15 -18.73
N VAL C 247 49.90 -19.81 -19.45
CA VAL C 247 48.95 -18.75 -19.04
C VAL C 247 48.20 -19.14 -17.77
N LEU C 248 47.57 -20.32 -17.82
CA LEU C 248 46.76 -20.88 -16.69
C LEU C 248 47.49 -20.86 -15.35
N GLU C 249 48.73 -21.35 -15.27
CA GLU C 249 49.44 -21.48 -13.99
C GLU C 249 49.86 -20.10 -13.46
N TYR C 250 50.33 -19.23 -14.37
CA TYR C 250 51.06 -17.99 -14.05
C TYR C 250 50.18 -16.77 -14.25
N GLN C 251 48.87 -16.94 -14.49
CA GLN C 251 47.86 -15.88 -14.38
C GLN C 251 47.92 -15.34 -12.96
N GLY C 252 48.07 -16.23 -11.98
CA GLY C 252 47.88 -15.88 -10.57
C GLY C 252 49.16 -15.79 -9.80
N LYS C 253 50.23 -15.31 -10.43
CA LYS C 253 51.49 -14.97 -9.74
C LYS C 253 51.84 -13.50 -9.92
N TYR C 254 50.93 -12.73 -10.53
CA TYR C 254 51.19 -11.31 -10.90
C TYR C 254 49.98 -10.41 -10.58
N ILE C 255 50.30 -9.15 -10.44
CA ILE C 255 49.41 -8.03 -10.03
C ILE C 255 49.69 -6.86 -10.95
N LEU C 256 48.63 -6.22 -11.45
CA LEU C 256 48.78 -4.94 -12.19
C LEU C 256 48.77 -3.80 -11.18
N LYS C 257 49.52 -2.76 -11.47
CA LYS C 257 49.64 -1.57 -10.61
C LYS C 257 49.61 -0.32 -11.48
N VAL C 258 48.97 0.74 -11.00
CA VAL C 258 48.94 2.02 -11.74
C VAL C 258 50.33 2.64 -11.61
N CYS C 259 50.90 3.05 -12.73
CA CYS C 259 52.22 3.70 -12.79
C CYS C 259 52.14 5.06 -12.10
N GLY C 260 53.05 5.33 -11.16
CA GLY C 260 53.24 6.67 -10.59
C GLY C 260 52.50 6.90 -9.29
N CYS C 261 51.82 5.88 -8.79
CA CYS C 261 51.08 5.94 -7.49
C CYS C 261 50.77 4.53 -7.00
N ASP C 262 50.33 4.44 -5.74
CA ASP C 262 49.99 3.15 -5.09
C ASP C 262 48.50 2.85 -5.26
N GLU C 263 48.14 2.41 -6.47
CA GLU C 263 46.80 1.88 -6.78
C GLU C 263 46.94 0.52 -7.45
N TYR C 264 46.39 -0.51 -6.82
CA TYR C 264 46.53 -1.90 -7.31
C TYR C 264 45.19 -2.44 -7.80
N PHE C 265 45.25 -3.34 -8.78
CA PHE C 265 44.08 -4.01 -9.37
C PHE C 265 43.94 -5.41 -8.77
N LEU C 266 43.64 -5.47 -7.48
CA LEU C 266 43.78 -6.70 -6.67
C LEU C 266 42.51 -7.53 -6.78
N GLU C 267 41.46 -7.01 -7.39
CA GLU C 267 40.12 -7.64 -7.33
C GLU C 267 39.53 -7.86 -8.72
N LYS C 268 38.68 -8.88 -8.82
CA LYS C 268 38.07 -9.34 -10.09
C LYS C 268 36.97 -8.37 -10.50
N TYR C 269 37.36 -7.14 -10.88
CA TYR C 269 36.45 -6.14 -11.47
C TYR C 269 36.81 -5.93 -12.94
N PRO C 270 35.80 -5.66 -13.80
CA PRO C 270 36.10 -5.25 -15.17
C PRO C 270 36.98 -3.98 -15.16
N LEU C 271 37.87 -3.91 -16.14
CA LEU C 271 38.99 -2.92 -16.17
C LEU C 271 38.39 -1.50 -16.25
N SER C 272 37.37 -1.36 -17.08
CA SER C 272 36.57 -0.12 -17.22
C SER C 272 36.10 0.42 -15.87
N GLN C 273 35.73 -0.45 -14.94
CA GLN C 273 35.18 -0.01 -13.63
C GLN C 273 36.25 0.57 -12.70
N TYR C 274 37.53 0.38 -12.99
CA TYR C 274 38.61 1.03 -12.19
C TYR C 274 38.68 2.52 -12.53
N LYS C 275 38.56 3.38 -11.49
CA LYS C 275 38.36 4.82 -11.68
C LYS C 275 39.45 5.41 -12.57
N TYR C 276 40.65 4.85 -12.45
CA TYR C 276 41.84 5.28 -13.21
C TYR C 276 41.64 5.02 -14.71
N ILE C 277 41.24 3.79 -15.06
CA ILE C 277 40.98 3.41 -16.47
C ILE C 277 39.84 4.24 -17.04
N ARG C 278 38.74 4.36 -16.33
CA ARG C 278 37.53 5.07 -16.76
C ARG C 278 37.87 6.53 -16.99
N SER C 279 38.74 7.10 -16.14
CA SER C 279 39.28 8.46 -16.33
C SER C 279 40.02 8.53 -17.65
N CYS C 280 40.95 7.62 -17.90
CA CYS C 280 41.72 7.56 -19.16
C CYS C 280 40.78 7.47 -20.35
N ILE C 281 39.68 6.73 -20.20
CA ILE C 281 38.72 6.54 -21.34
C ILE C 281 38.09 7.89 -21.71
N MET C 282 37.55 8.58 -20.71
CA MET C 282 36.85 9.87 -20.82
C MET C 282 37.82 10.94 -21.32
N LEU C 283 38.98 11.02 -20.66
CA LEU C 283 40.00 12.05 -20.97
C LEU C 283 40.72 11.80 -22.30
N GLY C 284 40.62 10.60 -22.84
CA GLY C 284 41.26 10.21 -24.11
C GLY C 284 42.72 9.89 -23.92
N ARG C 285 43.07 9.33 -22.77
CA ARG C 285 44.46 9.04 -22.36
C ARG C 285 44.82 7.60 -22.69
N MET C 286 46.11 7.29 -22.65
CA MET C 286 46.60 5.90 -22.69
C MET C 286 46.81 5.41 -21.26
N PRO C 287 46.15 4.31 -20.81
CA PRO C 287 46.54 3.67 -19.55
C PRO C 287 47.95 3.09 -19.65
N ASN C 288 48.80 3.40 -18.67
CA ASN C 288 50.08 2.70 -18.41
C ASN C 288 50.01 2.02 -17.04
N LEU C 289 49.91 0.70 -17.06
CA LEU C 289 49.98 -0.14 -15.84
C LEU C 289 51.38 -0.73 -15.72
N MET C 290 51.83 -1.00 -14.50
CA MET C 290 53.06 -1.79 -14.27
C MET C 290 52.68 -3.20 -13.83
N LEU C 291 53.31 -4.20 -14.46
CA LEU C 291 53.26 -5.60 -13.99
C LEU C 291 54.23 -5.78 -12.85
N MET C 292 53.88 -6.63 -11.90
CA MET C 292 54.67 -6.82 -10.66
C MET C 292 54.34 -8.15 -10.04
N ALA C 293 55.34 -8.86 -9.52
CA ALA C 293 55.19 -10.21 -8.94
C ALA C 293 54.29 -10.13 -7.73
N LYS C 294 53.58 -11.21 -7.40
CA LYS C 294 52.66 -11.24 -6.24
C LYS C 294 53.45 -11.21 -4.94
N GLU C 295 54.52 -11.99 -4.87
CA GLU C 295 55.37 -12.10 -3.65
C GLU C 295 56.11 -10.80 -3.38
N SER C 296 56.32 -10.00 -4.42
CA SER C 296 57.07 -8.72 -4.32
C SER C 296 56.19 -7.62 -3.73
N LEU C 297 54.87 -7.74 -3.83
CA LEU C 297 53.93 -6.99 -2.97
C LEU C 297 53.73 -7.62 -1.59
N TYR C 298 53.28 -8.87 -1.60
CA TYR C 298 52.93 -9.67 -0.40
C TYR C 298 54.00 -9.66 0.68
N SER C 299 55.26 -9.51 0.29
CA SER C 299 56.38 -9.40 1.25
C SER C 299 56.41 -8.03 1.94
N GLN C 300 56.21 -6.97 1.17
CA GLN C 300 56.15 -5.60 1.70
C GLN C 300 55.05 -5.47 2.75
N LEU C 301 54.06 -6.37 2.70
CA LEU C 301 52.90 -6.26 3.64
C LEU C 301 53.32 -6.66 5.06
N PRO C 302 53.24 -5.73 6.04
CA PRO C 302 53.56 -6.09 7.43
C PRO C 302 52.83 -7.32 7.95
N MET C 303 53.46 -8.13 8.81
CA MET C 303 52.72 -9.05 9.71
C MET C 303 52.31 -8.27 10.97
N ASP C 304 51.00 -8.07 11.12
CA ASP C 304 50.39 -7.48 12.33
C ASP C 304 49.19 -8.31 12.76
N CYS C 305 49.14 -8.66 14.03
CA CYS C 305 47.99 -9.34 14.68
C CYS C 305 47.56 -8.56 15.92
N PHE C 306 46.26 -8.32 16.01
CA PHE C 306 45.61 -7.41 16.97
C PHE C 306 45.79 -7.97 18.38
N THR C 307 46.66 -7.28 19.11
CA THR C 307 46.92 -7.47 20.56
C THR C 307 45.94 -6.62 21.38
N MET C 308 45.28 -7.22 22.36
CA MET C 308 44.25 -6.51 23.16
C MET C 308 44.96 -5.56 24.13
N PRO C 309 44.36 -4.37 24.41
CA PRO C 309 44.85 -3.52 25.50
C PRO C 309 44.52 -4.07 26.89
N SER C 310 45.06 -3.40 27.91
CA SER C 310 45.08 -3.87 29.31
C SER C 310 43.67 -4.10 29.84
N TYR C 311 42.80 -3.10 29.65
CA TYR C 311 41.36 -3.21 29.96
C TYR C 311 40.68 -4.28 29.08
N SER C 312 40.11 -5.30 29.73
CA SER C 312 39.46 -6.44 29.08
C SER C 312 38.58 -7.18 30.09
N SER C 327 15.42 -7.25 40.34
CA SER C 327 14.30 -7.15 39.36
C SER C 327 13.86 -5.69 39.19
N THR C 328 13.52 -5.35 37.96
CA THR C 328 13.19 -3.99 37.49
C THR C 328 11.72 -3.99 37.05
N LYS C 329 11.22 -2.82 36.69
CA LYS C 329 9.82 -2.67 36.20
C LYS C 329 9.80 -2.05 34.81
N SER C 330 8.90 -2.54 33.94
CA SER C 330 8.68 -1.94 32.60
C SER C 330 8.29 -0.46 32.75
N LEU C 331 8.43 0.27 31.65
CA LEU C 331 8.01 1.69 31.55
C LEU C 331 6.48 1.78 31.54
N TRP C 332 5.85 0.72 31.03
CA TRP C 332 4.39 0.68 30.78
C TRP C 332 3.59 0.18 31.98
N VAL C 333 4.27 -0.05 33.10
CA VAL C 333 3.67 -0.46 34.39
C VAL C 333 3.47 0.78 35.27
N ILE C 334 4.10 1.89 34.91
CA ILE C 334 3.98 3.16 35.70
C ILE C 334 2.80 3.98 35.18
N ASN C 335 1.90 4.37 36.09
CA ASN C 335 0.63 5.04 35.74
C ASN C 335 0.71 6.56 35.81
N SER C 336 1.48 7.09 36.76
CA SER C 336 1.74 8.54 36.94
C SER C 336 2.32 9.20 35.69
N ALA C 337 2.25 10.53 35.66
CA ALA C 337 2.75 11.37 34.55
C ALA C 337 4.17 11.81 34.86
N LEU C 338 4.85 12.35 33.86
CA LEU C 338 6.25 12.79 33.99
C LEU C 338 6.37 14.09 34.79
N ARG C 339 7.26 14.08 35.78
CA ARG C 339 7.60 15.28 36.58
C ARG C 339 9.10 15.30 36.91
N ILE C 340 9.67 16.50 36.90
CA ILE C 340 11.10 16.73 37.25
C ILE C 340 11.15 17.89 38.23
N LYS C 341 12.00 17.79 39.24
CA LYS C 341 12.26 18.89 40.19
C LYS C 341 13.52 19.64 39.82
N ILE C 342 13.41 20.97 39.67
CA ILE C 342 14.54 21.91 39.63
C ILE C 342 14.75 22.35 41.07
N LEU C 343 15.94 22.10 41.62
CA LEU C 343 16.33 22.67 42.93
C LEU C 343 16.76 24.15 42.75
N CYS C 344 17.91 24.35 42.12
CA CYS C 344 18.75 25.57 42.30
C CYS C 344 19.96 25.54 41.39
N ALA C 345 20.54 26.70 41.13
CA ALA C 345 21.79 26.81 40.37
C ALA C 345 22.88 27.34 41.30
N THR C 346 24.13 27.18 40.87
CA THR C 346 25.32 27.64 41.63
C THR C 346 25.49 29.14 41.53
N TYR C 347 25.58 29.67 40.31
CA TYR C 347 25.64 31.12 40.05
C TYR C 347 25.02 31.47 38.69
N VAL C 348 24.84 32.77 38.49
CA VAL C 348 24.40 33.34 37.18
C VAL C 348 25.13 34.66 36.95
N ASN C 349 25.75 34.82 35.79
CA ASN C 349 26.58 36.01 35.48
C ASN C 349 25.70 37.08 34.82
N VAL C 350 25.06 37.90 35.64
CA VAL C 350 24.16 38.98 35.14
C VAL C 350 24.20 40.19 36.08
N ASN C 351 24.23 41.40 35.53
CA ASN C 351 24.12 42.67 36.31
C ASN C 351 22.87 42.64 37.19
N ILE C 352 22.99 43.15 38.41
CA ILE C 352 21.85 43.21 39.36
C ILE C 352 21.11 44.53 39.15
N ARG C 353 21.33 45.18 38.00
CA ARG C 353 20.75 46.52 37.71
C ARG C 353 19.66 46.40 36.65
N ASP C 354 20.01 45.82 35.49
CA ASP C 354 19.21 45.85 34.25
C ASP C 354 18.26 44.66 34.21
N ILE C 355 18.77 43.48 34.55
CA ILE C 355 17.97 42.22 34.58
C ILE C 355 17.49 41.89 36.00
N ASP C 356 16.16 41.81 36.18
CA ASP C 356 15.56 41.72 37.53
C ASP C 356 15.66 40.30 38.07
N LYS C 357 15.01 39.36 37.37
CA LYS C 357 14.73 37.98 37.84
C LYS C 357 15.10 36.93 36.77
N ILE C 358 15.15 35.68 37.20
CA ILE C 358 15.52 34.51 36.36
C ILE C 358 14.60 33.32 36.63
N TYR C 359 14.44 32.47 35.64
CA TYR C 359 13.63 31.22 35.72
C TYR C 359 14.25 30.15 34.84
N VAL C 360 13.95 28.88 35.15
CA VAL C 360 14.36 27.72 34.32
C VAL C 360 13.18 27.28 33.45
N ARG C 361 13.29 27.56 32.16
CA ARG C 361 12.44 26.99 31.11
C ARG C 361 12.83 25.53 30.91
N THR C 362 11.83 24.64 30.77
CA THR C 362 12.08 23.22 30.43
C THR C 362 11.21 22.73 29.27
N GLY C 363 11.46 21.53 28.83
CA GLY C 363 10.79 20.88 27.69
C GLY C 363 11.20 19.43 27.53
N ILE C 364 10.24 18.62 27.12
CA ILE C 364 10.51 17.22 26.66
C ILE C 364 10.56 17.24 25.15
N TYR C 365 11.67 16.78 24.58
CA TYR C 365 11.91 16.74 23.11
C TYR C 365 12.23 15.32 22.65
N HIS C 366 11.82 15.05 21.40
CA HIS C 366 12.26 13.90 20.58
C HIS C 366 12.94 14.48 19.34
N GLY C 367 14.26 14.52 19.34
CA GLY C 367 15.07 15.28 18.38
C GLY C 367 14.60 16.72 18.44
N GLY C 368 14.34 17.28 17.28
CA GLY C 368 14.05 18.72 17.14
C GLY C 368 12.67 19.04 17.67
N GLU C 369 11.73 18.11 17.50
CA GLU C 369 10.29 18.37 17.74
C GLU C 369 9.94 18.07 19.18
N PRO C 370 9.14 18.93 19.85
CA PRO C 370 8.74 18.71 21.24
C PRO C 370 7.52 17.81 21.38
N LEU C 371 7.38 17.14 22.53
CA LEU C 371 6.41 16.04 22.73
C LEU C 371 5.24 16.59 23.52
N CYS C 372 5.40 17.77 24.10
CA CYS C 372 4.35 18.44 24.93
C CYS C 372 4.76 19.87 25.27
N ASP C 373 3.79 20.70 25.68
CA ASP C 373 4.05 22.09 26.12
C ASP C 373 5.32 22.18 26.95
N ASN C 374 6.07 23.28 26.77
CA ASN C 374 7.22 23.64 27.61
C ASN C 374 6.68 24.05 28.98
N VAL C 375 7.41 23.75 30.02
CA VAL C 375 7.00 24.06 31.42
C VAL C 375 8.07 24.87 32.14
N ASN C 376 7.70 25.99 32.73
CA ASN C 376 8.64 26.94 33.39
C ASN C 376 8.59 26.75 34.90
N THR C 377 9.54 27.36 35.59
CA THR C 377 9.57 27.56 37.05
C THR C 377 9.07 28.96 37.37
N GLN C 378 8.88 29.27 38.65
CA GLN C 378 8.52 30.62 39.09
C GLN C 378 9.82 31.43 39.00
N ARG C 379 9.66 32.73 38.91
CA ARG C 379 10.80 33.69 38.89
C ARG C 379 11.37 33.82 40.31
N VAL C 380 12.68 34.06 40.33
CA VAL C 380 13.46 34.32 41.57
C VAL C 380 14.41 35.48 41.29
N PRO C 381 14.96 36.16 42.33
CA PRO C 381 16.07 37.09 42.14
C PRO C 381 17.36 36.44 41.61
N CYS C 382 18.05 37.18 40.78
CA CYS C 382 19.38 36.78 40.22
C CYS C 382 20.36 36.29 41.30
N SER C 383 20.46 37.05 42.39
CA SER C 383 21.49 36.86 43.45
C SER C 383 21.36 35.49 44.10
N ASN C 384 20.12 35.12 44.42
CA ASN C 384 19.81 33.84 45.12
C ASN C 384 18.90 32.98 44.25
N PRO C 385 19.47 32.04 43.44
CA PRO C 385 18.67 31.13 42.64
C PRO C 385 18.40 29.73 43.19
N ARG C 386 17.22 29.54 43.77
CA ARG C 386 16.76 28.25 44.30
C ARG C 386 15.24 28.15 44.11
N TRP C 387 14.81 27.22 43.28
CA TRP C 387 13.38 27.11 42.90
C TRP C 387 12.76 26.05 43.77
N ASN C 388 13.38 24.88 43.81
CA ASN C 388 12.90 23.75 44.66
C ASN C 388 11.46 23.36 44.31
N GLU C 389 11.16 23.14 43.04
CA GLU C 389 9.75 23.03 42.56
C GLU C 389 9.58 21.87 41.59
N TRP C 390 8.60 20.98 41.84
CA TRP C 390 8.24 19.91 40.91
C TRP C 390 7.55 20.56 39.74
N LEU C 391 7.99 20.23 38.54
CA LEU C 391 7.43 20.71 37.26
C LEU C 391 6.74 19.52 36.64
N ASN C 392 5.46 19.71 36.33
CA ASN C 392 4.55 18.62 35.86
C ASN C 392 4.35 18.75 34.36
N TYR C 393 4.77 17.73 33.62
CA TYR C 393 4.69 17.67 32.15
C TYR C 393 3.37 17.04 31.74
N ASP C 394 2.87 17.50 30.58
CA ASP C 394 1.63 17.04 29.94
C ASP C 394 1.97 15.85 29.04
N ILE C 395 2.52 14.79 29.65
CA ILE C 395 2.70 13.49 28.93
C ILE C 395 2.72 12.31 29.92
N TYR C 396 2.04 11.23 29.53
CA TYR C 396 2.01 9.95 30.28
C TYR C 396 3.39 9.33 30.17
N ILE C 397 3.86 8.64 31.23
CA ILE C 397 5.25 8.14 31.27
C ILE C 397 5.45 7.01 30.26
N PRO C 398 4.52 6.02 30.20
CA PRO C 398 4.57 5.01 29.14
C PRO C 398 4.60 5.58 27.72
N ASP C 399 3.96 6.72 27.50
CA ASP C 399 3.87 7.35 26.16
C ASP C 399 5.21 7.93 25.70
N LEU C 400 6.16 8.06 26.65
CA LEU C 400 7.52 8.57 26.34
C LEU C 400 8.25 7.67 25.34
N PRO C 401 8.80 8.23 24.24
CA PRO C 401 9.55 7.44 23.28
C PRO C 401 10.98 7.16 23.75
N ARG C 402 11.71 6.28 23.04
CA ARG C 402 13.04 5.83 23.46
C ARG C 402 14.07 6.96 23.33
N ALA C 403 13.98 7.73 22.25
CA ALA C 403 14.89 8.86 21.97
C ALA C 403 14.42 10.14 22.64
N ALA C 404 13.54 10.04 23.65
CA ALA C 404 13.08 11.17 24.47
C ALA C 404 14.23 11.71 25.32
N ARG C 405 14.25 13.04 25.48
CA ARG C 405 15.25 13.73 26.29
C ARG C 405 14.76 15.08 26.79
N LEU C 406 15.21 15.42 28.00
CA LEU C 406 14.92 16.74 28.63
C LEU C 406 15.82 17.83 28.04
N CYS C 407 15.20 18.94 27.62
CA CYS C 407 15.93 20.19 27.31
C CYS C 407 15.51 21.21 28.37
N LEU C 408 16.46 21.98 28.84
CA LEU C 408 16.21 23.09 29.80
C LEU C 408 17.22 24.21 29.59
N SER C 409 16.91 25.36 30.20
CA SER C 409 17.81 26.53 30.22
C SER C 409 17.36 27.51 31.32
N ILE C 410 18.32 28.19 31.91
CA ILE C 410 18.13 29.39 32.76
C ILE C 410 17.92 30.57 31.83
N CYS C 411 16.96 31.41 32.14
CA CYS C 411 16.60 32.59 31.33
C CYS C 411 16.51 33.85 32.20
N SER C 412 16.71 34.99 31.58
CA SER C 412 16.59 36.35 32.16
C SER C 412 15.24 36.97 31.86
N VAL C 413 14.91 38.08 32.54
CA VAL C 413 13.82 38.99 32.12
C VAL C 413 14.27 40.44 32.23
N LYS C 414 13.46 41.34 31.66
CA LYS C 414 13.70 42.81 31.67
C LYS C 414 12.41 43.60 31.89
N GLY C 415 12.42 44.40 32.97
CA GLY C 415 11.31 45.29 33.35
C GLY C 415 11.76 46.73 33.52
N GLU C 421 8.73 41.44 29.97
CA GLU C 421 8.60 42.00 28.61
C GLU C 421 9.60 41.33 27.67
N GLU C 422 10.86 41.20 28.10
CA GLU C 422 12.02 40.93 27.22
C GLU C 422 12.82 39.75 27.77
N HIS C 423 12.50 38.56 27.30
CA HIS C 423 13.05 37.27 27.76
C HIS C 423 14.32 36.91 26.99
N CYS C 424 15.34 36.40 27.68
CA CYS C 424 16.58 35.94 27.02
C CYS C 424 17.19 34.76 27.79
N PRO C 425 17.78 33.76 27.08
CA PRO C 425 18.54 32.69 27.72
C PRO C 425 19.99 33.07 28.04
N LEU C 426 20.49 32.48 29.13
CA LEU C 426 21.82 32.69 29.74
C LEU C 426 22.67 31.43 29.60
N ALA C 427 22.11 30.27 29.91
CA ALA C 427 22.82 29.00 29.95
C ALA C 427 21.85 27.87 29.67
N TRP C 428 22.22 26.97 28.78
CA TRP C 428 21.36 25.88 28.29
C TRP C 428 22.02 24.52 28.52
N GLY C 429 21.21 23.47 28.55
CA GLY C 429 21.69 22.10 28.75
C GLY C 429 20.60 21.08 28.49
N ASN C 430 20.96 19.99 27.82
CA ASN C 430 20.03 18.88 27.51
C ASN C 430 20.49 17.59 28.19
N ILE C 431 19.53 16.79 28.64
CA ILE C 431 19.76 15.50 29.35
C ILE C 431 18.96 14.39 28.68
N ASN C 432 19.62 13.25 28.43
CA ASN C 432 18.95 12.01 27.96
C ASN C 432 18.12 11.43 29.09
N LEU C 433 16.83 11.19 28.84
CA LEU C 433 15.91 10.66 29.87
C LEU C 433 16.20 9.18 30.14
N PHE C 434 16.62 8.49 29.10
CA PHE C 434 17.01 7.05 29.19
C PHE C 434 18.52 6.89 29.05
N ASP C 435 19.07 5.94 29.82
CA ASP C 435 20.51 5.61 29.83
C ASP C 435 20.84 4.73 28.62
N TYR C 436 22.12 4.58 28.35
CA TYR C 436 22.57 3.59 27.33
C TYR C 436 22.01 2.19 27.64
N THR C 437 21.91 1.88 28.93
CA THR C 437 21.27 0.64 29.44
C THR C 437 19.74 0.77 29.58
N ASP C 438 19.13 1.69 28.83
CA ASP C 438 17.66 1.79 28.65
C ASP C 438 16.92 1.93 29.99
N THR C 439 17.55 2.61 30.94
CA THR C 439 17.00 2.84 32.30
C THR C 439 16.56 4.29 32.45
N LEU C 440 15.30 4.54 32.76
CA LEU C 440 14.77 5.88 33.04
C LEU C 440 15.54 6.50 34.19
N VAL C 441 15.98 7.75 34.00
CA VAL C 441 16.80 8.48 35.01
C VAL C 441 16.03 8.68 36.32
N SER C 442 16.73 8.56 37.43
CA SER C 442 16.13 8.54 38.78
C SER C 442 17.12 9.05 39.81
N GLY C 443 16.62 9.61 40.91
CA GLY C 443 17.46 10.26 41.93
C GLY C 443 17.88 11.64 41.52
N LYS C 444 18.92 12.18 42.17
CA LYS C 444 19.38 13.56 42.00
C LYS C 444 20.47 13.59 40.93
N MET C 445 20.69 14.77 40.34
CA MET C 445 21.60 14.93 39.18
C MET C 445 21.99 16.40 39.02
N ALA C 446 23.29 16.68 38.99
CA ALA C 446 23.83 18.00 38.64
C ALA C 446 24.08 18.09 37.13
N LEU C 447 23.96 19.30 36.59
CA LEU C 447 24.21 19.60 35.17
C LEU C 447 24.93 20.94 35.02
N ASN C 448 26.19 20.87 34.59
CA ASN C 448 26.96 22.08 34.20
C ASN C 448 26.46 22.54 32.83
N LEU C 449 25.94 23.76 32.80
CA LEU C 449 25.33 24.37 31.61
C LEU C 449 26.36 24.89 30.61
N TRP C 450 25.86 25.29 29.47
CA TRP C 450 26.66 25.75 28.31
C TRP C 450 26.31 27.20 27.98
N PRO C 451 27.26 27.97 27.43
CA PRO C 451 26.92 29.30 26.89
C PRO C 451 26.05 29.24 25.63
N VAL C 452 25.15 30.21 25.46
CA VAL C 452 24.25 30.20 24.28
C VAL C 452 25.05 30.48 23.00
N PRO C 453 24.93 29.65 21.93
CA PRO C 453 25.55 30.00 20.65
C PRO C 453 25.31 31.44 20.15
N HIS C 454 26.07 31.83 19.12
CA HIS C 454 26.21 33.25 18.71
C HIS C 454 24.85 33.90 18.44
N GLY C 455 24.20 33.48 17.36
CA GLY C 455 23.04 34.19 16.78
C GLY C 455 21.75 33.46 17.05
N LEU C 456 21.83 32.39 17.83
CA LEU C 456 20.60 31.65 18.28
C LEU C 456 19.87 32.39 19.40
N GLU C 457 18.63 32.79 19.10
CA GLU C 457 17.84 33.75 19.91
C GLU C 457 16.62 33.08 20.54
N ASP C 458 16.62 31.74 20.59
CA ASP C 458 15.58 30.91 21.26
C ASP C 458 15.97 30.73 22.72
N LEU C 459 15.01 30.22 23.48
CA LEU C 459 15.06 30.09 24.96
C LEU C 459 15.61 28.73 25.35
N LEU C 460 15.28 27.69 24.58
CA LEU C 460 15.90 26.36 24.68
C LEU C 460 16.70 26.13 23.40
N ASN C 461 17.68 25.23 23.48
CA ASN C 461 18.52 24.86 22.31
C ASN C 461 18.47 23.34 22.18
N PRO C 462 17.36 22.76 21.68
CA PRO C 462 17.25 21.31 21.57
C PRO C 462 18.29 20.69 20.64
N ILE C 463 19.02 21.51 19.87
CA ILE C 463 19.85 21.02 18.75
C ILE C 463 21.17 20.53 19.35
N GLY C 464 21.83 21.41 20.10
CA GLY C 464 23.13 21.21 20.76
C GLY C 464 23.27 19.91 21.51
N VAL C 465 24.51 19.48 21.72
CA VAL C 465 24.87 18.24 22.46
C VAL C 465 24.02 17.97 23.71
N THR C 466 23.79 16.68 23.93
CA THR C 466 23.21 16.13 25.18
C THR C 466 24.33 15.69 26.10
N GLY C 467 24.31 16.26 27.33
CA GLY C 467 25.32 15.95 28.37
C GLY C 467 25.91 17.17 29.05
N SER C 468 26.46 16.92 30.24
CA SER C 468 27.04 17.97 31.12
C SER C 468 28.29 18.56 30.48
N ASN C 469 28.64 19.77 30.94
CA ASN C 469 29.79 20.52 30.39
C ASN C 469 31.05 19.92 31.00
N PRO C 470 32.06 19.55 30.17
CA PRO C 470 33.35 19.13 30.71
C PRO C 470 34.04 20.20 31.55
N ASN C 471 33.92 21.46 31.10
CA ASN C 471 34.30 22.65 31.89
C ASN C 471 33.37 22.79 33.09
N LYS C 472 33.88 22.36 34.24
CA LYS C 472 33.12 22.39 35.52
C LYS C 472 33.10 23.78 36.15
N GLU C 473 33.87 24.73 35.63
CA GLU C 473 33.78 26.15 36.02
C GLU C 473 32.72 26.85 35.18
N THR C 474 31.48 26.41 35.33
CA THR C 474 30.29 26.98 34.64
C THR C 474 29.06 26.82 35.54
N PRO C 475 27.98 27.62 35.32
CA PRO C 475 26.77 27.48 36.13
C PRO C 475 26.31 26.02 36.19
N CYS C 476 26.17 25.49 37.39
CA CYS C 476 25.74 24.09 37.62
C CYS C 476 24.33 24.05 38.21
N LEU C 477 23.39 23.54 37.44
CA LEU C 477 21.97 23.40 37.87
C LEU C 477 21.74 22.03 38.50
N GLU C 478 21.35 21.95 39.77
CA GLU C 478 20.94 20.66 40.38
C GLU C 478 19.47 20.41 40.07
N LEU C 479 19.18 19.13 39.85
CA LEU C 479 17.89 18.53 39.46
C LEU C 479 17.63 17.27 40.27
N GLU C 480 16.37 16.84 40.27
CA GLU C 480 15.93 15.58 40.90
C GLU C 480 14.78 15.00 40.09
N PHE C 481 14.87 13.68 39.89
CA PHE C 481 13.86 12.86 39.16
C PHE C 481 13.19 11.82 40.06
N ASP C 482 11.96 11.46 39.66
CA ASP C 482 11.08 10.51 40.38
C ASP C 482 11.86 9.27 40.85
N TRP C 483 11.58 8.84 42.07
CA TRP C 483 11.91 7.50 42.58
C TRP C 483 10.64 6.68 42.67
N PHE C 484 10.72 5.42 42.22
CA PHE C 484 9.63 4.42 42.28
C PHE C 484 10.06 3.22 43.14
N SER C 485 9.37 2.09 42.99
CA SER C 485 9.65 0.86 43.76
C SER C 485 11.02 0.31 43.37
N SER C 486 11.12 -0.13 42.13
CA SER C 486 12.36 -0.62 41.47
C SER C 486 13.05 0.51 40.72
N VAL C 487 14.00 0.16 39.85
CA VAL C 487 14.63 1.07 38.87
C VAL C 487 14.09 0.73 37.47
N VAL C 488 13.26 1.61 36.90
CA VAL C 488 12.44 1.23 35.71
C VAL C 488 13.24 1.30 34.41
N LYS C 489 13.03 0.31 33.53
CA LYS C 489 13.66 0.23 32.19
C LYS C 489 12.64 0.14 31.05
N PHE C 490 13.01 0.70 29.89
CA PHE C 490 12.26 0.69 28.64
C PHE C 490 12.05 -0.75 28.20
N PRO C 491 10.86 -1.09 27.66
CA PRO C 491 10.54 -2.49 27.36
C PRO C 491 11.44 -3.18 26.33
N ASP C 492 11.56 -4.52 26.47
CA ASP C 492 12.18 -5.38 25.45
C ASP C 492 11.29 -5.41 24.21
N MET C 493 11.85 -5.81 23.07
CA MET C 493 11.16 -5.87 21.77
C MET C 493 10.00 -6.86 21.78
N SER C 494 10.13 -7.94 22.55
CA SER C 494 9.08 -8.96 22.77
C SER C 494 7.80 -8.33 23.33
N VAL C 495 7.97 -7.41 24.26
CA VAL C 495 6.87 -6.73 25.02
C VAL C 495 6.16 -5.68 24.16
N ILE C 496 6.91 -5.01 23.28
CA ILE C 496 6.33 -3.91 22.46
C ILE C 496 5.43 -4.53 21.38
N GLU C 497 5.95 -5.58 20.76
CA GLU C 497 5.33 -6.35 19.66
C GLU C 497 3.90 -6.76 20.03
N GLU C 498 3.77 -7.39 21.20
CA GLU C 498 2.46 -7.85 21.75
C GLU C 498 1.41 -6.75 21.80
N HIS C 499 1.74 -5.66 22.47
CA HIS C 499 0.82 -4.50 22.64
C HIS C 499 0.22 -4.07 21.30
N ALA C 500 1.10 -3.85 20.33
CA ALA C 500 0.73 -3.44 18.95
C ALA C 500 -0.37 -4.31 18.36
N ASN C 501 -0.11 -5.61 18.31
CA ASN C 501 -0.82 -6.60 17.46
C ASN C 501 -1.99 -7.24 18.22
N ARG C 528 -5.48 3.00 -2.12
CA ARG C 528 -6.86 2.45 -2.01
C ARG C 528 -7.61 2.79 -3.29
N GLU C 529 -7.60 4.08 -3.62
CA GLU C 529 -8.28 4.64 -4.78
C GLU C 529 -7.13 5.14 -5.65
N ASN C 530 -7.31 5.18 -6.95
CA ASN C 530 -6.21 5.59 -7.87
C ASN C 530 -5.88 7.09 -7.71
N ASP C 531 -6.89 7.87 -7.35
CA ASP C 531 -6.62 9.31 -7.08
C ASP C 531 -5.57 9.37 -5.96
N LYS C 532 -5.81 8.55 -4.94
CA LYS C 532 -4.97 8.57 -3.70
C LYS C 532 -3.63 7.94 -4.08
N GLU C 533 -3.68 6.79 -4.79
CA GLU C 533 -2.46 6.04 -5.17
C GLU C 533 -1.47 7.07 -5.76
N GLN C 534 -2.02 8.11 -6.36
CA GLN C 534 -1.20 9.23 -6.88
C GLN C 534 -0.57 9.95 -5.69
N LEU C 535 -0.34 9.22 -4.59
CA LEU C 535 0.40 9.76 -3.43
C LEU C 535 1.91 9.54 -3.65
N LYS C 536 2.31 9.16 -4.87
CA LYS C 536 3.75 9.13 -5.23
C LYS C 536 4.25 10.57 -5.31
N ALA C 537 3.40 11.45 -5.87
CA ALA C 537 3.66 12.90 -5.95
C ALA C 537 4.15 13.38 -4.58
N ILE C 538 3.84 12.63 -3.53
CA ILE C 538 4.36 13.00 -2.16
C ILE C 538 5.81 12.54 -1.94
N SER C 539 6.14 11.33 -2.39
CA SER C 539 7.48 10.73 -2.21
C SER C 539 8.56 11.59 -2.88
N THR C 540 8.25 12.11 -4.06
CA THR C 540 9.21 12.90 -4.87
C THR C 540 9.48 14.25 -4.18
N ARG C 541 8.45 14.78 -3.55
CA ARG C 541 8.51 16.16 -2.95
C ARG C 541 9.71 16.28 -2.00
N ASP C 542 10.40 17.42 -2.05
CA ASP C 542 11.62 17.61 -1.23
C ASP C 542 11.32 17.54 0.27
N PRO C 543 12.30 17.11 1.11
CA PRO C 543 12.14 17.04 2.57
C PRO C 543 11.88 18.39 3.25
N LEU C 544 12.29 19.48 2.62
CA LEU C 544 12.05 20.84 3.18
C LEU C 544 10.59 21.27 3.01
N SER C 545 9.85 20.65 2.10
CA SER C 545 8.46 21.07 1.79
C SER C 545 7.54 20.75 2.96
N GLU C 546 6.49 21.53 3.08
CA GLU C 546 5.53 21.45 4.23
C GLU C 546 4.52 20.30 4.12
N ILE C 547 4.48 19.54 5.19
CA ILE C 547 3.57 18.39 5.41
C ILE C 547 2.45 18.82 6.36
N THR C 548 1.27 19.00 5.80
CA THR C 548 0.03 19.41 6.51
C THR C 548 -0.57 18.23 7.27
N GLU C 549 -1.35 18.55 8.29
CA GLU C 549 -1.96 17.56 9.21
C GLU C 549 -2.95 16.64 8.49
N GLN C 550 -3.57 17.13 7.42
CA GLN C 550 -4.41 16.31 6.52
C GLN C 550 -3.53 15.28 5.81
N GLU C 551 -2.41 15.75 5.28
CA GLU C 551 -1.40 14.91 4.60
C GLU C 551 -0.74 13.90 5.56
N LYS C 552 -0.53 14.28 6.82
CA LYS C 552 -0.07 13.39 7.89
C LYS C 552 -1.10 12.30 8.17
N ASP C 553 -2.31 12.67 8.58
CA ASP C 553 -3.39 11.71 8.89
C ASP C 553 -3.57 10.75 7.72
N PHE C 554 -3.47 11.31 6.53
CA PHE C 554 -3.66 10.59 5.23
C PHE C 554 -2.63 9.48 5.09
N LEU C 555 -1.36 9.77 5.42
CA LEU C 555 -0.28 8.76 5.28
C LEU C 555 -0.44 7.71 6.38
N TRP C 556 -0.70 8.19 7.59
CA TRP C 556 -0.85 7.30 8.77
C TRP C 556 -1.99 6.32 8.50
N SER C 557 -3.09 6.80 7.90
CA SER C 557 -4.26 5.93 7.60
C SER C 557 -3.87 4.76 6.69
N HIS C 558 -2.97 5.03 5.75
CA HIS C 558 -2.53 4.07 4.72
C HIS C 558 -1.12 3.58 5.00
N ARG C 559 -0.71 3.53 6.26
CA ARG C 559 0.66 3.09 6.64
C ARG C 559 0.96 1.72 6.05
N HIS C 560 0.04 0.78 6.25
CA HIS C 560 0.20 -0.64 5.87
C HIS C 560 0.40 -0.79 4.37
N TYR C 561 -0.29 0.01 3.57
CA TYR C 561 -0.09 0.06 2.11
C TYR C 561 1.32 0.53 1.81
N CYS C 562 1.73 1.68 2.31
CA CYS C 562 3.03 2.35 2.05
C CYS C 562 4.23 1.41 1.86
N VAL C 563 4.21 0.26 2.51
CA VAL C 563 5.29 -0.76 2.44
C VAL C 563 5.59 -1.07 0.98
N THR C 564 4.59 -0.92 0.11
CA THR C 564 4.72 -1.06 -1.36
C THR C 564 5.66 -0.01 -1.95
N ILE C 565 5.57 1.20 -1.41
CA ILE C 565 6.39 2.38 -1.83
C ILE C 565 7.42 2.71 -0.76
N PRO C 566 8.53 1.94 -0.65
CA PRO C 566 9.48 2.10 0.45
C PRO C 566 10.02 3.52 0.69
N GLU C 567 10.00 4.34 -0.36
CA GLU C 567 10.73 5.64 -0.41
C GLU C 567 10.05 6.73 0.42
N ILE C 568 8.77 6.54 0.78
CA ILE C 568 8.01 7.55 1.59
C ILE C 568 8.20 7.35 3.09
N LEU C 569 8.87 6.28 3.50
CA LEU C 569 9.13 6.03 4.95
C LEU C 569 9.55 7.32 5.67
N PRO C 570 10.50 8.13 5.12
CA PRO C 570 10.81 9.43 5.71
C PRO C 570 9.58 10.32 5.91
N LYS C 571 8.74 10.41 4.87
CA LYS C 571 7.50 11.23 4.97
C LYS C 571 6.57 10.66 6.06
N LEU C 572 6.38 9.35 6.01
CA LEU C 572 5.47 8.60 6.90
C LEU C 572 5.87 8.80 8.35
N LEU C 573 7.18 8.82 8.62
CA LEU C 573 7.69 8.90 10.02
C LEU C 573 7.37 10.26 10.64
N LEU C 574 7.37 11.29 9.82
CA LEU C 574 7.04 12.67 10.25
C LEU C 574 5.53 12.76 10.43
N SER C 575 4.85 11.63 10.27
CA SER C 575 3.39 11.45 10.43
C SER C 575 3.12 10.29 11.38
N VAL C 576 3.91 10.23 12.46
CA VAL C 576 3.64 9.44 13.70
C VAL C 576 3.54 10.40 14.89
N LYS C 577 2.59 10.15 15.77
CA LYS C 577 2.57 10.76 17.11
C LYS C 577 3.55 10.00 17.99
N TRP C 578 4.73 10.56 18.22
CA TRP C 578 5.77 9.94 19.08
C TRP C 578 5.41 10.04 20.56
N ASN C 579 4.49 10.92 20.91
CA ASN C 579 3.97 11.04 22.31
C ASN C 579 2.75 10.14 22.49
N SER C 580 2.66 9.09 21.62
CA SER C 580 1.63 8.02 21.79
C SER C 580 2.26 6.62 21.78
N ARG C 581 2.27 5.97 22.96
CA ARG C 581 2.78 4.61 23.17
C ARG C 581 2.30 3.66 22.10
N ASP C 582 1.02 3.77 21.72
CA ASP C 582 0.36 2.87 20.75
C ASP C 582 0.86 3.10 19.31
N GLU C 583 0.79 4.36 18.87
CA GLU C 583 1.26 4.72 17.50
C GLU C 583 2.73 4.33 17.32
N VAL C 584 3.59 4.70 18.26
CA VAL C 584 5.02 4.31 18.26
C VAL C 584 5.13 2.81 17.98
N ALA C 585 4.67 1.97 18.91
CA ALA C 585 4.80 0.50 18.84
C ALA C 585 4.30 -0.07 17.52
N GLN C 586 3.33 0.56 16.86
CA GLN C 586 2.85 0.08 15.54
C GLN C 586 3.90 0.32 14.47
N MET C 587 4.44 1.53 14.45
CA MET C 587 5.50 1.96 13.50
C MET C 587 6.71 1.03 13.65
N TYR C 588 7.13 0.80 14.89
CA TYR C 588 8.23 -0.12 15.25
C TYR C 588 8.09 -1.46 14.53
N CYS C 589 6.88 -2.01 14.53
CA CYS C 589 6.56 -3.30 13.86
C CYS C 589 6.66 -3.14 12.34
N LEU C 590 6.13 -2.04 11.81
CA LEU C 590 6.29 -1.68 10.38
C LEU C 590 7.78 -1.64 9.94
N VAL C 591 8.57 -0.85 10.65
CA VAL C 591 9.99 -0.59 10.35
C VAL C 591 10.78 -1.88 10.34
N LYS C 592 10.49 -2.79 11.26
CA LYS C 592 11.22 -4.07 11.39
C LYS C 592 11.10 -4.91 10.12
N ASP C 593 9.96 -4.85 9.45
CA ASP C 593 9.67 -5.69 8.26
C ASP C 593 9.68 -4.83 7.00
N TRP C 594 10.29 -3.67 7.05
CA TRP C 594 10.32 -2.70 5.93
C TRP C 594 11.25 -3.23 4.84
N PRO C 595 10.90 -3.10 3.54
CA PRO C 595 11.82 -3.46 2.47
C PRO C 595 12.99 -2.48 2.52
N PRO C 596 14.14 -2.82 1.92
CA PRO C 596 15.27 -1.90 1.79
C PRO C 596 15.05 -0.74 0.81
N ILE C 597 15.95 0.23 0.95
CA ILE C 597 15.91 1.55 0.23
C ILE C 597 17.32 1.93 -0.24
N LYS C 598 17.38 2.64 -1.36
CA LYS C 598 18.68 3.17 -1.86
C LYS C 598 19.44 3.86 -0.71
N PRO C 599 20.78 3.65 -0.57
CA PRO C 599 21.56 4.33 0.47
C PRO C 599 21.39 5.85 0.56
N GLU C 600 21.23 6.49 -0.59
CA GLU C 600 21.13 7.95 -0.75
C GLU C 600 19.82 8.44 -0.16
N GLN C 601 18.84 7.55 -0.07
CA GLN C 601 17.57 7.87 0.66
C GLN C 601 17.67 7.53 2.15
N ALA C 602 18.32 6.39 2.42
CA ALA C 602 18.58 5.90 3.79
C ALA C 602 19.31 6.97 4.62
N MET C 603 20.22 7.71 4.01
CA MET C 603 21.03 8.73 4.75
C MET C 603 20.18 9.76 5.48
N GLU C 604 19.15 10.28 4.82
CA GLU C 604 18.15 11.20 5.39
C GLU C 604 17.71 10.74 6.78
N LEU C 605 17.49 9.45 6.95
CA LEU C 605 16.96 8.88 8.21
C LEU C 605 18.00 8.91 9.34
N LEU C 606 19.20 9.40 9.06
CA LEU C 606 20.30 9.50 10.04
C LEU C 606 20.54 10.96 10.47
N ASP C 607 19.84 11.91 9.86
CA ASP C 607 19.98 13.36 10.24
C ASP C 607 19.21 13.64 11.53
N CYS C 608 19.08 14.93 11.91
CA CYS C 608 18.53 15.39 13.20
C CYS C 608 17.02 15.10 13.36
N ASN C 609 16.31 15.03 12.23
CA ASN C 609 14.84 14.85 12.21
C ASN C 609 14.42 13.44 12.64
N TYR C 610 15.32 12.46 12.54
CA TYR C 610 14.99 11.04 12.81
C TYR C 610 15.90 10.48 13.91
N PRO C 611 15.64 10.84 15.19
CA PRO C 611 16.44 10.38 16.32
C PRO C 611 16.12 9.00 16.90
N ASP C 612 15.05 8.37 16.40
CA ASP C 612 14.57 7.08 16.95
C ASP C 612 15.59 5.98 16.64
N PRO C 613 15.97 5.14 17.63
CA PRO C 613 16.97 4.09 17.42
C PRO C 613 16.50 2.85 16.65
N MET C 614 15.20 2.68 16.43
CA MET C 614 14.71 1.68 15.44
C MET C 614 14.81 2.23 14.02
N VAL C 615 14.51 3.52 13.87
CA VAL C 615 14.54 4.21 12.56
C VAL C 615 15.97 4.24 12.02
N ARG C 616 16.93 4.61 12.87
CA ARG C 616 18.36 4.69 12.48
C ARG C 616 18.93 3.30 12.22
N GLY C 617 18.59 2.32 13.05
CA GLY C 617 19.00 0.92 12.85
C GLY C 617 18.58 0.40 11.49
N PHE C 618 17.37 0.75 11.07
CA PHE C 618 16.90 0.43 9.71
C PHE C 618 17.91 0.98 8.68
N ALA C 619 18.08 2.32 8.80
CA ALA C 619 18.92 3.14 7.90
C ALA C 619 20.31 2.53 7.81
N VAL C 620 20.95 2.27 8.96
CA VAL C 620 22.27 1.63 9.05
C VAL C 620 22.27 0.28 8.34
N ARG C 621 21.25 -0.55 8.57
CA ARG C 621 21.16 -1.91 7.98
C ARG C 621 21.03 -1.85 6.45
N CYS C 622 20.41 -0.78 5.93
CA CYS C 622 20.33 -0.50 4.49
C CYS C 622 21.73 -0.32 3.91
N LEU C 623 22.56 0.44 4.60
CA LEU C 623 23.95 0.74 4.18
C LEU C 623 24.88 -0.47 4.33
N GLU C 624 24.72 -1.22 5.42
CA GLU C 624 25.41 -2.52 5.62
C GLU C 624 25.30 -3.42 4.41
N LYS C 625 24.15 -3.41 3.76
CA LYS C 625 23.81 -4.28 2.61
C LYS C 625 24.22 -3.60 1.32
N TYR C 626 23.84 -2.33 1.11
CA TYR C 626 23.71 -1.75 -0.26
C TYR C 626 24.70 -0.63 -0.50
N LEU C 627 25.18 0.07 0.55
CA LEU C 627 26.19 1.14 0.30
C LEU C 627 27.57 0.57 -0.08
N THR C 628 28.05 0.94 -1.25
CA THR C 628 29.34 0.50 -1.81
C THR C 628 30.49 1.26 -1.18
N ASP C 629 31.71 0.73 -1.29
CA ASP C 629 32.91 1.42 -0.77
C ASP C 629 33.13 2.76 -1.50
N ASP C 630 32.84 2.76 -2.80
CA ASP C 630 32.85 4.02 -3.61
C ASP C 630 32.00 5.07 -2.90
N LYS C 631 30.68 4.83 -2.87
CA LYS C 631 29.72 5.79 -2.31
C LYS C 631 30.03 6.18 -0.87
N LEU C 632 30.32 5.22 -0.01
CA LEU C 632 30.72 5.50 1.39
C LEU C 632 31.84 6.56 1.45
N SER C 633 32.97 6.27 0.78
CA SER C 633 34.02 7.30 0.56
C SER C 633 33.42 8.66 0.16
N GLN C 634 32.51 8.63 -0.81
CA GLN C 634 31.87 9.81 -1.41
C GLN C 634 31.14 10.67 -0.37
N TYR C 635 30.37 10.04 0.50
CA TYR C 635 29.50 10.72 1.49
C TYR C 635 30.02 10.46 2.91
N LEU C 636 31.32 10.21 3.05
CA LEU C 636 31.98 9.96 4.36
C LEU C 636 31.96 11.22 5.21
N ILE C 637 32.01 12.38 4.57
CA ILE C 637 31.96 13.68 5.27
C ILE C 637 30.66 13.80 6.05
N GLN C 638 29.53 13.43 5.44
CA GLN C 638 28.19 13.49 6.06
C GLN C 638 28.01 12.42 7.14
N LEU C 639 28.43 11.21 6.85
CA LEU C 639 28.25 10.05 7.77
C LEU C 639 28.96 10.32 9.10
N VAL C 640 30.13 10.94 9.06
CA VAL C 640 30.92 11.18 10.30
C VAL C 640 30.19 12.25 11.11
N GLN C 641 29.62 13.24 10.42
CA GLN C 641 28.96 14.41 11.07
C GLN C 641 27.70 13.98 11.82
N VAL C 642 27.04 12.93 11.36
CA VAL C 642 25.74 12.45 11.86
C VAL C 642 25.97 11.56 13.08
N LEU C 643 27.21 11.31 13.48
CA LEU C 643 27.48 10.50 14.71
C LEU C 643 27.05 11.31 15.95
N LYS C 644 27.27 12.62 15.79
CA LYS C 644 26.99 13.68 16.80
C LYS C 644 25.53 13.65 17.25
N TYR C 645 24.60 13.44 16.31
CA TYR C 645 23.16 13.30 16.60
C TYR C 645 22.83 12.05 17.41
N GLU C 646 23.70 11.03 17.36
CA GLU C 646 23.44 9.76 18.06
C GLU C 646 23.45 10.01 19.57
N GLN C 647 22.60 9.31 20.30
CA GLN C 647 22.35 9.57 21.73
C GLN C 647 23.47 8.99 22.58
N TYR C 648 24.04 7.88 22.15
CA TYR C 648 25.01 7.12 22.97
C TYR C 648 26.31 6.94 22.22
N LEU C 649 27.36 6.59 22.96
CA LEU C 649 28.70 6.39 22.39
C LEU C 649 28.72 5.13 21.54
N ASP C 650 28.19 4.06 22.12
CA ASP C 650 28.12 2.71 21.48
C ASP C 650 26.78 2.54 20.75
N ASN C 651 26.85 2.31 19.43
CA ASN C 651 25.66 2.29 18.56
C ASN C 651 25.98 1.61 17.22
N LEU C 652 24.94 1.39 16.42
CA LEU C 652 25.05 0.60 15.16
C LEU C 652 25.83 1.35 14.07
N LEU C 653 25.76 2.69 14.08
CA LEU C 653 26.41 3.52 13.05
C LEU C 653 27.93 3.55 13.21
N VAL C 654 28.42 3.79 14.44
CA VAL C 654 29.88 3.77 14.73
C VAL C 654 30.45 2.37 14.52
N ARG C 655 29.71 1.36 14.93
CA ARG C 655 30.11 -0.05 14.72
C ARG C 655 30.18 -0.36 13.23
N PHE C 656 29.28 0.22 12.45
CA PHE C 656 29.27 0.05 10.97
C PHE C 656 30.46 0.77 10.34
N LEU C 657 30.66 2.03 10.71
CA LEU C 657 31.74 2.89 10.15
C LEU C 657 33.13 2.41 10.57
N LEU C 658 33.29 2.07 11.85
CA LEU C 658 34.58 1.60 12.39
C LEU C 658 34.98 0.27 11.73
N LYS C 659 33.99 -0.57 11.47
CA LYS C 659 34.24 -1.86 10.75
C LYS C 659 34.78 -1.51 9.36
N LYS C 660 34.03 -0.73 8.59
CA LYS C 660 34.43 -0.35 7.22
C LYS C 660 35.78 0.36 7.22
N ALA C 661 36.04 1.19 8.22
CA ALA C 661 37.33 1.91 8.38
C ALA C 661 38.48 0.92 8.60
N LEU C 662 38.24 -0.09 9.43
CA LEU C 662 39.32 -1.05 9.80
C LEU C 662 39.34 -2.23 8.84
N THR C 663 38.58 -2.12 7.75
CA THR C 663 38.39 -3.15 6.69
C THR C 663 38.92 -2.63 5.34
N ASN C 664 38.88 -1.30 5.19
CA ASN C 664 39.37 -0.54 4.03
C ASN C 664 40.17 0.66 4.53
N GLN C 665 41.48 0.75 4.20
CA GLN C 665 42.27 1.86 4.81
C GLN C 665 42.36 3.08 3.87
N ARG C 666 41.66 3.09 2.74
CA ARG C 666 41.37 4.37 2.04
C ARG C 666 40.28 5.13 2.80
N ILE C 667 39.26 4.39 3.25
CA ILE C 667 38.18 4.94 4.10
C ILE C 667 38.75 5.24 5.48
N GLY C 668 39.43 4.25 6.08
CA GLY C 668 40.11 4.42 7.37
C GLY C 668 40.92 5.71 7.48
N HIS C 669 41.67 6.07 6.44
CA HIS C 669 42.52 7.27 6.40
C HIS C 669 41.71 8.55 6.58
N PHE C 670 40.72 8.76 5.70
CA PHE C 670 39.85 9.95 5.77
C PHE C 670 38.95 9.91 7.02
N PHE C 671 38.46 8.72 7.35
CA PHE C 671 37.76 8.48 8.65
C PHE C 671 38.56 9.13 9.78
N PHE C 672 39.83 8.79 9.86
CA PHE C 672 40.75 9.32 10.89
C PHE C 672 40.76 10.84 10.82
N TRP C 673 41.19 11.40 9.69
CA TRP C 673 41.30 12.86 9.52
C TRP C 673 39.97 13.56 9.88
N HIS C 674 38.91 13.22 9.18
CA HIS C 674 37.62 13.91 9.37
C HIS C 674 37.37 14.00 10.86
N LEU C 675 37.57 12.90 11.57
CA LEU C 675 37.37 12.89 13.05
C LEU C 675 38.33 13.81 13.79
N LYS C 676 39.62 13.60 13.55
CA LYS C 676 40.74 14.37 14.15
C LYS C 676 40.63 15.86 13.91
N SER C 677 40.14 16.26 12.74
CA SER C 677 40.01 17.70 12.39
C SER C 677 39.11 18.45 13.39
N GLU C 678 38.05 17.79 13.81
CA GLU C 678 37.03 18.30 14.76
C GLU C 678 37.46 18.07 16.22
N MET C 679 38.72 17.70 16.47
CA MET C 679 39.11 17.20 17.82
C MET C 679 39.44 18.33 18.77
N HIS C 680 39.74 19.51 18.25
CA HIS C 680 39.90 20.75 19.04
C HIS C 680 38.57 21.13 19.71
N ASN C 681 37.49 20.87 18.99
CA ASN C 681 36.11 21.28 19.38
C ASN C 681 35.70 20.54 20.65
N LYS C 682 35.36 21.28 21.69
CA LYS C 682 35.27 20.79 23.09
C LYS C 682 34.02 19.94 23.29
N THR C 683 32.97 20.22 22.52
CA THR C 683 31.67 19.52 22.56
C THR C 683 31.79 18.05 22.14
N VAL C 684 32.64 17.75 21.17
CA VAL C 684 32.71 16.42 20.50
C VAL C 684 34.02 15.67 20.80
N SER C 685 34.97 16.33 21.45
CA SER C 685 36.37 15.82 21.59
C SER C 685 36.40 14.47 22.30
N GLN C 686 35.51 14.27 23.26
CA GLN C 686 35.48 13.02 24.05
C GLN C 686 35.00 11.85 23.19
N ARG C 687 33.86 12.01 22.52
CA ARG C 687 33.30 10.98 21.61
C ARG C 687 34.29 10.63 20.51
N PHE C 688 34.75 11.63 19.79
CA PHE C 688 35.68 11.46 18.66
C PHE C 688 37.04 10.97 19.14
N GLY C 689 37.50 11.42 20.29
CA GLY C 689 38.74 10.89 20.90
C GLY C 689 38.64 9.41 21.22
N LEU C 690 37.58 9.02 21.90
CA LEU C 690 37.35 7.62 22.31
C LEU C 690 37.23 6.73 21.09
N LEU C 691 36.64 7.29 20.02
CA LEU C 691 36.47 6.59 18.72
C LEU C 691 37.79 6.46 17.98
N LEU C 692 38.51 7.58 17.83
CA LEU C 692 39.85 7.61 17.19
C LEU C 692 40.82 6.72 17.95
N GLU C 693 40.56 6.50 19.25
CA GLU C 693 41.38 5.57 20.07
C GLU C 693 41.14 4.16 19.56
N SER C 694 39.86 3.77 19.47
CA SER C 694 39.44 2.42 19.07
C SER C 694 40.00 2.06 17.67
N TYR C 695 40.00 3.04 16.78
CA TYR C 695 40.55 2.87 15.42
C TYR C 695 42.04 2.59 15.47
N CYS C 696 42.76 3.49 16.14
CA CYS C 696 44.25 3.47 16.16
C CYS C 696 44.80 2.18 16.75
N ARG C 697 44.11 1.61 17.73
CA ARG C 697 44.49 0.30 18.32
C ARG C 697 44.43 -0.82 17.30
N ALA C 698 43.38 -0.83 16.47
CA ALA C 698 43.09 -1.93 15.54
C ALA C 698 43.63 -1.73 14.12
N CYS C 699 43.95 -0.52 13.70
CA CYS C 699 44.27 -0.21 12.27
C CYS C 699 45.60 -0.84 11.84
N GLY C 700 46.49 -1.15 12.78
CA GLY C 700 47.73 -1.88 12.46
C GLY C 700 48.88 -0.96 12.16
N MET C 701 49.51 -1.13 10.99
CA MET C 701 50.76 -0.39 10.65
C MET C 701 50.44 1.04 10.22
N TYR C 702 49.22 1.30 9.77
CA TYR C 702 48.88 2.64 9.22
C TYR C 702 48.96 3.73 10.29
N LEU C 703 48.99 3.34 11.56
CA LEU C 703 49.13 4.29 12.69
C LEU C 703 50.46 5.03 12.54
N LYS C 704 51.52 4.27 12.20
CA LYS C 704 52.87 4.88 12.06
C LYS C 704 52.90 5.81 10.86
N HIS C 705 52.25 5.41 9.77
CA HIS C 705 52.12 6.23 8.55
C HIS C 705 51.34 7.50 8.84
N LEU C 706 50.29 7.39 9.68
CA LEU C 706 49.52 8.55 10.18
C LEU C 706 50.31 9.46 11.12
N ASN C 707 51.01 8.90 12.09
CA ASN C 707 51.88 9.69 12.99
C ASN C 707 52.77 10.63 12.17
N ARG C 708 53.33 10.12 11.08
CA ARG C 708 54.31 10.91 10.29
C ARG C 708 53.58 12.07 9.63
N GLN C 709 52.39 11.83 9.10
CA GLN C 709 51.55 12.85 8.48
C GLN C 709 51.26 13.94 9.51
N VAL C 710 50.75 13.48 10.65
CA VAL C 710 50.31 14.34 11.79
C VAL C 710 51.48 15.23 12.18
N GLU C 711 52.65 14.59 12.42
CA GLU C 711 53.88 15.29 12.84
C GLU C 711 54.28 16.34 11.80
N ALA C 712 54.15 15.96 10.53
CA ALA C 712 54.48 16.81 9.38
C ALA C 712 53.58 18.04 9.38
N MET C 713 52.26 17.86 9.60
CA MET C 713 51.33 19.00 9.69
C MET C 713 51.69 19.94 10.84
N GLU C 714 52.01 19.41 12.01
CA GLU C 714 52.36 20.21 13.20
C GLU C 714 53.52 21.17 12.93
N LYS C 715 54.60 20.65 12.34
CA LYS C 715 55.72 21.55 11.95
C LYS C 715 55.14 22.69 11.10
N LEU C 716 54.27 22.35 10.15
CA LEU C 716 53.73 23.33 9.19
C LEU C 716 52.85 24.38 9.88
N ILE C 717 52.03 23.96 10.82
CA ILE C 717 51.19 24.85 11.65
C ILE C 717 52.11 25.82 12.41
N ASN C 718 53.11 25.26 13.06
CA ASN C 718 54.08 26.04 13.88
C ASN C 718 54.86 27.01 13.01
N LEU C 719 55.37 26.55 11.85
CA LEU C 719 56.15 27.40 10.94
C LEU C 719 55.29 28.57 10.45
N THR C 720 54.02 28.28 10.12
CA THR C 720 53.07 29.33 9.68
C THR C 720 52.76 30.32 10.82
N ASP C 721 52.50 29.77 12.02
CA ASP C 721 52.20 30.55 13.24
C ASP C 721 53.25 31.65 13.44
N ILE C 722 54.51 31.28 13.32
CA ILE C 722 55.66 32.20 13.54
C ILE C 722 55.65 33.29 12.48
N LEU C 723 55.46 32.92 11.21
CA LEU C 723 55.36 33.89 10.11
C LEU C 723 54.12 34.77 10.32
N LYS C 724 53.08 34.18 10.92
CA LYS C 724 51.80 34.86 11.19
C LYS C 724 51.92 35.91 12.29
N GLN C 725 52.76 35.66 13.28
CA GLN C 725 52.80 36.45 14.54
C GLN C 725 54.08 37.27 14.65
N GLU C 726 55.18 36.63 15.04
CA GLU C 726 56.44 37.37 15.33
C GLU C 726 57.08 37.95 14.04
N LYS C 727 57.01 37.20 12.95
CA LYS C 727 57.64 37.57 11.66
C LYS C 727 56.60 38.21 10.75
N LYS C 728 55.47 38.66 11.28
CA LYS C 728 54.40 39.30 10.48
C LYS C 728 54.92 40.55 9.78
N ASP C 729 55.67 41.38 10.50
CA ASP C 729 56.09 42.73 10.03
C ASP C 729 57.10 42.58 8.89
N GLU C 730 58.01 41.62 8.99
CA GLU C 730 59.09 41.43 8.00
C GLU C 730 58.51 41.34 6.59
N THR C 731 59.39 41.52 5.61
CA THR C 731 59.08 41.49 4.16
C THR C 731 59.19 40.06 3.65
N GLN C 732 58.77 39.86 2.41
CA GLN C 732 58.80 38.57 1.69
C GLN C 732 60.27 38.10 1.52
N LYS C 733 61.18 39.03 1.31
CA LYS C 733 62.62 38.65 1.22
C LYS C 733 63.00 38.02 2.56
N VAL C 734 62.70 38.73 3.64
CA VAL C 734 63.26 38.42 5.00
C VAL C 734 62.58 37.15 5.49
N GLN C 735 61.24 37.11 5.38
CA GLN C 735 60.47 35.88 5.71
C GLN C 735 61.02 34.65 4.98
N MET C 736 61.17 34.76 3.66
CA MET C 736 61.67 33.67 2.80
C MET C 736 63.06 33.20 3.23
N LYS C 737 63.96 34.13 3.52
CA LYS C 737 65.26 33.87 4.17
C LYS C 737 65.06 33.06 5.45
N PHE C 738 64.03 33.43 6.24
CA PHE C 738 63.79 32.77 7.55
C PHE C 738 63.31 31.33 7.35
N LEU C 739 62.43 31.20 6.34
CA LEU C 739 61.78 29.91 5.98
C LEU C 739 62.83 28.87 5.58
N VAL C 740 63.67 29.21 4.62
CA VAL C 740 64.68 28.29 4.05
C VAL C 740 65.66 27.85 5.14
N GLU C 741 65.94 28.75 6.08
CA GLU C 741 66.84 28.45 7.22
C GLU C 741 66.21 27.35 8.10
N GLN C 742 64.93 27.53 8.40
CA GLN C 742 64.18 26.60 9.27
C GLN C 742 63.87 25.30 8.54
N MET C 743 63.53 25.39 7.26
CA MET C 743 63.13 24.18 6.48
C MET C 743 64.35 23.29 6.23
N ARG C 744 65.54 23.88 6.13
CA ARG C 744 66.80 23.12 5.91
C ARG C 744 67.24 22.32 7.15
N ARG C 745 66.79 22.70 8.34
CA ARG C 745 67.26 22.08 9.60
C ARG C 745 66.86 20.60 9.64
N PRO C 746 67.75 19.77 10.26
CA PRO C 746 67.61 18.31 10.23
C PRO C 746 66.32 17.74 10.81
N ASP C 747 65.75 18.36 11.84
CA ASP C 747 64.43 17.98 12.40
C ASP C 747 63.28 18.18 11.39
N PHE C 748 63.34 19.28 10.64
CA PHE C 748 62.24 19.66 9.73
C PHE C 748 62.31 18.83 8.46
N MET C 749 63.54 18.69 7.94
CA MET C 749 63.89 17.77 6.83
C MET C 749 63.40 16.34 7.07
N ASP C 750 63.68 15.80 8.26
CA ASP C 750 63.31 14.41 8.59
C ASP C 750 61.80 14.25 8.72
N ALA C 751 61.13 15.23 9.36
CA ALA C 751 59.68 15.15 9.59
C ALA C 751 58.92 15.25 8.25
N LEU C 752 59.39 16.10 7.33
CA LEU C 752 58.55 16.48 6.15
C LEU C 752 59.05 15.85 4.83
N GLN C 753 59.71 14.69 4.95
CA GLN C 753 60.13 13.91 3.76
C GLN C 753 59.82 12.43 3.97
N GLY C 754 59.37 11.78 2.93
CA GLY C 754 59.03 10.35 2.95
C GLY C 754 57.84 10.03 3.82
N PHE C 755 56.69 10.61 3.46
CA PHE C 755 55.38 10.33 4.07
C PHE C 755 54.30 10.44 3.02
N LEU C 756 53.10 9.94 3.31
CA LEU C 756 52.00 9.86 2.31
C LEU C 756 51.06 11.07 2.33
N SER C 757 50.79 11.67 1.18
CA SER C 757 49.94 12.85 1.09
C SER C 757 48.66 12.60 1.88
N PRO C 758 48.29 13.52 2.82
CA PRO C 758 46.97 13.46 3.46
C PRO C 758 45.79 13.60 2.47
N LEU C 759 45.99 14.40 1.42
CA LEU C 759 44.97 14.60 0.36
C LEU C 759 44.64 13.29 -0.34
N ASN C 760 45.67 12.50 -0.64
CA ASN C 760 45.50 11.17 -1.26
C ASN C 760 46.70 10.28 -0.91
N PRO C 761 46.53 9.30 -0.01
CA PRO C 761 47.67 8.49 0.44
C PRO C 761 48.27 7.54 -0.62
N ALA C 762 47.61 7.35 -1.75
CA ALA C 762 48.19 6.66 -2.91
C ALA C 762 49.44 7.39 -3.38
N HIS C 763 49.42 8.71 -3.31
CA HIS C 763 50.56 9.56 -3.72
C HIS C 763 51.55 9.64 -2.57
N GLN C 764 52.80 9.27 -2.85
CA GLN C 764 53.91 9.40 -1.88
C GLN C 764 54.59 10.76 -2.03
N LEU C 765 55.11 11.28 -0.92
CA LEU C 765 55.86 12.53 -0.85
C LEU C 765 57.28 12.19 -0.39
N GLY C 766 58.21 12.35 -1.36
CA GLY C 766 59.61 11.92 -1.22
C GLY C 766 60.46 13.00 -0.59
N ASN C 767 61.47 13.45 -1.35
CA ASN C 767 62.33 14.59 -0.97
C ASN C 767 61.71 15.91 -1.40
N LEU C 768 61.81 16.93 -0.53
CA LEU C 768 61.37 18.31 -0.87
C LEU C 768 62.16 18.84 -2.07
N ARG C 769 61.47 19.49 -3.01
CA ARG C 769 62.09 20.41 -3.97
C ARG C 769 62.08 21.81 -3.36
N LEU C 770 63.15 22.15 -2.64
CA LEU C 770 63.21 23.36 -1.80
C LEU C 770 63.22 24.62 -2.67
N GLU C 771 63.89 24.53 -3.81
CA GLU C 771 64.00 25.65 -4.77
C GLU C 771 62.61 26.04 -5.27
N GLU C 772 61.67 25.11 -5.34
CA GLU C 772 60.29 25.41 -5.77
C GLU C 772 59.39 25.79 -4.60
N CYS C 773 59.68 25.40 -3.37
CA CYS C 773 58.93 25.84 -2.19
C CYS C 773 58.92 27.37 -2.08
N ARG C 774 57.91 27.94 -1.48
CA ARG C 774 57.82 29.40 -1.28
C ARG C 774 56.63 29.74 -0.41
N ILE C 775 56.62 30.92 0.22
CA ILE C 775 55.40 31.49 0.85
C ILE C 775 54.59 32.25 -0.19
N MET C 776 53.27 32.07 -0.19
CA MET C 776 52.38 32.78 -1.13
C MET C 776 52.08 34.17 -0.59
N SER C 777 51.59 35.03 -1.48
CA SER C 777 51.42 36.50 -1.29
C SER C 777 50.42 36.90 -0.20
N SER C 778 49.41 36.05 0.03
CA SER C 778 48.28 36.30 0.94
C SER C 778 48.75 36.65 2.36
N ALA C 779 47.83 37.19 3.16
CA ALA C 779 48.10 37.81 4.48
C ALA C 779 48.00 36.74 5.57
N LYS C 780 47.46 35.58 5.24
CA LYS C 780 47.50 34.36 6.08
C LYS C 780 48.81 33.61 5.89
N ARG C 781 49.56 33.92 4.83
CA ARG C 781 50.90 33.34 4.53
C ARG C 781 50.76 31.84 4.21
N PRO C 782 50.10 31.47 3.10
CA PRO C 782 50.07 30.05 2.70
C PRO C 782 51.41 29.54 2.18
N LEU C 783 51.67 28.25 2.36
CA LEU C 783 52.92 27.60 1.95
C LEU C 783 52.73 26.76 0.70
N TRP C 784 53.34 27.17 -0.41
CA TRP C 784 53.48 26.33 -1.62
C TRP C 784 54.58 25.32 -1.33
N LEU C 785 54.24 24.04 -1.34
CA LEU C 785 55.21 22.94 -1.15
C LEU C 785 55.30 22.07 -2.40
N ASN C 786 56.44 21.44 -2.60
CA ASN C 786 56.72 20.54 -3.73
C ASN C 786 57.52 19.33 -3.22
N TRP C 787 57.25 18.18 -3.78
CA TRP C 787 57.91 16.91 -3.42
C TRP C 787 58.31 16.12 -4.64
N GLU C 788 59.52 15.53 -4.66
CA GLU C 788 59.86 14.44 -5.58
C GLU C 788 58.79 13.39 -5.38
N ASN C 789 58.48 12.68 -6.44
CA ASN C 789 57.64 11.45 -6.40
C ASN C 789 58.56 10.24 -6.46
N PRO C 790 58.74 9.48 -5.34
CA PRO C 790 59.74 8.42 -5.29
C PRO C 790 59.33 7.12 -6.01
N ASP C 791 58.08 7.05 -6.47
CA ASP C 791 57.59 5.89 -7.27
C ASP C 791 58.55 5.58 -8.43
N ILE C 792 58.62 4.29 -8.77
CA ILE C 792 59.66 3.73 -9.66
C ILE C 792 59.55 4.43 -11.02
N MET C 793 58.32 4.67 -11.44
CA MET C 793 58.01 5.22 -12.78
C MET C 793 57.20 6.50 -12.62
N SER C 794 57.81 7.47 -11.96
CA SER C 794 57.24 8.81 -11.70
C SER C 794 57.04 9.58 -13.01
N GLU C 795 57.88 9.28 -14.00
CA GLU C 795 57.91 9.91 -15.34
C GLU C 795 56.51 10.12 -15.95
N LEU C 796 55.57 9.20 -15.71
CA LEU C 796 54.44 8.87 -16.60
C LEU C 796 53.08 9.07 -15.94
N LEU C 797 53.00 9.43 -14.66
CA LEU C 797 51.80 10.01 -14.02
C LEU C 797 52.07 11.49 -13.74
N PHE C 798 52.95 11.83 -12.83
CA PHE C 798 53.28 13.26 -12.58
C PHE C 798 54.58 13.29 -11.82
N GLN C 799 55.57 13.97 -12.38
CA GLN C 799 56.92 14.07 -11.81
C GLN C 799 56.79 14.72 -10.46
N ASN C 800 55.80 15.62 -10.30
CA ASN C 800 55.77 16.54 -9.12
C ASN C 800 54.47 16.47 -8.34
N ASN C 801 54.58 16.44 -7.01
CA ASN C 801 53.48 16.56 -6.05
C ASN C 801 53.49 17.95 -5.48
N GLU C 802 52.51 18.78 -5.84
CA GLU C 802 52.38 20.16 -5.33
C GLU C 802 51.16 20.20 -4.40
N ILE C 803 51.38 20.73 -3.20
CA ILE C 803 50.28 20.96 -2.22
C ILE C 803 50.45 22.33 -1.59
N ILE C 804 49.36 23.08 -1.50
CA ILE C 804 49.30 24.37 -0.76
C ILE C 804 48.84 24.07 0.67
N PHE C 805 49.62 24.54 1.64
CA PHE C 805 49.27 24.42 3.08
C PHE C 805 48.78 25.77 3.55
N LYS C 806 47.55 25.89 4.06
CA LYS C 806 47.05 27.20 4.54
C LYS C 806 46.60 27.11 6.00
N ASN C 807 47.16 27.97 6.85
CA ASN C 807 46.73 28.12 8.26
C ASN C 807 45.89 29.39 8.37
N GLY C 808 44.71 29.31 8.97
CA GLY C 808 43.97 30.52 9.40
C GLY C 808 42.54 30.47 8.98
N ASP C 809 42.26 29.88 7.82
CA ASP C 809 40.90 29.90 7.21
C ASP C 809 40.21 28.55 7.40
N ASP C 810 38.90 28.59 7.61
CA ASP C 810 38.05 27.40 7.74
C ASP C 810 37.77 26.83 6.35
N LEU C 811 38.40 25.71 6.02
CA LEU C 811 38.28 25.12 4.66
C LEU C 811 37.06 24.21 4.54
N ARG C 812 36.30 24.04 5.64
CA ARG C 812 35.21 23.03 5.70
C ARG C 812 34.10 23.33 4.70
N GLN C 813 33.80 24.62 4.50
CA GLN C 813 32.87 25.11 3.47
C GLN C 813 33.34 24.67 2.09
N ASP C 814 34.60 24.95 1.74
CA ASP C 814 35.16 24.50 0.44
C ASP C 814 35.08 22.99 0.27
N MET C 815 35.64 22.26 1.26
CA MET C 815 35.48 20.79 1.39
C MET C 815 34.10 20.25 0.99
N LEU C 816 33.05 20.83 1.57
CA LEU C 816 31.66 20.45 1.27
C LEU C 816 31.19 20.98 -0.09
N THR C 817 31.65 22.15 -0.52
CA THR C 817 31.39 22.67 -1.88
C THR C 817 31.93 21.75 -2.96
N LEU C 818 33.21 21.42 -2.84
CA LEU C 818 33.93 20.54 -3.79
C LEU C 818 33.32 19.16 -3.85
N GLN C 819 32.85 18.62 -2.73
CA GLN C 819 32.13 17.33 -2.68
C GLN C 819 30.91 17.35 -3.56
N ILE C 820 30.12 18.42 -3.46
CA ILE C 820 28.85 18.59 -4.22
C ILE C 820 29.09 18.80 -5.69
N ILE C 821 30.16 19.53 -6.07
CA ILE C 821 30.50 19.75 -7.50
C ILE C 821 30.81 18.40 -8.18
N ARG C 822 31.49 17.53 -7.42
CA ARG C 822 31.87 16.16 -7.86
C ARG C 822 30.60 15.38 -8.25
N ILE C 823 29.63 15.36 -7.33
CA ILE C 823 28.37 14.58 -7.45
C ILE C 823 27.52 15.12 -8.58
N MET C 824 27.54 16.44 -8.82
CA MET C 824 26.87 17.07 -9.98
C MET C 824 27.48 16.57 -11.29
N GLU C 825 28.81 16.49 -11.31
CA GLU C 825 29.53 15.95 -12.51
C GLU C 825 29.18 14.46 -12.72
N ASN C 826 29.24 13.71 -11.61
CA ASN C 826 28.93 12.26 -11.60
C ASN C 826 27.53 12.01 -12.16
N ILE C 827 26.56 12.83 -11.73
CA ILE C 827 25.13 12.69 -12.09
C ILE C 827 24.91 12.95 -13.59
N TRP C 828 25.46 14.06 -14.06
CA TRP C 828 25.49 14.44 -15.50
C TRP C 828 26.13 13.35 -16.36
N GLN C 829 27.26 12.82 -15.89
CA GLN C 829 28.07 11.85 -16.66
C GLN C 829 27.31 10.54 -16.89
N ASN C 830 26.55 10.10 -15.89
CA ASN C 830 25.72 8.89 -15.98
C ASN C 830 24.62 9.03 -17.03
N GLN C 831 23.90 10.14 -16.98
CA GLN C 831 22.76 10.44 -17.86
C GLN C 831 23.21 10.58 -19.31
N GLY C 832 24.52 10.81 -19.52
CA GLY C 832 25.18 10.84 -20.84
C GLY C 832 25.77 12.21 -21.19
N LEU C 833 25.66 13.13 -20.23
CA LEU C 833 25.99 14.57 -20.40
C LEU C 833 27.45 14.83 -20.05
N ASP C 834 28.23 15.27 -21.03
CA ASP C 834 29.69 15.39 -20.91
C ASP C 834 30.09 16.83 -20.56
N LEU C 835 29.74 17.26 -19.36
CA LEU C 835 30.25 18.50 -18.73
C LEU C 835 31.34 18.10 -17.72
N ARG C 836 32.51 18.71 -17.84
CA ARG C 836 33.71 18.28 -17.09
C ARG C 836 34.02 19.35 -16.05
N MET C 837 33.82 18.95 -14.79
CA MET C 837 34.18 19.74 -13.60
C MET C 837 35.54 19.30 -13.07
N LEU C 838 36.12 20.18 -12.25
CA LEU C 838 37.40 19.94 -11.53
C LEU C 838 37.25 20.23 -10.04
N PRO C 839 36.62 19.31 -9.27
CA PRO C 839 36.66 19.36 -7.82
C PRO C 839 38.02 18.88 -7.31
N TYR C 840 39.03 19.75 -7.42
CA TYR C 840 40.37 19.53 -6.82
C TYR C 840 40.25 19.07 -5.37
N GLY C 841 41.32 18.43 -4.92
CA GLY C 841 41.54 17.95 -3.55
C GLY C 841 41.53 19.06 -2.51
N CYS C 842 40.83 18.80 -1.41
CA CYS C 842 40.84 19.71 -0.23
C CYS C 842 40.49 18.94 1.03
N LEU C 843 41.29 19.12 2.07
CA LEU C 843 41.14 18.46 3.38
C LEU C 843 41.30 19.46 4.52
N SER C 844 40.36 19.42 5.46
CA SER C 844 40.53 20.05 6.80
C SER C 844 41.13 19.01 7.72
N ILE C 845 42.16 19.44 8.47
CA ILE C 845 43.00 18.62 9.38
C ILE C 845 42.96 19.16 10.82
N GLY C 846 42.22 20.24 11.05
CA GLY C 846 42.19 20.89 12.37
C GLY C 846 41.33 22.13 12.37
N ASP C 847 41.68 23.08 13.26
CA ASP C 847 40.92 24.33 13.45
C ASP C 847 41.48 25.39 12.51
N CYS C 848 41.00 25.36 11.27
CA CYS C 848 41.27 26.34 10.17
C CYS C 848 42.58 26.03 9.46
N VAL C 849 43.16 24.87 9.72
CA VAL C 849 44.35 24.35 9.03
C VAL C 849 43.82 23.38 7.98
N GLY C 850 44.38 23.48 6.79
CA GLY C 850 44.04 22.57 5.68
C GLY C 850 45.08 22.49 4.60
N LEU C 851 44.84 21.54 3.69
CA LEU C 851 45.68 21.30 2.50
C LEU C 851 44.83 21.46 1.24
N ILE C 852 45.47 21.87 0.16
CA ILE C 852 44.81 22.01 -1.17
C ILE C 852 45.67 21.39 -2.27
N GLU C 853 45.11 20.48 -3.05
CA GLU C 853 45.70 19.98 -4.30
C GLU C 853 45.93 21.15 -5.24
N VAL C 854 47.12 21.21 -5.82
CA VAL C 854 47.40 22.23 -6.89
C VAL C 854 47.01 21.67 -8.25
N VAL C 855 46.09 22.35 -8.95
CA VAL C 855 45.76 22.03 -10.35
C VAL C 855 46.87 22.66 -11.19
N ARG C 856 47.53 21.82 -11.96
CA ARG C 856 48.74 22.16 -12.75
C ARG C 856 48.34 22.60 -14.16
N ASN C 857 49.20 23.45 -14.71
CA ASN C 857 49.15 24.05 -16.06
C ASN C 857 47.87 24.86 -16.18
N SER C 858 47.55 25.62 -15.14
CA SER C 858 46.30 26.43 -15.04
C SER C 858 46.57 27.86 -14.56
N HIS C 859 45.85 28.83 -15.14
CA HIS C 859 46.01 30.26 -14.79
C HIS C 859 44.68 30.97 -14.63
N THR C 860 44.60 31.92 -13.70
CA THR C 860 43.39 32.76 -13.53
C THR C 860 43.22 33.67 -14.75
N ILE C 861 41.96 34.08 -15.00
CA ILE C 861 41.60 35.00 -16.10
C ILE C 861 42.43 36.28 -15.96
N MET C 862 42.63 36.71 -14.71
CA MET C 862 43.50 37.86 -14.36
C MET C 862 44.92 37.60 -14.86
N GLN C 863 45.51 36.46 -14.44
CA GLN C 863 46.85 36.06 -14.95
C GLN C 863 46.95 36.12 -16.47
N ILE C 864 45.93 35.58 -17.14
CA ILE C 864 45.80 35.58 -18.62
C ILE C 864 45.86 37.01 -19.11
N GLN C 865 45.16 37.91 -18.40
CA GLN C 865 45.06 39.33 -18.76
C GLN C 865 46.44 39.97 -18.71
N CYS C 866 47.15 39.80 -17.60
CA CYS C 866 48.44 40.41 -17.26
C CYS C 866 49.49 40.12 -18.32
N LYS C 867 49.37 38.97 -18.98
CA LYS C 867 50.27 38.55 -20.08
C LYS C 867 50.06 39.31 -21.40
N GLY C 868 48.96 39.02 -22.09
CA GLY C 868 48.75 39.39 -23.49
C GLY C 868 47.75 40.51 -23.65
N SER C 878 39.08 43.25 -24.97
CA SER C 878 38.40 41.94 -25.21
C SER C 878 39.20 41.12 -26.21
N HIS C 879 38.98 39.80 -26.20
CA HIS C 879 39.58 38.82 -27.15
C HIS C 879 40.90 38.25 -26.63
N THR C 880 41.45 38.77 -25.54
CA THR C 880 42.73 38.25 -24.98
C THR C 880 42.59 36.81 -24.47
N LEU C 881 41.47 36.50 -23.82
CA LEU C 881 41.19 35.12 -23.36
C LEU C 881 41.15 34.17 -24.54
N HIS C 882 40.40 34.49 -25.59
CA HIS C 882 40.36 33.62 -26.79
C HIS C 882 41.78 33.46 -27.37
N GLN C 883 42.48 34.59 -27.49
CA GLN C 883 43.87 34.58 -28.03
C GLN C 883 44.77 33.58 -27.31
N TRP C 884 44.81 33.68 -25.98
CA TRP C 884 45.65 32.83 -25.10
C TRP C 884 45.44 31.35 -25.38
N LEU C 885 44.17 30.96 -25.48
CA LEU C 885 43.75 29.54 -25.62
C LEU C 885 44.04 29.03 -27.02
N LYS C 886 43.80 29.90 -28.02
CA LYS C 886 44.06 29.61 -29.45
C LYS C 886 45.55 29.46 -29.74
N ASP C 887 46.33 30.38 -29.16
CA ASP C 887 47.81 30.46 -29.25
C ASP C 887 48.52 29.20 -28.76
N LYS C 888 48.08 28.63 -27.64
CA LYS C 888 48.51 27.29 -27.18
C LYS C 888 48.17 26.17 -28.17
N ASN C 889 46.95 26.18 -28.70
CA ASN C 889 46.32 25.11 -29.50
C ASN C 889 46.17 25.49 -30.97
N LYS C 890 46.96 24.82 -31.79
CA LYS C 890 47.00 24.98 -33.27
C LYS C 890 46.86 23.60 -33.93
N GLY C 891 46.47 23.59 -35.21
CA GLY C 891 46.56 22.39 -36.06
C GLY C 891 45.56 21.35 -35.64
N GLU C 892 44.33 21.79 -35.38
CA GLU C 892 43.15 20.94 -35.04
C GLU C 892 43.11 20.57 -33.55
N ILE C 893 44.07 21.04 -32.76
CA ILE C 893 44.00 20.89 -31.28
C ILE C 893 42.97 21.91 -30.78
N TYR C 894 42.93 23.05 -31.48
CA TYR C 894 41.99 24.17 -31.25
C TYR C 894 40.53 23.76 -31.16
N ASP C 895 40.07 22.89 -32.05
CA ASP C 895 38.66 22.45 -32.11
C ASP C 895 38.28 21.67 -30.84
N ALA C 896 39.17 20.81 -30.38
CA ALA C 896 38.94 19.95 -29.19
C ALA C 896 38.91 20.78 -27.90
N ALA C 897 39.77 21.79 -27.85
CA ALA C 897 39.94 22.68 -26.68
C ALA C 897 38.74 23.59 -26.44
N ILE C 898 38.12 24.10 -27.49
CA ILE C 898 36.92 24.96 -27.40
C ILE C 898 35.79 24.13 -26.80
N ASP C 899 35.68 22.90 -27.29
CA ASP C 899 34.59 21.96 -26.92
C ASP C 899 34.75 21.57 -25.46
N LEU C 900 35.99 21.44 -25.02
CA LEU C 900 36.32 21.30 -23.57
C LEU C 900 35.87 22.55 -22.80
N PHE C 901 36.31 23.73 -23.26
CA PHE C 901 36.00 25.03 -22.64
C PHE C 901 34.48 25.24 -22.49
N THR C 902 33.75 25.07 -23.58
CA THR C 902 32.28 25.12 -23.59
C THR C 902 31.69 24.29 -22.46
N ARG C 903 31.98 22.99 -22.46
CA ARG C 903 31.40 21.99 -21.54
C ARG C 903 31.72 22.31 -20.08
N SER C 904 32.97 22.66 -19.81
CA SER C 904 33.41 23.06 -18.44
C SER C 904 32.73 24.33 -17.98
N CYS C 905 32.66 25.33 -18.87
CA CYS C 905 31.99 26.61 -18.58
C CYS C 905 30.53 26.37 -18.19
N ALA C 906 29.86 25.52 -18.97
CA ALA C 906 28.43 25.21 -18.81
C ALA C 906 28.15 24.55 -17.47
N GLY C 907 28.97 23.58 -17.10
CA GLY C 907 28.95 22.92 -15.77
C GLY C 907 29.03 23.87 -14.59
N TYR C 908 29.99 24.80 -14.65
CA TYR C 908 30.30 25.78 -13.61
C TYR C 908 29.45 27.04 -13.80
N CYS C 909 28.56 27.12 -14.77
CA CYS C 909 27.46 28.12 -14.73
C CYS C 909 26.30 27.60 -13.87
N VAL C 910 25.84 26.39 -14.19
CA VAL C 910 24.70 25.68 -13.56
C VAL C 910 25.04 25.32 -12.12
N ALA C 911 26.22 24.75 -11.85
CA ALA C 911 26.55 24.37 -10.47
C ALA C 911 26.59 25.60 -9.62
N THR C 912 27.33 26.62 -10.06
CA THR C 912 27.45 27.95 -9.44
C THR C 912 26.09 28.58 -9.08
N PHE C 913 25.20 28.59 -10.06
CA PHE C 913 23.86 29.21 -9.96
C PHE C 913 23.03 28.55 -8.86
N ILE C 914 22.96 27.24 -8.90
CA ILE C 914 22.06 26.45 -7.99
C ILE C 914 22.53 26.72 -6.56
N LEU C 915 23.83 26.74 -6.35
CA LEU C 915 24.39 26.85 -4.98
C LEU C 915 24.42 28.30 -4.49
N GLY C 916 24.29 29.26 -5.39
CA GLY C 916 24.27 30.69 -5.03
C GLY C 916 25.64 31.29 -4.99
N ILE C 917 26.58 30.70 -5.74
CA ILE C 917 27.99 31.16 -5.77
C ILE C 917 28.24 31.92 -7.07
N GLY C 918 27.22 32.63 -7.54
CA GLY C 918 27.25 33.31 -8.85
C GLY C 918 28.30 34.39 -8.96
N ASP C 919 28.33 35.33 -8.01
CA ASP C 919 29.22 36.51 -8.09
C ASP C 919 30.63 36.08 -7.74
N ARG C 920 31.50 35.93 -8.75
CA ARG C 920 32.89 35.47 -8.57
C ARG C 920 33.76 36.39 -9.41
N HIS C 921 34.77 36.97 -8.79
CA HIS C 921 35.74 37.85 -9.52
C HIS C 921 36.61 37.03 -10.47
N ASN C 922 37.02 37.63 -11.60
CA ASN C 922 37.91 36.97 -12.58
C ASN C 922 39.06 36.26 -11.85
N SER C 923 39.41 36.84 -10.71
CA SER C 923 40.46 36.35 -9.78
C SER C 923 40.19 34.90 -9.38
N ASN C 924 38.92 34.47 -9.46
CA ASN C 924 38.45 33.19 -8.88
C ASN C 924 37.95 32.22 -9.96
N ILE C 925 38.06 32.56 -11.23
CA ILE C 925 37.91 31.58 -12.35
C ILE C 925 39.29 31.26 -12.94
N MET C 926 39.56 29.99 -13.21
CA MET C 926 40.82 29.55 -13.84
C MET C 926 40.52 28.74 -15.11
N VAL C 927 41.48 28.77 -16.03
CA VAL C 927 41.45 27.94 -17.27
C VAL C 927 42.76 27.16 -17.39
N LYS C 928 42.68 25.82 -17.50
CA LYS C 928 43.83 24.98 -17.87
C LYS C 928 44.26 25.27 -19.32
N ASP C 929 45.48 24.90 -19.68
CA ASP C 929 46.04 25.23 -21.00
C ASP C 929 45.23 24.53 -22.07
N ASP C 930 44.74 23.34 -21.75
CA ASP C 930 44.01 22.45 -22.70
C ASP C 930 42.57 22.92 -22.84
N GLY C 931 42.12 23.82 -21.94
CA GLY C 931 40.85 24.56 -22.07
C GLY C 931 39.78 24.23 -21.01
N GLN C 932 40.17 23.55 -19.93
CA GLN C 932 39.21 23.24 -18.85
C GLN C 932 39.06 24.42 -17.89
N LEU C 933 37.83 24.92 -17.75
CA LEU C 933 37.51 26.03 -16.83
C LEU C 933 37.04 25.50 -15.48
N PHE C 934 37.44 26.21 -14.39
CA PHE C 934 36.94 25.86 -13.04
C PHE C 934 37.00 27.04 -12.05
N HIS C 935 36.22 26.91 -10.98
CA HIS C 935 36.14 27.89 -9.86
C HIS C 935 37.02 27.43 -8.70
N ILE C 936 37.49 28.39 -7.91
CA ILE C 936 38.42 28.18 -6.78
C ILE C 936 38.03 29.03 -5.56
N ASP C 937 38.42 28.58 -4.39
CA ASP C 937 38.37 29.35 -3.12
C ASP C 937 36.96 29.85 -2.89
N PHE C 938 36.09 28.91 -2.55
CA PHE C 938 34.65 29.10 -2.30
C PHE C 938 34.39 29.67 -0.89
N GLY C 939 35.34 29.53 0.04
CA GLY C 939 35.26 30.15 1.37
C GLY C 939 35.50 31.64 1.40
N HIS C 940 36.32 32.12 0.47
CA HIS C 940 36.64 33.56 0.29
C HIS C 940 35.43 34.37 -0.16
N PHE C 941 34.44 33.71 -0.76
CA PHE C 941 33.15 34.30 -1.17
C PHE C 941 32.10 34.23 -0.06
N LEU C 942 31.96 33.07 0.58
CA LEU C 942 30.92 32.82 1.60
C LEU C 942 31.25 33.55 2.90
N ASP C 943 32.46 34.09 3.03
CA ASP C 943 32.78 34.98 4.17
C ASP C 943 32.39 36.45 3.90
N HIS C 944 32.72 36.95 2.71
CA HIS C 944 32.47 38.35 2.29
C HIS C 944 30.99 38.72 2.47
N LYS C 945 30.07 37.83 2.09
CA LYS C 945 28.60 38.01 2.22
C LYS C 945 28.20 37.74 3.67
N VAL C 956 24.27 39.78 -10.74
CA VAL C 956 24.33 38.64 -11.68
C VAL C 956 23.97 37.38 -10.90
N PRO C 957 23.18 36.49 -11.51
CA PRO C 957 22.84 35.20 -10.91
C PRO C 957 23.95 34.14 -11.03
N PHE C 958 24.52 34.01 -12.22
CA PHE C 958 25.73 33.18 -12.43
C PHE C 958 26.66 33.98 -13.33
N VAL C 959 27.94 33.68 -13.22
CA VAL C 959 29.03 34.47 -13.88
C VAL C 959 29.15 34.12 -15.37
N LEU C 960 28.48 34.93 -16.21
CA LEU C 960 28.67 34.87 -17.67
C LEU C 960 29.28 36.17 -18.20
N THR C 961 30.35 36.03 -18.97
CA THR C 961 31.12 37.17 -19.50
C THR C 961 31.21 37.05 -21.02
N GLN C 962 31.23 38.20 -21.67
CA GLN C 962 31.61 38.34 -23.11
C GLN C 962 32.97 37.72 -23.37
N ASP C 963 33.88 37.82 -22.39
CA ASP C 963 35.21 37.14 -22.42
C ASP C 963 35.07 35.70 -22.89
N PHE C 964 34.20 34.95 -22.20
CA PHE C 964 33.99 33.50 -22.45
C PHE C 964 33.25 33.26 -23.76
N LEU C 965 32.23 34.08 -24.06
CA LEU C 965 31.43 33.90 -25.31
C LEU C 965 32.33 33.90 -26.54
N ILE C 966 33.34 34.76 -26.59
CA ILE C 966 34.28 34.85 -27.72
C ILE C 966 35.25 33.67 -27.78
N VAL C 967 35.25 32.80 -26.80
CA VAL C 967 35.86 31.43 -26.86
C VAL C 967 34.77 30.43 -27.27
N ILE C 968 33.55 30.64 -26.77
CA ILE C 968 32.40 29.74 -27.08
C ILE C 968 32.15 29.76 -28.57
N SER C 969 32.01 30.97 -29.14
CA SER C 969 32.01 31.20 -30.61
C SER C 969 33.32 31.86 -31.10
N LYS C 970 33.78 31.47 -32.30
CA LYS C 970 34.92 32.09 -33.02
C LYS C 970 34.38 32.99 -34.15
N GLY C 971 34.19 34.28 -33.89
CA GLY C 971 33.72 35.23 -34.92
C GLY C 971 33.86 36.67 -34.48
N ALA C 972 33.08 37.54 -35.11
CA ALA C 972 33.10 39.01 -34.91
C ALA C 972 32.72 39.33 -33.47
N GLN C 973 33.40 40.32 -32.88
CA GLN C 973 33.17 40.83 -31.50
C GLN C 973 31.67 40.98 -31.22
N GLU C 974 31.24 40.56 -30.02
CA GLU C 974 29.82 40.51 -29.58
C GLU C 974 29.14 39.36 -30.35
N CYS C 975 28.09 39.65 -31.13
CA CYS C 975 27.40 38.67 -32.03
C CYS C 975 27.26 37.33 -31.30
N THR C 976 26.71 37.37 -30.10
CA THR C 976 26.69 36.22 -29.17
C THR C 976 25.84 35.05 -29.72
N LYS C 977 24.66 35.39 -30.24
CA LYS C 977 23.66 34.40 -30.70
C LYS C 977 24.15 33.75 -32.00
N THR C 978 24.49 32.47 -31.94
CA THR C 978 24.92 31.64 -33.08
C THR C 978 24.60 30.17 -32.84
N ARG C 979 24.73 29.35 -33.87
CA ARG C 979 24.49 27.90 -33.82
C ARG C 979 25.43 27.23 -32.83
N GLU C 980 26.59 27.84 -32.58
CA GLU C 980 27.57 27.26 -31.61
C GLU C 980 27.10 27.57 -30.19
N PHE C 981 26.65 28.80 -30.03
CA PHE C 981 26.15 29.33 -28.72
C PHE C 981 24.89 28.58 -28.27
N GLU C 982 23.98 28.39 -29.21
CA GLU C 982 22.75 27.58 -29.04
C GLU C 982 23.09 26.32 -28.27
N ARG C 983 24.11 25.61 -28.73
CA ARG C 983 24.56 24.30 -28.18
C ARG C 983 24.93 24.44 -26.72
N PHE C 984 25.83 25.37 -26.41
CA PHE C 984 26.24 25.71 -25.03
C PHE C 984 25.01 25.93 -24.16
N GLN C 985 24.00 26.60 -24.73
CA GLN C 985 22.77 26.96 -23.99
C GLN C 985 21.96 25.70 -23.63
N GLU C 986 21.83 24.83 -24.62
CA GLU C 986 21.10 23.54 -24.56
C GLU C 986 21.74 22.62 -23.52
N MET C 987 23.05 22.66 -23.44
CA MET C 987 23.81 21.91 -22.40
C MET C 987 23.38 22.41 -21.04
N CYS C 988 23.42 23.72 -20.81
CA CYS C 988 22.99 24.33 -19.52
C CYS C 988 21.59 23.89 -19.07
N TYR C 989 20.62 23.86 -19.98
CA TYR C 989 19.22 23.51 -19.64
C TYR C 989 19.16 22.04 -19.22
N LYS C 990 19.72 21.18 -20.05
CA LYS C 990 19.77 19.73 -19.71
C LYS C 990 20.49 19.53 -18.36
N ALA C 991 21.61 20.21 -18.20
CA ALA C 991 22.39 20.24 -16.95
C ALA C 991 21.57 20.67 -15.73
N TYR C 992 21.03 21.87 -15.75
CA TYR C 992 20.11 22.40 -14.73
C TYR C 992 18.99 21.40 -14.43
N LEU C 993 18.41 20.80 -15.46
CA LEU C 993 17.22 19.93 -15.30
C LEU C 993 17.61 18.59 -14.65
N ALA C 994 18.85 18.18 -14.86
CA ALA C 994 19.40 16.94 -14.26
C ALA C 994 19.51 17.11 -12.75
N ILE C 995 19.99 18.26 -12.30
CA ILE C 995 20.13 18.55 -10.85
C ILE C 995 18.73 18.68 -10.23
N ARG C 996 17.81 19.32 -10.94
CA ARG C 996 16.40 19.49 -10.49
C ARG C 996 15.76 18.13 -10.15
N GLN C 997 15.91 17.15 -11.04
CA GLN C 997 15.41 15.78 -10.85
C GLN C 997 16.12 15.08 -9.70
N HIS C 998 17.29 15.54 -9.28
CA HIS C 998 18.02 14.95 -8.13
C HIS C 998 18.08 15.94 -6.96
N ALA C 999 17.13 16.87 -6.90
CA ALA C 999 17.09 17.96 -5.90
C ALA C 999 17.18 17.35 -4.49
N ASN C 1000 16.46 16.25 -4.30
CA ASN C 1000 16.27 15.63 -2.96
C ASN C 1000 17.60 15.32 -2.28
N LEU C 1001 18.46 14.62 -3.04
CA LEU C 1001 19.83 14.21 -2.65
C LEU C 1001 20.65 15.38 -2.12
N PHE C 1002 20.79 16.44 -2.91
CA PHE C 1002 21.58 17.63 -2.50
C PHE C 1002 21.04 18.26 -1.22
N ILE C 1003 19.71 18.28 -1.08
CA ILE C 1003 19.04 18.75 0.15
C ILE C 1003 19.43 17.91 1.36
N ASN C 1004 19.43 16.60 1.19
CA ASN C 1004 19.80 15.64 2.27
C ASN C 1004 21.29 15.70 2.63
N LEU C 1005 22.11 15.96 1.64
CA LEU C 1005 23.58 16.11 1.85
C LEU C 1005 23.82 17.33 2.71
N PHE C 1006 23.13 18.44 2.38
CA PHE C 1006 23.16 19.68 3.20
C PHE C 1006 22.49 19.51 4.57
N SER C 1007 21.34 18.86 4.61
CA SER C 1007 20.58 18.58 5.86
C SER C 1007 21.40 17.87 6.91
N MET C 1008 22.26 16.94 6.50
CA MET C 1008 23.07 16.14 7.48
C MET C 1008 24.21 16.99 8.04
N MET C 1009 24.58 18.05 7.32
CA MET C 1009 25.76 18.89 7.67
C MET C 1009 25.31 20.02 8.60
N LEU C 1010 24.05 20.05 9.00
CA LEU C 1010 23.53 21.09 9.91
C LEU C 1010 24.25 20.99 11.26
N GLY C 1011 24.56 19.76 11.68
CA GLY C 1011 25.20 19.49 12.97
C GLY C 1011 26.50 20.28 13.07
N SER C 1012 27.34 20.06 12.06
CA SER C 1012 28.63 20.74 11.84
C SER C 1012 28.45 22.23 12.09
N GLY C 1013 29.39 22.81 12.84
CA GLY C 1013 29.30 24.19 13.34
C GLY C 1013 29.73 25.15 12.28
N MET C 1014 29.13 25.07 11.10
CA MET C 1014 29.31 26.07 10.02
C MET C 1014 28.40 27.27 10.22
N PRO C 1015 28.91 28.51 10.04
CA PRO C 1015 28.06 29.70 10.10
C PRO C 1015 26.92 29.78 9.08
N GLU C 1016 27.06 29.08 7.96
CA GLU C 1016 26.12 29.11 6.82
C GLU C 1016 25.07 28.00 6.89
N LEU C 1017 25.32 26.94 7.66
CA LEU C 1017 24.41 25.79 7.85
C LEU C 1017 24.10 25.55 9.32
N GLN C 1018 23.12 26.30 9.82
CA GLN C 1018 22.67 26.26 11.23
C GLN C 1018 21.20 25.85 11.39
N SER C 1019 20.42 26.03 10.31
CA SER C 1019 18.98 25.68 10.21
C SER C 1019 18.59 25.28 8.78
N PHE C 1020 17.45 24.60 8.69
CA PHE C 1020 16.82 24.21 7.41
C PHE C 1020 16.48 25.43 6.57
N ASP C 1021 16.36 26.58 7.23
CA ASP C 1021 15.90 27.84 6.55
C ASP C 1021 16.99 28.35 5.61
N ASP C 1022 18.23 28.05 5.97
CA ASP C 1022 19.44 28.39 5.18
C ASP C 1022 19.45 27.57 3.89
N ILE C 1023 19.11 26.29 4.01
CA ILE C 1023 19.13 25.32 2.89
C ILE C 1023 18.01 25.63 1.89
N ALA C 1024 16.92 26.27 2.34
CA ALA C 1024 15.77 26.62 1.48
C ALA C 1024 16.12 27.42 0.21
N TYR C 1025 17.25 28.13 0.17
CA TYR C 1025 17.70 28.85 -1.05
C TYR C 1025 17.83 27.92 -2.25
N ILE C 1026 18.23 26.67 -2.02
CA ILE C 1026 18.41 25.64 -3.09
C ILE C 1026 17.08 25.37 -3.77
N ARG C 1027 15.99 25.40 -3.02
CA ARG C 1027 14.65 25.13 -3.56
C ARG C 1027 14.28 26.24 -4.57
N LYS C 1028 14.60 27.45 -4.20
CA LYS C 1028 14.23 28.65 -5.00
C LYS C 1028 15.00 28.63 -6.33
N THR C 1029 16.27 28.25 -6.30
CA THR C 1029 17.11 28.20 -7.53
C THR C 1029 16.58 27.08 -8.42
N LEU C 1030 16.30 25.94 -7.81
CA LEU C 1030 15.80 24.75 -8.52
C LEU C 1030 14.33 24.90 -8.90
N ALA C 1031 13.61 25.82 -8.26
CA ALA C 1031 12.19 26.11 -8.58
C ALA C 1031 11.34 24.86 -8.45
N LEU C 1032 11.53 24.16 -7.34
CA LEU C 1032 10.89 22.84 -7.11
C LEU C 1032 9.37 22.97 -7.03
N ASP C 1033 8.89 24.03 -6.38
CA ASP C 1033 7.43 24.31 -6.33
C ASP C 1033 6.81 24.42 -7.73
N LYS C 1034 7.48 25.13 -8.65
CA LYS C 1034 6.98 25.27 -10.05
C LYS C 1034 7.13 23.98 -10.86
N THR C 1035 6.16 23.76 -11.79
CA THR C 1035 6.22 22.61 -12.73
C THR C 1035 7.58 22.59 -13.44
N GLU C 1036 8.00 21.47 -14.01
CA GLU C 1036 9.30 21.38 -14.70
C GLU C 1036 9.36 22.43 -15.81
N GLN C 1037 8.29 22.45 -16.59
CA GLN C 1037 8.12 23.27 -17.81
C GLN C 1037 8.38 24.75 -17.50
N GLU C 1038 8.01 25.14 -16.28
CA GLU C 1038 8.08 26.54 -15.78
C GLU C 1038 9.47 26.85 -15.22
N ALA C 1039 10.05 25.89 -14.51
CA ALA C 1039 11.42 25.90 -13.96
C ALA C 1039 12.36 26.14 -15.11
N LEU C 1040 12.31 25.35 -16.17
CA LEU C 1040 13.13 25.61 -17.38
C LEU C 1040 13.08 27.10 -17.76
N GLU C 1041 11.86 27.62 -17.78
CA GLU C 1041 11.60 29.06 -18.06
C GLU C 1041 12.30 29.97 -17.04
N TYR C 1042 12.22 29.60 -15.77
CA TYR C 1042 12.79 30.38 -14.65
C TYR C 1042 14.30 30.52 -14.78
N PHE C 1043 14.98 29.40 -15.03
CA PHE C 1043 16.43 29.30 -15.26
C PHE C 1043 16.83 30.02 -16.55
N MET C 1044 15.99 29.89 -17.59
CA MET C 1044 16.20 30.59 -18.89
C MET C 1044 16.21 32.10 -18.66
N LYS C 1045 15.29 32.58 -17.83
CA LYS C 1045 15.19 33.99 -17.45
C LYS C 1045 16.54 34.37 -16.86
N GLN C 1046 17.05 33.62 -15.88
CA GLN C 1046 18.32 33.87 -15.19
C GLN C 1046 19.48 33.91 -16.18
N MET C 1047 19.43 33.12 -17.25
CA MET C 1047 20.51 33.09 -18.27
C MET C 1047 20.57 34.40 -19.06
N ASN C 1048 19.41 34.89 -19.48
CA ASN C 1048 19.28 36.24 -20.08
C ASN C 1048 19.92 37.33 -19.24
N ASP C 1049 19.66 37.33 -17.94
CA ASP C 1049 20.23 38.29 -16.97
C ASP C 1049 21.75 38.15 -16.87
N ALA C 1050 22.26 36.93 -16.85
CA ALA C 1050 23.69 36.65 -16.69
C ALA C 1050 24.50 37.24 -17.83
N ARG C 1051 23.92 37.36 -19.01
CA ARG C 1051 24.62 37.81 -20.24
C ARG C 1051 25.11 39.26 -20.07
N HIS C 1052 24.22 40.12 -19.57
CA HIS C 1052 24.57 41.46 -19.04
C HIS C 1052 24.99 42.37 -20.21
N ASP C 1060 39.20 50.67 -10.25
CA ASP C 1060 38.87 50.32 -11.66
C ASP C 1060 38.46 48.85 -11.73
N TRP C 1061 39.38 47.94 -12.07
CA TRP C 1061 39.18 46.47 -12.07
C TRP C 1061 39.93 45.83 -10.88
N ILE C 1062 41.05 46.43 -10.47
CA ILE C 1062 41.85 46.02 -9.27
C ILE C 1062 40.96 46.13 -8.03
N PHE C 1063 40.30 47.27 -7.84
CA PHE C 1063 39.52 47.64 -6.62
C PHE C 1063 38.03 47.35 -6.81
N HIS C 1064 37.57 47.23 -8.06
CA HIS C 1064 36.14 47.07 -8.45
C HIS C 1064 35.40 48.39 -8.26
N GLU D 11 -7.26 34.95 13.38
CA GLU D 11 -7.66 34.56 11.98
C GLU D 11 -7.24 35.67 11.02
N TRP D 12 -8.21 36.38 10.48
CA TRP D 12 -7.98 37.49 9.54
C TRP D 12 -7.20 37.01 8.32
N TYR D 13 -6.09 37.66 7.96
CA TYR D 13 -5.44 37.48 6.63
C TYR D 13 -3.96 37.11 6.78
N TRP D 14 -3.19 38.01 7.39
CA TRP D 14 -1.73 37.88 7.53
C TRP D 14 -1.10 37.32 6.25
N GLY D 15 -1.45 37.92 5.12
CA GLY D 15 -1.07 37.42 3.78
C GLY D 15 0.43 37.42 3.54
N ASP D 16 0.89 36.47 2.74
CA ASP D 16 2.27 36.44 2.18
C ASP D 16 3.32 36.54 3.28
N ILE D 17 3.48 35.46 4.04
CA ILE D 17 4.62 35.26 4.97
C ILE D 17 5.17 33.85 4.85
N SER D 18 6.47 33.70 5.10
CA SER D 18 7.16 32.38 5.07
C SER D 18 6.91 31.61 6.35
N ARG D 19 7.25 30.32 6.34
CA ARG D 19 7.03 29.35 7.44
C ARG D 19 7.84 29.69 8.69
N GLU D 20 9.00 30.32 8.47
CA GLU D 20 9.84 30.87 9.58
C GLU D 20 9.16 32.11 10.16
N GLU D 21 8.55 32.90 9.29
CA GLU D 21 7.81 34.11 9.66
C GLU D 21 6.54 33.80 10.46
N VAL D 22 6.01 32.59 10.30
CA VAL D 22 4.86 32.10 11.12
C VAL D 22 5.37 31.66 12.48
N ASN D 23 6.35 30.77 12.47
CA ASN D 23 6.96 30.21 13.71
C ASN D 23 7.53 31.29 14.62
N GLU D 24 8.23 32.24 14.01
CA GLU D 24 8.91 33.38 14.68
C GLU D 24 7.90 34.20 15.47
N LYS D 25 6.63 34.15 15.07
CA LYS D 25 5.56 34.99 15.69
C LYS D 25 4.57 34.09 16.43
N LEU D 26 5.00 32.89 16.83
CA LEU D 26 4.21 31.96 17.66
C LEU D 26 5.14 31.18 18.57
N ARG D 27 6.34 31.67 18.85
CA ARG D 27 7.45 30.85 19.40
C ARG D 27 7.15 30.39 20.82
N ASP D 28 6.82 31.32 21.70
CA ASP D 28 6.61 31.05 23.14
C ASP D 28 5.14 30.75 23.37
N THR D 29 4.28 31.14 22.42
CA THR D 29 2.80 31.21 22.59
C THR D 29 2.23 29.91 23.16
N ALA D 30 1.09 30.04 23.84
CA ALA D 30 0.36 28.93 24.48
C ALA D 30 -0.50 28.20 23.46
N ASP D 31 -0.99 27.02 23.85
CA ASP D 31 -1.69 26.09 22.96
C ASP D 31 -3.00 26.71 22.47
N GLY D 32 -3.29 26.54 21.18
CA GLY D 32 -4.58 26.95 20.59
C GLY D 32 -4.57 28.30 19.90
N THR D 33 -3.43 28.97 19.79
CA THR D 33 -3.24 30.18 19.00
C THR D 33 -3.42 29.81 17.52
N PHE D 34 -3.96 30.77 16.77
CA PHE D 34 -4.23 30.59 15.32
C PHE D 34 -4.04 31.86 14.47
N LEU D 35 -3.77 31.62 13.19
CA LEU D 35 -3.56 32.64 12.15
C LEU D 35 -3.57 31.94 10.78
N VAL D 36 -3.88 32.71 9.75
CA VAL D 36 -4.23 32.23 8.40
C VAL D 36 -3.12 32.64 7.43
N ARG D 37 -2.95 31.82 6.40
CA ARG D 37 -1.82 31.87 5.45
C ARG D 37 -2.33 31.53 4.04
N ASP D 38 -1.47 31.76 3.06
CA ASP D 38 -1.60 31.23 1.66
C ASP D 38 -0.49 30.23 1.35
N ALA D 39 -0.83 29.16 0.63
CA ALA D 39 0.10 28.05 0.35
C ALA D 39 0.93 28.37 -0.90
N LYS D 42 -1.42 29.91 -3.87
CA LYS D 42 -2.19 31.04 -4.47
C LYS D 42 -3.27 30.46 -5.40
N MET D 43 -2.88 29.63 -6.37
CA MET D 43 -3.78 29.02 -7.38
C MET D 43 -4.64 27.93 -6.74
N HIS D 44 -4.19 27.37 -5.61
CA HIS D 44 -4.92 26.34 -4.82
C HIS D 44 -6.33 26.84 -4.48
N GLY D 45 -6.46 28.13 -4.13
CA GLY D 45 -7.71 28.75 -3.69
C GLY D 45 -8.14 28.25 -2.33
N ASP D 46 -7.19 27.72 -1.54
CA ASP D 46 -7.40 27.13 -0.19
C ASP D 46 -6.53 27.85 0.82
N TYR D 47 -7.08 28.18 1.99
CA TYR D 47 -6.30 28.84 3.05
C TYR D 47 -5.77 27.82 4.05
N THR D 48 -4.65 28.14 4.71
CA THR D 48 -3.97 27.22 5.65
C THR D 48 -3.95 27.77 7.06
N LEU D 49 -4.47 27.00 8.03
CA LEU D 49 -4.61 27.40 9.44
C LEU D 49 -3.46 26.79 10.22
N THR D 50 -2.68 27.64 10.93
CA THR D 50 -1.68 27.09 11.88
C THR D 50 -2.19 27.10 13.31
N LEU D 51 -2.20 25.93 13.96
CA LEU D 51 -2.64 25.76 15.36
C LEU D 51 -1.42 25.45 16.21
N ARG D 52 -1.56 25.66 17.53
CA ARG D 52 -0.54 25.35 18.56
C ARG D 52 -1.02 24.25 19.51
N LYS D 53 -0.39 23.09 19.44
CA LYS D 53 -0.80 21.88 20.20
C LYS D 53 0.43 21.03 20.54
N GLY D 54 0.57 20.70 21.83
CA GLY D 54 1.71 19.96 22.38
C GLY D 54 3.02 20.71 22.24
N GLY D 55 2.94 22.01 21.97
CA GLY D 55 4.08 22.94 21.90
C GLY D 55 4.67 23.03 20.50
N ASN D 56 3.91 22.58 19.50
CA ASN D 56 4.33 22.53 18.08
C ASN D 56 3.25 23.12 17.18
N ASN D 57 3.73 23.72 16.08
CA ASN D 57 2.90 24.41 15.08
C ASN D 57 2.45 23.42 14.00
N LYS D 58 1.18 23.03 14.07
CA LYS D 58 0.50 22.12 13.14
C LYS D 58 0.03 22.95 11.94
N LEU D 59 -0.14 22.29 10.80
CA LEU D 59 -0.74 22.94 9.60
C LEU D 59 -2.01 22.20 9.20
N ILE D 60 -3.16 22.74 9.53
CA ILE D 60 -4.49 22.22 9.12
C ILE D 60 -4.99 22.98 7.91
N LYS D 61 -5.18 22.35 6.74
CA LYS D 61 -5.66 23.09 5.56
C LYS D 61 -7.18 23.23 5.58
N ILE D 62 -7.67 24.33 5.02
CA ILE D 62 -9.10 24.51 4.66
C ILE D 62 -9.19 24.44 3.14
N PHE D 63 -10.09 23.59 2.63
CA PHE D 63 -10.33 23.42 1.18
C PHE D 63 -11.61 24.15 0.78
N HIS D 64 -11.60 24.71 -0.43
CA HIS D 64 -12.78 25.36 -1.07
C HIS D 64 -13.15 24.60 -2.35
N ARG D 65 -14.31 23.95 -2.31
CA ARG D 65 -14.90 23.16 -3.42
C ARG D 65 -16.40 23.39 -3.46
N ASP D 66 -16.89 24.07 -4.50
CA ASP D 66 -18.33 24.24 -4.78
C ASP D 66 -18.99 25.16 -3.75
N GLY D 67 -18.41 26.33 -3.50
CA GLY D 67 -18.89 27.28 -2.49
C GLY D 67 -19.11 26.63 -1.14
N LYS D 68 -18.18 25.77 -0.74
CA LYS D 68 -18.24 25.11 0.60
C LYS D 68 -16.83 24.93 1.14
N TYR D 69 -16.73 24.74 2.47
CA TYR D 69 -15.48 24.77 3.24
C TYR D 69 -15.49 23.70 4.35
N GLY D 70 -14.28 23.40 4.84
CA GLY D 70 -14.02 22.47 5.96
C GLY D 70 -12.61 21.90 5.96
N PHE D 71 -12.38 20.94 6.86
CA PHE D 71 -11.11 20.19 6.96
C PHE D 71 -11.13 18.98 6.05
N SER D 72 -12.04 18.04 6.34
CA SER D 72 -12.15 16.71 5.72
C SER D 72 -12.87 16.74 4.37
N ASP D 73 -12.93 15.58 3.72
CA ASP D 73 -13.30 15.40 2.29
C ASP D 73 -14.68 15.98 1.97
N PRO D 74 -15.76 15.61 2.70
CA PRO D 74 -17.03 16.29 2.56
C PRO D 74 -16.99 17.67 3.24
N LEU D 75 -17.61 18.65 2.59
CA LEU D 75 -17.53 20.06 3.02
C LEU D 75 -18.89 20.57 3.48
N THR D 76 -19.04 20.79 4.80
CA THR D 76 -20.35 21.01 5.47
C THR D 76 -20.64 22.49 5.68
N PHE D 77 -19.62 23.28 5.99
CA PHE D 77 -19.77 24.72 6.31
C PHE D 77 -19.68 25.54 5.02
N SER D 78 -20.27 26.75 5.09
CA SER D 78 -20.59 27.64 3.96
C SER D 78 -19.87 28.99 4.06
N SER D 79 -18.85 29.09 4.92
CA SER D 79 -17.78 30.12 4.90
C SER D 79 -16.63 29.69 5.79
N VAL D 80 -15.54 30.45 5.73
CA VAL D 80 -14.34 30.21 6.56
C VAL D 80 -14.57 30.75 7.97
N VAL D 81 -15.19 31.93 8.02
CA VAL D 81 -15.58 32.62 9.28
C VAL D 81 -16.36 31.65 10.15
N GLU D 82 -17.46 31.10 9.64
CA GLU D 82 -18.29 30.07 10.31
C GLU D 82 -17.45 28.87 10.76
N LEU D 83 -16.52 28.44 9.90
CA LEU D 83 -15.75 27.18 10.08
C LEU D 83 -14.87 27.23 11.34
N ILE D 84 -14.09 28.29 11.48
CA ILE D 84 -13.14 28.43 12.62
C ILE D 84 -13.95 28.43 13.91
N ASN D 85 -14.70 29.50 14.12
CA ASN D 85 -15.37 29.86 15.40
C ASN D 85 -16.38 28.80 15.86
N HIS D 86 -16.71 27.85 14.97
CA HIS D 86 -17.54 26.66 15.31
C HIS D 86 -16.74 25.70 16.18
N TYR D 87 -15.55 25.33 15.71
CA TYR D 87 -14.63 24.45 16.48
C TYR D 87 -14.11 25.15 17.74
N ARG D 88 -13.82 26.45 17.61
CA ARG D 88 -13.39 27.35 18.71
C ARG D 88 -14.26 27.16 19.95
N ASN D 89 -15.58 27.11 19.75
CA ASN D 89 -16.59 27.01 20.82
C ASN D 89 -16.52 25.65 21.56
N GLU D 90 -16.19 24.58 20.84
CA GLU D 90 -16.13 23.19 21.38
C GLU D 90 -14.76 22.58 21.08
N LEU D 99 -10.75 20.96 15.74
CA LEU D 99 -9.93 20.51 16.89
C LEU D 99 -9.16 21.70 17.48
N ASP D 100 -9.82 22.50 18.32
CA ASP D 100 -9.24 23.74 18.93
C ASP D 100 -8.90 23.46 20.39
N VAL D 101 -8.18 24.39 21.03
CA VAL D 101 -7.60 24.22 22.41
C VAL D 101 -8.03 25.41 23.27
N LYS D 102 -7.90 25.28 24.60
CA LYS D 102 -8.21 26.31 25.63
C LYS D 102 -7.24 27.51 25.54
N LEU D 103 -7.77 28.71 25.82
CA LEU D 103 -7.06 30.02 25.78
C LEU D 103 -6.59 30.36 24.36
N LEU D 104 -7.34 29.94 23.33
CA LEU D 104 -7.05 30.28 21.91
C LEU D 104 -7.03 31.80 21.74
N TYR D 105 -6.42 32.28 20.66
CA TYR D 105 -5.96 33.68 20.49
C TYR D 105 -5.34 33.83 19.11
N PRO D 106 -5.44 35.00 18.43
CA PRO D 106 -4.74 35.23 17.17
C PRO D 106 -3.31 35.75 17.33
N VAL D 124 7.53 59.80 11.47
CA VAL D 124 7.00 58.41 11.48
C VAL D 124 8.04 57.51 10.82
N GLY D 125 8.72 58.02 9.79
CA GLY D 125 9.61 57.23 8.92
C GLY D 125 11.03 57.73 8.85
N LYS D 126 11.30 58.89 9.42
CA LYS D 126 12.69 59.34 9.72
C LYS D 126 13.12 58.93 11.14
N LYS D 127 12.12 58.69 12.00
CA LYS D 127 12.34 58.18 13.38
C LYS D 127 12.59 56.68 13.41
N LEU D 128 12.41 55.99 12.29
CA LEU D 128 12.78 54.56 12.16
C LEU D 128 14.19 54.40 11.57
N HIS D 129 14.69 55.46 10.93
CA HIS D 129 16.08 55.53 10.42
C HIS D 129 17.07 55.74 11.55
N GLU D 130 16.58 56.15 12.72
CA GLU D 130 17.40 56.39 13.92
C GLU D 130 17.44 55.10 14.73
N TYR D 131 16.36 54.33 14.65
CA TYR D 131 16.23 53.03 15.36
C TYR D 131 17.05 51.92 14.70
N ASN D 132 17.18 51.98 13.36
CA ASN D 132 17.84 50.91 12.58
C ASN D 132 19.34 50.97 12.79
N THR D 133 19.89 52.19 12.85
CA THR D 133 21.32 52.40 13.12
C THR D 133 21.63 51.90 14.54
N GLN D 134 20.76 52.20 15.51
CA GLN D 134 20.91 51.59 16.86
C GLN D 134 21.38 50.13 16.74
N PHE D 135 20.53 49.32 16.10
CA PHE D 135 20.65 47.88 15.87
C PHE D 135 21.88 47.63 15.02
N GLN D 136 22.34 48.67 14.31
CA GLN D 136 23.64 48.67 13.60
C GLN D 136 24.84 48.91 14.52
N GLU D 137 24.61 49.53 15.68
CA GLU D 137 25.66 49.74 16.72
C GLU D 137 25.70 48.60 17.74
N LYS D 138 24.53 48.19 18.23
CA LYS D 138 24.38 47.13 19.23
C LYS D 138 24.91 45.78 18.72
N SER D 139 24.75 45.53 17.43
CA SER D 139 25.13 44.31 16.73
C SER D 139 26.59 44.38 16.28
N ARG D 140 27.19 45.57 16.31
CA ARG D 140 28.66 45.74 16.33
C ARG D 140 29.21 45.43 17.72
N GLU D 141 28.63 46.06 18.73
CA GLU D 141 29.09 45.98 20.14
C GLU D 141 29.01 44.55 20.66
N TYR D 142 27.95 43.85 20.27
CA TYR D 142 27.71 42.44 20.70
C TYR D 142 28.79 41.50 20.14
N ASP D 143 29.06 41.61 18.85
CA ASP D 143 30.05 40.78 18.13
C ASP D 143 31.48 41.12 18.57
N ARG D 144 31.76 42.41 18.83
CA ARG D 144 33.06 42.85 19.38
C ARG D 144 33.25 42.28 20.79
N LEU D 145 32.20 42.30 21.58
CA LEU D 145 32.24 41.69 22.94
C LEU D 145 32.39 40.18 22.85
N TYR D 146 31.66 39.52 21.96
CA TYR D 146 31.77 38.08 21.68
C TYR D 146 33.15 37.69 21.15
N GLU D 147 33.81 38.56 20.40
CA GLU D 147 35.25 38.49 20.08
C GLU D 147 36.11 38.51 21.35
N GLU D 148 35.91 39.52 22.19
CA GLU D 148 36.62 39.67 23.47
C GLU D 148 36.34 38.46 24.36
N TYR D 149 35.14 37.91 24.23
CA TYR D 149 34.65 36.78 25.07
C TYR D 149 35.31 35.46 24.69
N THR D 150 35.33 35.15 23.39
CA THR D 150 36.01 33.98 22.80
C THR D 150 37.50 33.93 23.12
N ARG D 151 38.18 35.08 23.09
CA ARG D 151 39.65 35.15 23.36
C ARG D 151 39.93 34.84 24.84
N THR D 152 39.19 35.52 25.70
CA THR D 152 39.39 35.44 27.18
C THR D 152 39.05 34.04 27.67
N SER D 153 38.04 33.43 27.10
CA SER D 153 37.61 32.05 27.49
C SER D 153 38.66 31.04 27.06
N GLN D 154 39.14 31.17 25.83
CA GLN D 154 40.26 30.39 25.27
C GLN D 154 41.46 30.49 26.18
N GLU D 155 41.94 31.74 26.37
CA GLU D 155 43.14 32.10 27.15
C GLU D 155 43.07 31.59 28.60
N ILE D 156 41.87 31.50 29.14
CA ILE D 156 41.61 30.96 30.49
C ILE D 156 41.89 29.46 30.49
N GLN D 157 41.36 28.75 29.49
CA GLN D 157 41.54 27.28 29.38
C GLN D 157 43.03 26.97 29.19
N MET D 158 43.73 27.82 28.41
CA MET D 158 45.23 27.73 28.35
C MET D 158 45.93 27.82 29.72
N LYS D 159 45.57 28.84 30.51
CA LYS D 159 46.16 29.10 31.82
C LYS D 159 45.88 27.92 32.75
N ARG D 160 44.69 27.33 32.64
CA ARG D 160 44.30 26.22 33.56
C ARG D 160 45.07 24.95 33.23
N THR D 161 45.35 24.73 31.93
CA THR D 161 46.20 23.59 31.49
C THR D 161 47.61 23.77 32.09
N ALA D 162 48.10 24.99 32.02
CA ALA D 162 49.46 25.35 32.48
C ALA D 162 49.59 25.20 33.99
N ILE D 163 48.52 25.47 34.74
CA ILE D 163 48.47 25.20 36.20
C ILE D 163 48.65 23.71 36.48
N GLU D 164 47.91 22.86 35.78
CA GLU D 164 47.98 21.39 35.98
C GLU D 164 49.39 20.91 35.66
N ALA D 165 50.01 21.56 34.65
CA ALA D 165 51.41 21.27 34.25
C ALA D 165 52.36 21.68 35.38
N PHE D 166 52.19 22.89 35.92
CA PHE D 166 52.98 23.36 37.08
C PHE D 166 52.84 22.38 38.24
N ASN D 167 51.62 21.89 38.47
CA ASN D 167 51.35 20.92 39.55
C ASN D 167 52.28 19.72 39.37
N GLU D 168 52.18 19.10 38.21
CA GLU D 168 52.92 17.86 37.88
C GLU D 168 54.41 18.13 37.84
N THR D 169 54.80 19.35 37.42
CA THR D 169 56.22 19.77 37.37
C THR D 169 56.81 19.85 38.77
N ILE D 170 56.12 20.52 39.67
CA ILE D 170 56.60 20.70 41.08
C ILE D 170 56.61 19.34 41.78
N LYS D 171 55.58 18.53 41.48
CA LYS D 171 55.44 17.17 42.05
C LYS D 171 56.73 16.39 41.74
N ILE D 172 57.27 16.56 40.54
CA ILE D 172 58.51 15.88 40.10
C ILE D 172 59.73 16.33 40.92
N PHE D 173 59.87 17.62 41.11
CA PHE D 173 61.03 18.22 41.83
C PHE D 173 60.95 17.92 43.33
N GLU D 174 59.74 17.90 43.88
CA GLU D 174 59.50 17.42 45.27
C GLU D 174 59.87 15.94 45.42
N GLU D 175 59.49 15.14 44.40
CA GLU D 175 59.93 13.73 44.29
C GLU D 175 61.45 13.62 44.24
N GLN D 176 62.14 14.67 43.83
CA GLN D 176 63.63 14.71 43.87
C GLN D 176 64.16 14.95 45.28
N CYS D 177 63.60 15.96 45.95
CA CYS D 177 63.93 16.36 47.32
C CYS D 177 63.88 15.17 48.27
N GLN D 178 62.96 14.27 48.02
CA GLN D 178 62.80 13.00 48.76
C GLN D 178 63.95 12.04 48.43
N THR D 179 64.30 12.00 47.14
CA THR D 179 65.39 11.18 46.58
C THR D 179 66.77 11.65 47.06
N GLN D 180 66.92 12.97 47.16
CA GLN D 180 68.07 13.70 47.72
C GLN D 180 68.19 13.50 49.21
N GLU D 181 67.08 13.52 49.96
CA GLU D 181 67.10 13.20 51.41
C GLU D 181 67.57 11.77 51.69
N ARG D 182 67.20 10.86 50.80
CA ARG D 182 67.32 9.39 50.98
C ARG D 182 68.80 9.04 50.86
N TYR D 183 69.31 9.17 49.63
CA TYR D 183 70.65 8.68 49.19
C TYR D 183 71.75 9.43 49.92
N SER D 184 71.49 10.69 50.24
CA SER D 184 72.51 11.59 50.88
C SER D 184 72.77 11.26 52.35
N LYS D 185 71.74 10.85 53.10
CA LYS D 185 71.82 10.72 54.57
C LYS D 185 72.94 9.76 55.01
N GLU D 186 73.01 8.60 54.38
CA GLU D 186 73.94 7.52 54.72
C GLU D 186 75.36 7.87 54.34
N TYR D 187 75.55 8.72 53.35
CA TYR D 187 76.88 9.10 52.80
C TYR D 187 77.39 10.37 53.47
N ILE D 188 76.47 11.24 53.91
CA ILE D 188 76.79 12.44 54.72
C ILE D 188 77.47 12.02 56.02
N GLU D 189 76.98 10.94 56.61
CA GLU D 189 77.43 10.37 57.89
C GLU D 189 78.71 9.55 57.74
N LYS D 190 79.05 9.12 56.53
CA LYS D 190 80.32 8.45 56.22
C LYS D 190 81.39 9.48 55.89
N PHE D 191 81.00 10.69 55.46
CA PHE D 191 81.93 11.80 55.15
C PHE D 191 82.24 12.64 56.39
N LYS D 192 81.39 12.47 57.42
CA LYS D 192 81.60 13.09 58.77
C LYS D 192 82.59 12.28 59.63
N ARG D 193 82.26 10.98 59.76
CA ARG D 193 83.08 9.95 60.42
C ARG D 193 84.52 10.03 59.96
N GLU D 194 84.75 10.19 58.66
CA GLU D 194 86.10 10.23 58.05
C GLU D 194 86.67 11.65 58.02
N GLY D 195 85.97 12.59 58.67
CA GLY D 195 86.34 14.00 58.79
C GLY D 195 86.52 14.70 57.46
N ASN D 196 85.78 14.27 56.45
CA ASN D 196 85.90 14.78 55.07
C ASN D 196 84.73 15.71 54.73
N GLU D 197 84.91 16.99 55.09
CA GLU D 197 83.88 18.04 54.98
C GLU D 197 84.12 18.89 53.74
N LYS D 198 85.12 18.56 52.93
CA LYS D 198 85.34 19.20 51.61
C LYS D 198 84.25 18.75 50.62
N GLU D 199 83.82 17.50 50.79
CA GLU D 199 82.82 16.84 49.91
C GLU D 199 81.40 17.30 50.20
N ILE D 200 80.92 17.04 51.41
CA ILE D 200 79.59 17.48 51.91
C ILE D 200 79.36 18.95 51.61
N GLN D 201 80.40 19.76 51.40
CA GLN D 201 80.23 21.12 50.81
C GLN D 201 79.53 21.03 49.46
N ARG D 202 79.91 20.04 48.65
CA ARG D 202 79.36 19.84 47.28
C ARG D 202 77.88 19.45 47.38
N ILE D 203 77.59 18.58 48.35
CA ILE D 203 76.23 17.99 48.52
C ILE D 203 75.23 19.09 48.84
N MET D 204 75.53 19.92 49.84
CA MET D 204 74.66 21.01 50.30
C MET D 204 74.44 22.01 49.15
N HIS D 205 75.47 22.14 48.32
CA HIS D 205 75.56 23.12 47.22
C HIS D 205 74.58 22.77 46.10
N ASN D 206 74.41 21.49 45.84
CA ASN D 206 73.44 21.03 44.81
C ASN D 206 72.02 21.12 45.38
N TYR D 207 71.86 20.61 46.58
CA TYR D 207 70.58 20.53 47.33
C TYR D 207 69.93 21.91 47.46
N ASP D 208 70.78 22.91 47.73
CA ASP D 208 70.36 24.34 47.78
C ASP D 208 69.72 24.76 46.45
N LYS D 209 70.44 24.52 45.36
CA LYS D 209 69.89 24.85 44.00
C LYS D 209 68.59 24.09 43.71
N LEU D 210 68.56 22.81 44.01
CA LEU D 210 67.33 21.99 43.92
C LEU D 210 66.19 22.70 44.64
N LYS D 211 66.35 22.94 45.93
CA LYS D 211 65.29 23.53 46.78
C LYS D 211 64.98 24.96 46.31
N SER D 212 66.01 25.68 45.84
CA SER D 212 65.88 27.06 45.33
C SER D 212 65.04 27.10 44.06
N ARG D 213 65.30 26.14 43.16
CA ARG D 213 64.61 26.03 41.86
C ARG D 213 63.12 25.79 42.05
N ILE D 214 62.76 25.01 43.06
CA ILE D 214 61.34 24.68 43.37
C ILE D 214 60.59 25.99 43.68
N SER D 215 61.15 26.77 44.60
CA SER D 215 60.51 28.07 44.98
C SER D 215 60.25 28.94 43.75
N GLU D 216 61.22 29.02 42.84
CA GLU D 216 61.09 29.81 41.60
C GLU D 216 59.92 29.33 40.74
N ILE D 217 59.78 28.01 40.61
CA ILE D 217 58.62 27.42 39.87
C ILE D 217 57.32 27.70 40.63
N ILE D 218 57.33 27.49 41.94
CA ILE D 218 56.15 27.77 42.82
C ILE D 218 55.72 29.23 42.74
N ASP D 219 56.67 30.16 42.60
CA ASP D 219 56.39 31.59 42.37
C ASP D 219 55.75 31.82 41.00
N SER D 220 56.22 31.06 40.01
CA SER D 220 55.72 31.08 38.61
C SER D 220 54.29 30.54 38.54
N ARG D 221 54.00 29.50 39.32
CA ARG D 221 52.63 28.93 39.36
C ARG D 221 51.68 29.95 40.00
N ARG D 222 52.00 30.34 41.23
CA ARG D 222 51.26 31.33 42.03
C ARG D 222 51.27 32.71 41.40
N ARG D 223 52.06 32.94 40.36
CA ARG D 223 51.98 34.20 39.57
C ARG D 223 50.85 34.09 38.54
N LEU D 224 50.70 32.91 37.95
CA LEU D 224 49.72 32.64 36.89
C LEU D 224 48.34 32.39 37.50
N GLU D 225 48.28 31.68 38.62
CA GLU D 225 47.03 31.58 39.45
C GLU D 225 46.39 32.96 39.63
N GLU D 226 47.22 33.97 39.94
CA GLU D 226 46.72 35.34 40.18
C GLU D 226 46.27 35.95 38.85
N ASP D 227 47.04 35.77 37.80
CA ASP D 227 46.69 36.29 36.46
C ASP D 227 45.37 35.67 35.99
N LEU D 228 45.18 34.38 36.30
CA LEU D 228 43.95 33.63 35.95
C LEU D 228 42.73 34.21 36.66
N LYS D 229 42.86 34.47 37.98
CA LYS D 229 41.74 34.99 38.78
C LYS D 229 41.33 36.41 38.34
N LYS D 230 42.31 37.20 37.92
CA LYS D 230 42.04 38.51 37.27
C LYS D 230 41.25 38.28 36.00
N GLN D 231 41.69 37.29 35.18
CA GLN D 231 41.10 37.05 33.84
C GLN D 231 39.71 36.42 33.95
N ALA D 232 39.52 35.59 34.98
CA ALA D 232 38.24 34.94 35.31
C ALA D 232 37.17 35.98 35.67
N ALA D 233 37.58 36.97 36.44
CA ALA D 233 36.76 38.10 36.89
C ALA D 233 36.37 38.99 35.70
N GLU D 234 37.37 39.32 34.88
CA GLU D 234 37.21 40.00 33.59
C GLU D 234 36.16 39.27 32.77
N TYR D 235 36.26 37.94 32.73
CA TYR D 235 35.34 37.07 31.93
C TYR D 235 33.85 37.19 32.32
N ARG D 236 33.57 37.18 33.61
CA ARG D 236 32.25 37.26 34.20
C ARG D 236 31.64 38.62 33.85
N GLU D 237 32.46 39.65 33.78
CA GLU D 237 31.94 41.03 33.54
C GLU D 237 31.63 41.21 32.06
N ILE D 238 32.38 40.50 31.21
CA ILE D 238 32.13 40.45 29.75
C ILE D 238 30.77 39.80 29.47
N ASP D 239 30.50 38.71 30.17
CA ASP D 239 29.23 37.94 30.03
C ASP D 239 28.06 38.67 30.67
N LYS D 240 28.33 39.49 31.69
CA LYS D 240 27.32 40.36 32.33
C LYS D 240 26.89 41.46 31.35
N ARG D 241 27.86 42.01 30.63
CA ARG D 241 27.62 43.07 29.62
C ARG D 241 26.90 42.49 28.40
N MET D 242 27.25 41.26 28.03
CA MET D 242 26.66 40.57 26.85
C MET D 242 25.22 40.15 27.11
N ASN D 243 24.97 39.54 28.27
CA ASN D 243 23.59 39.22 28.73
C ASN D 243 22.72 40.47 28.88
N SER D 244 23.33 41.63 29.12
CA SER D 244 22.61 42.91 29.22
C SER D 244 22.71 43.71 27.94
N ILE D 245 22.89 43.08 26.79
CA ILE D 245 22.72 43.73 25.46
C ILE D 245 21.86 42.84 24.54
N LYS D 246 22.22 41.57 24.45
CA LYS D 246 21.56 40.58 23.56
C LYS D 246 20.03 40.65 23.65
N PRO D 247 19.43 40.75 24.86
CA PRO D 247 18.01 41.11 24.99
C PRO D 247 17.59 42.44 24.35
N ASP D 248 18.34 43.51 24.58
CA ASP D 248 18.04 44.83 23.97
C ASP D 248 18.13 44.70 22.46
N LEU D 249 19.08 43.89 22.00
CA LEU D 249 19.29 43.64 20.55
C LEU D 249 18.13 42.83 19.95
N ILE D 250 17.42 42.04 20.78
CA ILE D 250 16.13 41.43 20.35
C ILE D 250 15.01 42.47 20.13
N GLN D 251 14.70 43.26 21.16
CA GLN D 251 13.59 44.24 21.11
C GLN D 251 14.04 45.49 20.36
N LEU D 252 15.21 45.46 19.73
CA LEU D 252 15.60 46.42 18.67
C LEU D 252 15.72 45.75 17.30
N ARG D 253 15.29 44.48 17.21
CA ARG D 253 15.21 43.72 15.94
C ARG D 253 13.74 43.70 15.50
N LYS D 254 12.87 43.48 16.46
CA LYS D 254 11.39 43.54 16.29
C LYS D 254 10.98 44.97 15.94
N THR D 255 11.61 45.96 16.54
CA THR D 255 11.33 47.39 16.27
C THR D 255 11.77 47.76 14.84
N ARG D 256 12.89 47.20 14.39
CA ARG D 256 13.39 47.40 13.01
C ARG D 256 12.39 46.81 12.02
N ASP D 257 11.84 45.63 12.30
CA ASP D 257 10.88 44.98 11.39
C ASP D 257 9.72 45.98 11.29
N GLN D 258 9.27 46.31 10.08
CA GLN D 258 8.16 47.27 9.92
C GLN D 258 7.33 46.89 8.71
N TYR D 259 6.06 47.31 8.78
CA TYR D 259 5.02 47.03 7.77
C TYR D 259 5.10 45.58 7.27
N1 YOR E . -15.28 -22.86 -14.94
N3 YOR E . -16.92 -19.67 -17.59
C4 YOR E . -15.63 -18.09 -13.22
C5 YOR E . -14.83 -18.31 -14.32
C6 YOR E . -14.96 -19.48 -15.05
C7 YOR E . -15.90 -20.44 -14.68
C8 YOR E . -16.06 -21.73 -15.47
C10 YOR E . -14.75 -22.62 -17.17
C13 YOR E . -12.88 -22.76 -21.09
C15 YOR E . -11.54 -22.17 -20.62
C17 YOR E . -16.02 -20.71 -17.90
C20 YOR E . -18.77 -17.47 -17.15
C21 YOR E . -21.05 -17.65 -16.16
C22 YOR E . -22.34 -17.57 -15.62
C24 YOR E . -22.46 -19.96 -15.50
C26 YOR E . -20.46 -18.90 -16.39
C1 YOR E . -17.75 -21.19 -13.10
C2 YOR E . -16.71 -20.20 -13.56
C3 YOR E . -16.58 -19.03 -12.85
C9 YOR E . -14.56 -23.39 -15.93
O1 YOR E . -13.80 -24.34 -15.82
C11 YOR E . -14.20 -22.74 -18.46
C12 YOR E . -14.55 -21.84 -19.46
N2 YOR E . -14.04 -21.92 -20.76
C14 YOR E . -12.34 -22.53 -22.52
O2 YOR E . -11.03 -22.58 -21.91
C16 YOR E . -15.47 -20.82 -19.17
C18 YOR E . -18.23 -19.89 -17.32
O3 YOR E . -18.66 -21.03 -17.36
C19 YOR E . -19.11 -18.76 -16.98
S YOR E . -19.96 -16.38 -16.66
C23 YOR E . -23.04 -18.72 -15.28
C25 YOR E . -21.19 -20.06 -16.04
C27 YOR E . -15.65 -21.59 -16.91
C13 YNZ F . -29.00 -11.16 -27.54
C17 YNZ F . -30.81 -12.56 -28.51
C16 YNZ F . -29.13 -13.61 -27.02
C15 YNZ F . -28.46 -12.82 -29.31
C11 YNZ F . -28.74 -8.92 -27.59
C12 YNZ F . -28.36 -9.12 -26.31
C1 YNZ F . -30.44 -2.69 -34.99
C10 YNZ F . -27.59 -6.13 -26.55
C14 YNZ F . -29.34 -12.52 -28.08
C2 YNZ F . -29.82 -1.70 -33.99
C3 YNZ F . -29.94 -2.45 -32.63
C4 YNZ F . -30.14 -4.08 -34.38
C5 YNZ F . -28.98 -4.73 -35.09
C6 YNZ F . -29.62 -4.89 -32.04
C7 YNZ F . -29.14 -5.60 -29.78
C8 YNZ F . -28.80 -7.59 -28.26
C9 YNZ F . -28.31 -6.39 -27.84
N1 YNZ F . -29.88 -3.89 -32.93
N2 YNZ F . -27.70 -4.50 -34.70
N3 YNZ F . -29.40 -4.62 -30.73
N4 YNZ F . -28.52 -5.38 -28.67
N5 YNZ F . -29.08 -10.05 -28.21
O1 YNZ F . -29.19 -5.48 -36.01
O2 YNZ F . -29.60 -6.04 -32.44
S1 YNZ F . -29.55 -7.32 -29.85
S2 YNZ F . -28.44 -10.84 -25.96
N1 YOR G . 21.68 29.85 1.61
N3 YOR G . 25.44 29.20 -0.77
C4 YOR G . 22.36 25.49 -0.90
C5 YOR G . 22.22 26.66 -1.62
C6 YOR G . 22.40 27.88 -0.99
C7 YOR G . 22.70 27.94 0.36
C8 YOR G . 22.92 29.27 1.06
C10 YOR G . 22.66 31.43 0.22
C13 YOR G . 23.59 34.88 -2.32
C15 YOR G . 22.52 34.73 -3.41
C17 YOR G . 24.62 30.33 -0.67
C20 YOR G . 27.28 27.00 -1.18
C21 YOR G . 28.37 25.65 0.61
C22 YOR G . 29.05 24.78 1.48
C24 YOR G . 28.27 26.04 3.36
C26 YOR G . 27.63 26.72 1.13
C1 YOR G . 23.19 26.74 2.55
C2 YOR G . 22.85 26.75 1.08
C3 YOR G . 22.66 25.53 0.44
C9 YOR G . 21.55 31.10 1.15
O1 YOR G . 20.64 31.85 1.41
C11 YOR G . 22.95 32.57 -0.55
C12 YOR G . 24.08 32.58 -1.37
N2 YOR G . 24.45 33.70 -2.14
C14 YOR G . 24.21 35.96 -3.22
O2 YOR G . 22.90 36.06 -3.82
C16 YOR G . 24.90 31.45 -1.42
C18 YOR G . 26.16 28.68 0.25
O3 YOR G . 26.11 29.22 1.35
C19 YOR G . 27.00 27.49 0.04
S YOR G . 28.27 25.63 -1.13
C23 YOR G . 28.99 24.98 2.84
C25 YOR G . 27.59 26.90 2.53
C27 YOR G . 23.49 30.30 0.13
C13 YNZ H . 43.67 28.35 -3.81
C17 YNZ H . 44.77 28.77 -1.61
C16 YNZ H . 42.84 30.16 -2.31
C15 YNZ H . 44.99 30.44 -3.44
C11 YNZ H . 43.93 27.04 -5.62
C12 YNZ H . 42.71 26.59 -5.25
C1 YNZ H . 51.39 27.73 -11.83
C10 YNZ H . 43.49 24.48 -7.39
C14 YNZ H . 44.07 29.41 -2.80
C2 YNZ H . 50.47 26.82 -12.70
C3 YNZ H . 49.54 26.18 -11.64
C4 YNZ H . 50.48 28.16 -10.67
C5 YNZ H . 49.91 29.54 -10.92
C6 YNZ H . 48.40 27.19 -9.61
C7 YNZ H . 46.41 26.27 -8.61
C8 YNZ H . 44.74 26.59 -6.78
C9 YNZ H . 44.59 25.49 -7.56
N1 YNZ H . 49.38 27.17 -10.56
N2 YNZ H . 48.86 29.71 -11.74
N3 YNZ H . 47.43 26.25 -9.58
N4 YNZ H . 45.49 25.36 -8.51
N5 YNZ H . 44.41 27.98 -4.81
O1 YNZ H . 50.40 30.50 -10.35
O2 YNZ H . 48.43 28.09 -8.79
S1 YNZ H . 46.16 27.46 -7.35
S2 YNZ H . 42.21 27.46 -3.81
CL CL I . 59.33 23.78 13.11
#